data_5NGO
#
_entry.id   5NGO
#
_cell.length_a   129.952
_cell.length_b   129.952
_cell.length_c   468.376
_cell.angle_alpha   90.000
_cell.angle_beta   90.000
_cell.angle_gamma   120.000
#
_symmetry.space_group_name_H-M   'H 3 2'
#
loop_
_entity.id
_entity.type
_entity.pdbx_description
1 polymer 'Inactive poly [ADP-ribose] polymerase RCD1'
2 water water
#
_entity_poly.entity_id   1
_entity_poly.type   'polypeptide(L)'
_entity_poly.pdbx_seq_one_letter_code
;GPGSEVLDKDAVKKMFAVGTASLGHVPVLDVGRFSSEIAEARLALFQKQVEITKKHRGDANVRYAWLPAKREVLSAVMMQ
GLGVGGAFIRKSIYGVGIHLTAADCPYFSARYCDVDENGVRYMVLCRVIMGNMELLRGDKAQFFSGGEEYDNGVDDIESP
KNYIVWNINMNTHIFPEFVVRFKLSNLPNAEGNL
;
_entity_poly.pdbx_strand_id   A,B,E,G,D,F,H,C
#
# COMPACT_ATOMS: atom_id res chain seq x y z
N LEU A 7 -48.49 -3.04 -30.46
CA LEU A 7 -49.75 -3.43 -31.12
C LEU A 7 -49.99 -2.49 -32.27
N ASP A 8 -50.76 -2.94 -33.25
CA ASP A 8 -51.23 -2.04 -34.31
C ASP A 8 -52.56 -1.41 -33.89
N LYS A 9 -53.00 -0.44 -34.69
CA LYS A 9 -54.19 0.33 -34.38
C LYS A 9 -55.46 -0.52 -34.40
N ASP A 10 -55.55 -1.49 -35.32
CA ASP A 10 -56.69 -2.44 -35.36
C ASP A 10 -56.86 -3.26 -34.09
N ALA A 11 -55.76 -3.74 -33.52
CA ALA A 11 -55.82 -4.50 -32.28
C ALA A 11 -56.33 -3.65 -31.11
N VAL A 12 -55.93 -2.38 -31.08
CA VAL A 12 -56.34 -1.45 -30.03
C VAL A 12 -57.83 -1.22 -30.16
N LYS A 13 -58.28 -0.95 -31.39
CA LYS A 13 -59.70 -0.79 -31.71
C LYS A 13 -60.51 -1.98 -31.23
N LYS A 14 -60.03 -3.18 -31.55
CA LYS A 14 -60.68 -4.42 -31.13
C LYS A 14 -60.72 -4.59 -29.60
N MET A 15 -59.60 -4.33 -28.94
CA MET A 15 -59.55 -4.30 -27.46
C MET A 15 -60.63 -3.38 -26.87
N PHE A 16 -60.76 -2.19 -27.44
CA PHE A 16 -61.74 -1.21 -26.96
C PHE A 16 -63.18 -1.64 -27.24
N ALA A 17 -63.42 -2.22 -28.41
CA ALA A 17 -64.77 -2.66 -28.81
C ALA A 17 -65.27 -3.82 -27.95
N VAL A 18 -64.43 -4.87 -27.76
CA VAL A 18 -64.82 -6.01 -26.95
C VAL A 18 -64.97 -5.56 -25.49
N GLY A 19 -64.05 -4.71 -25.04
CA GLY A 19 -64.04 -4.22 -23.66
C GLY A 19 -65.11 -3.24 -23.27
N THR A 20 -65.83 -2.65 -24.23
CA THR A 20 -66.95 -1.73 -23.94
C THR A 20 -68.30 -2.30 -24.41
N ALA A 21 -68.34 -3.57 -24.79
CA ALA A 21 -69.58 -4.19 -25.35
C ALA A 21 -70.80 -4.08 -24.42
N SER A 22 -70.58 -4.23 -23.12
CA SER A 22 -71.65 -4.09 -22.11
C SER A 22 -72.38 -2.75 -22.11
N LEU A 23 -71.78 -1.71 -22.66
CA LEU A 23 -72.41 -0.38 -22.72
C LEU A 23 -73.31 -0.18 -23.96
N GLY A 24 -73.32 -1.15 -24.87
CA GLY A 24 -74.20 -1.09 -26.03
C GLY A 24 -73.47 -0.63 -27.27
N HIS A 25 -74.07 0.30 -28.02
CA HIS A 25 -73.45 0.85 -29.22
C HIS A 25 -72.40 1.88 -28.85
N VAL A 26 -71.13 1.54 -29.06
CA VAL A 26 -70.02 2.42 -28.74
C VAL A 26 -69.17 2.65 -29.98
N PRO A 27 -69.56 3.63 -30.83
CA PRO A 27 -68.81 3.81 -32.07
C PRO A 27 -67.41 4.38 -31.80
N VAL A 28 -66.41 3.76 -32.43
CA VAL A 28 -65.04 4.22 -32.39
C VAL A 28 -64.80 5.07 -33.62
N LEU A 29 -64.59 6.37 -33.41
CA LEU A 29 -64.34 7.29 -34.49
C LEU A 29 -62.88 7.21 -35.02
N ASP A 30 -61.92 6.96 -34.14
CA ASP A 30 -60.52 7.02 -34.50
C ASP A 30 -59.62 6.34 -33.48
N VAL A 31 -58.52 5.78 -33.95
CA VAL A 31 -57.45 5.27 -33.09
C VAL A 31 -56.18 5.91 -33.62
N GLY A 32 -55.50 6.65 -32.74
CA GLY A 32 -54.28 7.34 -33.09
C GLY A 32 -53.14 6.87 -32.24
N ARG A 33 -51.92 7.17 -32.70
CA ARG A 33 -50.68 6.86 -31.97
C ARG A 33 -49.79 8.08 -31.95
N PHE A 34 -49.28 8.45 -30.77
CA PHE A 34 -48.40 9.60 -30.64
C PHE A 34 -47.07 9.37 -31.34
N SER A 35 -46.70 10.24 -32.27
CA SER A 35 -45.55 10.01 -33.10
C SER A 35 -44.83 11.35 -33.20
N SER A 36 -43.76 11.51 -32.44
CA SER A 36 -42.96 12.71 -32.39
C SER A 36 -41.61 12.44 -31.75
N GLU A 37 -40.72 13.41 -31.81
CA GLU A 37 -39.39 13.25 -31.22
C GLU A 37 -39.46 13.13 -29.70
N ILE A 38 -40.40 13.86 -29.08
CA ILE A 38 -40.59 13.81 -27.64
C ILE A 38 -41.19 12.48 -27.22
N ALA A 39 -42.20 11.99 -27.95
CA ALA A 39 -42.77 10.67 -27.68
C ALA A 39 -41.72 9.56 -27.79
N GLU A 40 -40.85 9.63 -28.77
CA GLU A 40 -39.72 8.69 -28.91
C GLU A 40 -38.76 8.78 -27.72
N ALA A 41 -38.40 9.99 -27.30
CA ALA A 41 -37.53 10.16 -26.14
C ALA A 41 -38.21 9.65 -24.86
N ARG A 42 -39.51 9.89 -24.75
CA ARG A 42 -40.29 9.40 -23.61
C ARG A 42 -40.44 7.88 -23.60
N LEU A 43 -40.50 7.26 -24.77
CA LEU A 43 -40.54 5.80 -24.90
C LEU A 43 -39.19 5.21 -24.51
N ALA A 44 -38.10 5.84 -24.95
CA ALA A 44 -36.76 5.41 -24.54
C ALA A 44 -36.59 5.47 -23.03
N LEU A 45 -37.09 6.53 -22.39
CA LEU A 45 -37.06 6.65 -20.92
C LEU A 45 -37.80 5.51 -20.24
N PHE A 46 -39.04 5.29 -20.68
CA PHE A 46 -39.88 4.18 -20.21
C PHE A 46 -39.18 2.84 -20.37
N GLN A 47 -38.59 2.58 -21.54
CA GLN A 47 -37.89 1.30 -21.79
C GLN A 47 -36.65 1.11 -20.93
N LYS A 48 -36.02 2.19 -20.49
CA LYS A 48 -34.94 2.08 -19.49
C LYS A 48 -35.47 1.73 -18.13
N GLN A 49 -36.61 2.29 -17.74
CA GLN A 49 -37.25 1.90 -16.49
C GLN A 49 -37.69 0.42 -16.51
N VAL A 50 -38.09 -0.07 -17.69
CA VAL A 50 -38.44 -1.49 -17.87
C VAL A 50 -37.23 -2.36 -17.55
N GLU A 51 -36.07 -2.03 -18.14
CA GLU A 51 -34.82 -2.71 -17.84
C GLU A 51 -34.47 -2.70 -16.35
N ILE A 52 -34.60 -1.54 -15.71
CA ILE A 52 -34.31 -1.40 -14.28
C ILE A 52 -35.24 -2.26 -13.43
N THR A 53 -36.54 -2.19 -13.68
CA THR A 53 -37.53 -2.94 -12.89
C THR A 53 -37.36 -4.44 -13.12
N LYS A 54 -37.03 -4.84 -14.35
CA LYS A 54 -36.74 -6.25 -14.66
C LYS A 54 -35.54 -6.79 -13.88
N LYS A 55 -34.45 -6.03 -13.90
CA LYS A 55 -33.24 -6.37 -13.13
C LYS A 55 -33.49 -6.41 -11.62
N HIS A 56 -34.33 -5.51 -11.13
CA HIS A 56 -34.64 -5.43 -9.70
C HIS A 56 -35.56 -6.58 -9.21
N ARG A 57 -36.60 -6.89 -9.97
CA ARG A 57 -37.64 -7.84 -9.57
C ARG A 57 -37.59 -9.20 -10.27
N GLY A 58 -36.88 -9.30 -11.39
CA GLY A 58 -36.95 -10.47 -12.26
C GLY A 58 -37.89 -10.29 -13.45
N ASP A 59 -38.96 -9.51 -13.26
CA ASP A 59 -40.00 -9.30 -14.26
C ASP A 59 -40.50 -7.85 -14.15
N ALA A 60 -40.47 -7.11 -15.27
CA ALA A 60 -41.03 -5.74 -15.28
C ALA A 60 -42.56 -5.75 -15.18
N ASN A 61 -43.19 -6.79 -15.72
CA ASN A 61 -44.63 -6.97 -15.66
C ASN A 61 -45.31 -5.74 -16.26
N VAL A 62 -45.03 -5.55 -17.55
CA VAL A 62 -45.59 -4.47 -18.34
C VAL A 62 -46.99 -4.88 -18.78
N ARG A 63 -47.96 -4.01 -18.55
CA ARG A 63 -49.36 -4.25 -18.93
C ARG A 63 -49.93 -3.08 -19.69
N TYR A 64 -50.93 -3.37 -20.50
CA TYR A 64 -51.71 -2.30 -21.13
C TYR A 64 -52.80 -1.90 -20.18
N ALA A 65 -53.11 -0.61 -20.12
CA ALA A 65 -54.19 -0.10 -19.28
C ALA A 65 -54.77 1.17 -19.88
N TRP A 66 -56.02 1.46 -19.55
CA TRP A 66 -56.75 2.57 -20.13
C TRP A 66 -56.77 3.74 -19.15
N LEU A 67 -56.48 4.93 -19.67
CA LEU A 67 -56.48 6.16 -18.90
C LEU A 67 -57.54 7.10 -19.48
N PRO A 68 -58.57 7.44 -18.71
CA PRO A 68 -59.54 8.46 -19.18
C PRO A 68 -58.88 9.79 -19.39
N ALA A 69 -59.18 10.44 -20.52
CA ALA A 69 -58.57 11.72 -20.84
C ALA A 69 -59.62 12.71 -21.31
N LYS A 70 -59.20 13.83 -21.86
CA LYS A 70 -60.07 14.80 -22.49
C LYS A 70 -59.26 15.48 -23.58
N ARG A 71 -59.95 16.07 -24.55
CA ARG A 71 -59.28 16.76 -25.67
C ARG A 71 -58.20 17.76 -25.18
N GLU A 72 -58.53 18.54 -24.16
CA GLU A 72 -57.67 19.64 -23.69
C GLU A 72 -56.27 19.22 -23.17
N VAL A 73 -56.14 18.02 -22.58
CA VAL A 73 -54.85 17.57 -22.02
C VAL A 73 -53.94 16.81 -23.00
N LEU A 74 -54.46 16.38 -24.15
CA LEU A 74 -53.71 15.57 -25.13
C LEU A 74 -52.43 16.26 -25.61
N SER A 75 -52.56 17.52 -26.01
CA SER A 75 -51.43 18.35 -26.45
C SER A 75 -50.28 18.35 -25.42
N ALA A 76 -50.60 18.55 -24.15
CA ALA A 76 -49.60 18.65 -23.09
C ALA A 76 -48.89 17.31 -22.76
N VAL A 77 -49.61 16.20 -22.83
CA VAL A 77 -49.20 14.95 -22.14
C VAL A 77 -47.78 14.42 -22.35
N MET A 78 -47.20 14.59 -23.54
CA MET A 78 -45.87 14.06 -23.84
C MET A 78 -44.72 14.87 -23.27
N MET A 79 -44.77 16.19 -23.40
CA MET A 79 -43.61 17.04 -23.04
C MET A 79 -43.48 17.30 -21.54
N GLN A 80 -44.59 17.61 -20.88
CA GLN A 80 -44.59 17.98 -19.46
C GLN A 80 -44.96 16.83 -18.50
N GLY A 81 -45.38 15.69 -19.05
CA GLY A 81 -45.76 14.52 -18.27
C GLY A 81 -47.23 14.30 -17.95
N LEU A 82 -47.48 13.30 -17.11
CA LEU A 82 -48.83 12.97 -16.65
C LEU A 82 -49.28 13.88 -15.50
N GLY A 83 -48.36 14.66 -14.91
CA GLY A 83 -48.71 15.57 -13.85
C GLY A 83 -49.21 16.90 -14.35
N VAL A 84 -50.13 16.90 -15.31
CA VAL A 84 -50.72 18.15 -15.78
C VAL A 84 -51.55 18.72 -14.62
N ALA A 87 -54.21 16.91 -12.70
CA ALA A 87 -55.19 16.77 -13.79
C ALA A 87 -55.37 15.32 -14.28
N PHE A 88 -54.41 14.41 -13.97
CA PHE A 88 -54.68 12.96 -14.03
C PHE A 88 -54.63 12.30 -12.64
N ILE A 89 -54.30 13.05 -11.61
CA ILE A 89 -54.17 12.52 -10.25
C ILE A 89 -55.57 12.47 -9.67
N ARG A 90 -55.94 11.34 -9.09
CA ARG A 90 -57.22 11.21 -8.41
C ARG A 90 -57.10 10.59 -7.03
N LYS A 91 -58.03 10.96 -6.15
CA LYS A 91 -58.21 10.34 -4.86
C LYS A 91 -59.36 9.34 -4.93
N SER A 92 -59.10 8.06 -4.66
CA SER A 92 -60.16 7.02 -4.63
C SER A 92 -60.20 6.35 -3.25
N ILE A 93 -60.90 5.23 -3.16
CA ILE A 93 -60.93 4.39 -1.96
C ILE A 93 -59.60 3.67 -1.75
N TYR A 94 -58.87 3.43 -2.85
CA TYR A 94 -57.58 2.74 -2.82
C TYR A 94 -56.36 3.62 -2.55
N GLY A 95 -56.54 4.93 -2.55
CA GLY A 95 -55.43 5.88 -2.33
C GLY A 95 -55.30 6.91 -3.45
N VAL A 96 -54.17 7.63 -3.43
CA VAL A 96 -53.93 8.73 -4.36
C VAL A 96 -52.78 8.37 -5.30
N GLY A 97 -53.05 8.50 -6.59
CA GLY A 97 -52.06 8.25 -7.65
C GLY A 97 -52.69 8.50 -9.00
N ILE A 98 -52.20 7.84 -10.04
CA ILE A 98 -52.93 7.79 -11.32
C ILE A 98 -53.71 6.47 -11.33
N HIS A 99 -55.01 6.56 -11.57
CA HIS A 99 -55.90 5.39 -11.63
C HIS A 99 -56.10 5.01 -13.09
N LEU A 100 -55.79 3.76 -13.43
CA LEU A 100 -56.00 3.25 -14.76
C LEU A 100 -56.85 2.01 -14.71
N THR A 101 -57.53 1.73 -15.82
CA THR A 101 -58.41 0.61 -15.93
C THR A 101 -57.68 -0.51 -16.67
N ALA A 102 -57.89 -1.77 -16.22
CA ALA A 102 -57.21 -2.89 -16.84
C ALA A 102 -57.64 -3.05 -18.31
N ALA A 103 -56.77 -3.69 -19.11
CA ALA A 103 -56.95 -3.82 -20.55
C ALA A 103 -58.32 -4.32 -21.04
N ASP A 104 -58.91 -5.26 -20.30
CA ASP A 104 -60.18 -5.85 -20.73
C ASP A 104 -61.42 -5.18 -20.10
N CYS A 105 -61.21 -4.07 -19.37
CA CYS A 105 -62.26 -3.40 -18.59
C CYS A 105 -62.55 -1.95 -18.94
N PRO A 106 -62.31 -1.50 -20.18
CA PRO A 106 -62.58 -0.07 -20.41
C PRO A 106 -64.05 0.37 -20.17
N TYR A 107 -65.03 -0.55 -20.19
CA TYR A 107 -66.42 -0.23 -19.80
C TYR A 107 -66.53 0.49 -18.46
N PHE A 108 -65.59 0.16 -17.56
CA PHE A 108 -65.56 0.66 -16.19
C PHE A 108 -65.36 2.18 -16.11
N SER A 109 -64.55 2.75 -17.00
CA SER A 109 -64.21 4.17 -16.94
C SER A 109 -64.57 4.99 -18.19
N ALA A 110 -65.23 4.36 -19.18
CA ALA A 110 -65.64 5.03 -20.41
C ALA A 110 -66.49 6.29 -20.16
N ARG A 111 -67.46 6.19 -19.24
CA ARG A 111 -68.31 7.32 -18.89
C ARG A 111 -67.59 8.46 -18.17
N TYR A 112 -66.42 8.19 -17.63
CA TYR A 112 -65.62 9.18 -16.93
C TYR A 112 -64.65 9.93 -17.92
N CYS A 113 -64.71 9.60 -19.20
CA CYS A 113 -64.10 10.41 -20.24
C CYS A 113 -65.00 11.58 -20.64
N ASP A 114 -64.55 12.79 -20.37
CA ASP A 114 -65.30 14.03 -20.69
C ASP A 114 -65.64 14.18 -22.16
N VAL A 115 -66.92 14.46 -22.42
CA VAL A 115 -67.39 14.88 -23.74
C VAL A 115 -66.85 16.27 -24.10
N ASP A 116 -66.37 16.42 -25.34
CA ASP A 116 -65.97 17.73 -25.88
C ASP A 116 -67.17 18.37 -26.60
N GLU A 117 -66.94 19.50 -27.26
CA GLU A 117 -68.02 20.25 -27.89
C GLU A 117 -68.84 19.46 -28.92
N ASN A 118 -68.25 18.42 -29.53
CA ASN A 118 -68.92 17.59 -30.55
C ASN A 118 -69.49 16.26 -30.07
N GLY A 119 -69.48 16.00 -28.76
CA GLY A 119 -69.95 14.71 -28.24
C GLY A 119 -68.89 13.60 -28.23
N VAL A 120 -67.64 13.94 -28.51
CA VAL A 120 -66.59 12.95 -28.65
C VAL A 120 -65.85 12.81 -27.32
N ARG A 121 -65.49 11.58 -27.00
CA ARG A 121 -64.76 11.22 -25.79
C ARG A 121 -63.41 10.62 -26.16
N TYR A 122 -62.49 10.63 -25.20
CA TYR A 122 -61.09 10.28 -25.44
C TYR A 122 -60.55 9.41 -24.33
N MET A 123 -60.03 8.26 -24.69
CA MET A 123 -59.42 7.32 -23.75
C MET A 123 -58.01 6.98 -24.28
N VAL A 124 -57.02 7.01 -23.38
CA VAL A 124 -55.64 6.74 -23.78
C VAL A 124 -55.26 5.31 -23.39
N LEU A 125 -54.69 4.55 -24.31
CA LEU A 125 -54.10 3.24 -23.99
C LEU A 125 -52.64 3.46 -23.62
N CYS A 126 -52.27 3.01 -22.42
CA CYS A 126 -50.91 3.15 -21.89
C CYS A 126 -50.23 1.80 -21.67
N ARG A 127 -48.91 1.83 -21.77
CA ARG A 127 -48.07 0.76 -21.23
C ARG A 127 -47.78 1.16 -19.80
N VAL A 128 -47.96 0.23 -18.86
CA VAL A 128 -47.71 0.47 -17.45
C VAL A 128 -46.77 -0.59 -16.94
N ILE A 129 -45.72 -0.15 -16.25
CA ILE A 129 -44.81 -1.05 -15.54
C ILE A 129 -45.40 -1.28 -14.17
N MET A 130 -46.04 -2.44 -14.01
CA MET A 130 -46.69 -2.77 -12.74
C MET A 130 -45.71 -3.41 -11.76
N GLY A 131 -44.67 -4.06 -12.27
CA GLY A 131 -43.67 -4.73 -11.44
C GLY A 131 -44.28 -5.76 -10.52
N ASN A 132 -43.79 -5.79 -9.28
CA ASN A 132 -44.39 -6.59 -8.20
C ASN A 132 -45.63 -5.90 -7.68
N MET A 133 -46.79 -6.43 -8.06
CA MET A 133 -48.06 -5.77 -7.77
C MET A 133 -48.47 -5.93 -6.32
N GLU A 134 -48.83 -4.82 -5.68
CA GLU A 134 -49.42 -4.84 -4.35
C GLU A 134 -50.94 -4.98 -4.48
N LEU A 135 -51.50 -5.99 -3.82
CA LEU A 135 -52.95 -6.11 -3.64
C LEU A 135 -53.37 -5.04 -2.64
N LEU A 136 -54.20 -4.09 -3.05
CA LEU A 136 -54.54 -2.96 -2.20
C LEU A 136 -55.66 -3.25 -1.21
N ARG A 137 -55.36 -2.89 0.03
CA ARG A 137 -56.19 -3.20 1.20
C ARG A 137 -57.26 -2.12 1.49
N GLY A 138 -57.38 -1.09 0.65
CA GLY A 138 -58.45 -0.10 0.82
C GLY A 138 -58.16 1.11 1.70
N ASP A 139 -56.86 1.38 1.89
CA ASP A 139 -56.36 2.54 2.65
C ASP A 139 -56.57 3.83 1.82
N LYS A 140 -57.51 4.66 2.26
CA LYS A 140 -57.80 5.98 1.64
C LYS A 140 -56.61 6.95 1.60
N ALA A 141 -55.73 6.83 2.60
CA ALA A 141 -54.56 7.71 2.75
C ALA A 141 -53.27 7.21 2.11
N GLN A 142 -53.29 6.11 1.35
CA GLN A 142 -52.05 5.58 0.76
C GLN A 142 -51.70 6.41 -0.47
N PHE A 143 -50.46 6.88 -0.53
CA PHE A 143 -49.91 7.59 -1.70
C PHE A 143 -48.59 7.01 -2.20
N PHE A 144 -48.14 5.91 -1.59
CA PHE A 144 -46.98 5.20 -2.04
C PHE A 144 -47.03 3.71 -1.71
N SER A 145 -46.10 2.97 -2.29
CA SER A 145 -45.96 1.53 -2.08
C SER A 145 -46.06 1.15 -0.60
N GLY A 146 -46.94 0.21 -0.30
CA GLY A 146 -47.02 -0.39 1.04
C GLY A 146 -45.75 -1.06 1.55
N GLY A 147 -44.82 -1.40 0.65
CA GLY A 147 -43.49 -1.84 1.03
C GLY A 147 -42.47 -1.81 -0.13
N GLU A 148 -41.21 -1.89 0.23
CA GLU A 148 -40.08 -1.93 -0.71
C GLU A 148 -40.14 -3.10 -1.70
N GLU A 149 -40.79 -4.19 -1.31
CA GLU A 149 -40.96 -5.35 -2.20
C GLU A 149 -41.99 -5.10 -3.35
N TYR A 150 -42.87 -4.11 -3.18
CA TYR A 150 -43.92 -3.80 -4.15
C TYR A 150 -43.65 -2.52 -4.97
N ASP A 151 -44.15 -2.50 -6.21
CA ASP A 151 -44.02 -1.35 -7.10
C ASP A 151 -45.34 -0.55 -7.15
N ASN A 152 -46.29 -0.97 -7.99
CA ASN A 152 -47.58 -0.26 -8.13
C ASN A 152 -48.72 -1.15 -7.63
N GLY A 153 -49.92 -0.58 -7.46
CA GLY A 153 -51.03 -1.25 -6.78
C GLY A 153 -52.13 -1.76 -7.68
N VAL A 154 -52.84 -2.81 -7.25
CA VAL A 154 -53.97 -3.38 -7.96
C VAL A 154 -55.11 -3.81 -7.03
N ASP A 155 -56.34 -3.77 -7.52
CA ASP A 155 -57.52 -4.11 -6.68
C ASP A 155 -57.81 -5.62 -6.54
N ASP A 156 -57.49 -6.39 -7.56
CA ASP A 156 -57.69 -7.84 -7.57
C ASP A 156 -56.55 -8.46 -8.38
N ILE A 157 -55.87 -9.44 -7.81
CA ILE A 157 -54.68 -10.05 -8.47
C ILE A 157 -55.04 -10.92 -9.67
N GLU A 158 -56.17 -11.61 -9.59
CA GLU A 158 -56.56 -12.63 -10.55
C GLU A 158 -57.29 -12.01 -11.75
N SER A 159 -58.32 -11.21 -11.47
CA SER A 159 -59.03 -10.42 -12.47
C SER A 159 -58.91 -8.91 -12.16
N PRO A 160 -57.77 -8.30 -12.50
CA PRO A 160 -57.62 -6.86 -12.24
C PRO A 160 -58.66 -6.02 -12.95
N LYS A 161 -59.19 -5.03 -12.24
CA LYS A 161 -60.01 -3.98 -12.83
C LYS A 161 -59.37 -2.60 -12.77
N ASN A 162 -58.61 -2.30 -11.72
CA ASN A 162 -58.02 -0.99 -11.52
C ASN A 162 -56.56 -1.14 -11.12
N TYR A 163 -55.72 -0.32 -11.74
CA TYR A 163 -54.34 -0.17 -11.32
C TYR A 163 -54.17 1.21 -10.73
N ILE A 164 -53.33 1.30 -9.69
CA ILE A 164 -52.96 2.59 -9.11
C ILE A 164 -51.46 2.69 -9.30
N VAL A 165 -51.02 3.72 -10.02
CA VAL A 165 -49.60 4.02 -10.14
C VAL A 165 -49.34 5.21 -9.23
N TRP A 166 -48.38 5.05 -8.30
CA TRP A 166 -48.10 6.10 -7.29
C TRP A 166 -47.49 7.33 -7.94
N ASN A 167 -47.71 8.50 -7.34
CA ASN A 167 -47.26 9.77 -7.93
C ASN A 167 -45.78 9.77 -8.30
N ILE A 168 -44.94 9.24 -7.44
CA ILE A 168 -43.50 9.12 -7.68
C ILE A 168 -43.17 8.36 -8.99
N ASN A 169 -44.04 7.43 -9.38
CA ASN A 169 -43.80 6.58 -10.53
C ASN A 169 -44.49 7.06 -11.82
N MET A 170 -45.24 8.16 -11.78
CA MET A 170 -46.12 8.49 -12.89
C MET A 170 -45.37 8.76 -14.19
N ASN A 171 -44.19 9.34 -14.10
CA ASN A 171 -43.41 9.68 -15.30
C ASN A 171 -42.44 8.59 -15.75
N THR A 172 -42.10 7.66 -14.86
CA THR A 172 -41.22 6.54 -15.19
C THR A 172 -41.98 5.29 -15.63
N HIS A 173 -43.16 5.06 -15.07
CA HIS A 173 -43.84 3.76 -15.15
C HIS A 173 -45.08 3.78 -16.07
N ILE A 174 -45.36 4.88 -16.75
CA ILE A 174 -46.51 4.97 -17.67
C ILE A 174 -46.08 5.58 -19.01
N PHE A 175 -46.31 4.87 -20.10
CA PHE A 175 -46.13 5.45 -21.42
C PHE A 175 -47.49 5.52 -22.15
N PRO A 176 -48.06 6.73 -22.32
CA PRO A 176 -49.25 6.91 -23.14
C PRO A 176 -48.96 6.68 -24.59
N GLU A 177 -49.64 5.74 -25.22
CA GLU A 177 -49.27 5.33 -26.56
C GLU A 177 -50.32 5.58 -27.60
N PHE A 178 -51.58 5.30 -27.30
CA PHE A 178 -52.67 5.36 -28.25
C PHE A 178 -53.84 6.20 -27.70
N VAL A 179 -54.50 6.95 -28.58
CA VAL A 179 -55.72 7.67 -28.25
C VAL A 179 -56.88 7.06 -29.02
N VAL A 180 -57.94 6.70 -28.30
CA VAL A 180 -59.16 6.17 -28.91
C VAL A 180 -60.23 7.24 -28.77
N ARG A 181 -60.76 7.70 -29.91
CA ARG A 181 -61.88 8.63 -29.94
C ARG A 181 -63.17 7.86 -30.11
N PHE A 182 -64.16 8.16 -29.26
CA PHE A 182 -65.41 7.42 -29.28
C PHE A 182 -66.63 8.23 -28.80
N LYS A 183 -67.81 7.63 -28.93
CA LYS A 183 -69.06 8.18 -28.37
C LYS A 183 -69.84 7.14 -27.57
N LEU A 184 -70.70 7.64 -26.68
CA LEU A 184 -71.72 6.84 -25.96
C LEU A 184 -73.10 7.47 -26.09
N SER A 185 -74.15 6.70 -25.77
CA SER A 185 -75.55 7.17 -25.78
C SER A 185 -76.02 7.88 -24.48
N ASN A 186 -77.33 8.03 -24.24
CA ASN A 186 -77.82 8.89 -23.14
C ASN A 186 -79.02 8.26 -22.42
N LEU B 7 -16.98 12.74 -12.56
CA LEU B 7 -15.88 13.22 -11.66
C LEU B 7 -15.19 12.01 -11.11
N ASP B 8 -13.95 12.15 -10.68
CA ASP B 8 -13.29 11.06 -9.94
C ASP B 8 -13.55 11.25 -8.43
N LYS B 9 -13.17 10.24 -7.67
CA LYS B 9 -13.44 10.22 -6.26
C LYS B 9 -12.72 11.32 -5.49
N ASP B 10 -11.47 11.63 -5.89
CA ASP B 10 -10.70 12.72 -5.28
C ASP B 10 -11.36 14.10 -5.42
N ALA B 11 -11.95 14.38 -6.59
CA ALA B 11 -12.63 15.65 -6.80
C ALA B 11 -13.86 15.80 -5.91
N VAL B 12 -14.57 14.68 -5.70
CA VAL B 12 -15.76 14.67 -4.86
C VAL B 12 -15.35 14.95 -3.44
N LYS B 13 -14.30 14.24 -2.99
CA LYS B 13 -13.70 14.45 -1.65
C LYS B 13 -13.33 15.90 -1.43
N LYS B 14 -12.66 16.50 -2.42
CA LYS B 14 -12.25 17.90 -2.36
C LYS B 14 -13.45 18.86 -2.31
N MET B 15 -14.46 18.62 -3.16
CA MET B 15 -15.73 19.37 -3.09
C MET B 15 -16.35 19.34 -1.69
N PHE B 16 -16.36 18.16 -1.06
CA PHE B 16 -16.94 18.00 0.27
C PHE B 16 -16.09 18.69 1.35
N ALA B 17 -14.77 18.59 1.22
CA ALA B 17 -13.84 19.19 2.21
C ALA B 17 -13.90 20.72 2.19
N VAL B 18 -13.84 21.33 1.00
CA VAL B 18 -13.90 22.79 0.89
C VAL B 18 -15.30 23.26 1.32
N GLY B 19 -16.33 22.52 0.92
CA GLY B 19 -17.71 22.87 1.23
C GLY B 19 -18.16 22.70 2.67
N THR B 20 -17.41 21.97 3.49
CA THR B 20 -17.73 21.79 4.92
C THR B 20 -16.68 22.44 5.85
N ALA B 21 -15.79 23.26 5.28
CA ALA B 21 -14.71 23.90 6.05
C ALA B 21 -15.18 24.72 7.24
N SER B 22 -16.30 25.42 7.12
CA SER B 22 -16.89 26.19 8.24
C SER B 22 -17.23 25.38 9.49
N LEU B 23 -17.39 24.07 9.36
CA LEU B 23 -17.69 23.19 10.51
C LEU B 23 -16.45 22.68 11.23
N GLY B 24 -15.25 22.99 10.74
CA GLY B 24 -14.02 22.60 11.36
C GLY B 24 -13.41 21.37 10.69
N HIS B 25 -12.89 20.46 11.52
CA HIS B 25 -12.31 19.20 11.05
C HIS B 25 -13.44 18.22 10.73
N VAL B 26 -13.61 17.93 9.45
CA VAL B 26 -14.65 17.01 8.99
C VAL B 26 -13.95 15.86 8.20
N PRO B 27 -13.53 14.80 8.92
CA PRO B 27 -12.82 13.74 8.23
C PRO B 27 -13.71 12.96 7.27
N VAL B 28 -13.21 12.76 6.05
CA VAL B 28 -13.86 11.95 5.05
C VAL B 28 -13.28 10.54 5.13
N LEU B 29 -14.09 9.59 5.55
CA LEU B 29 -13.69 8.20 5.64
C LEU B 29 -13.66 7.48 4.30
N ASP B 30 -14.59 7.81 3.40
CA ASP B 30 -14.73 7.06 2.14
C ASP B 30 -15.56 7.86 1.13
N VAL B 31 -15.25 7.63 -0.14
CA VAL B 31 -16.03 8.14 -1.25
C VAL B 31 -16.30 6.95 -2.16
N GLY B 32 -17.58 6.65 -2.35
CA GLY B 32 -18.00 5.43 -3.04
C GLY B 32 -18.88 5.77 -4.20
N ARG B 33 -18.90 4.88 -5.18
CA ARG B 33 -19.77 4.97 -6.35
C ARG B 33 -20.18 3.52 -6.62
N PHE B 34 -21.46 3.28 -6.90
CA PHE B 34 -21.84 1.95 -7.40
C PHE B 34 -21.49 1.93 -8.89
N SER B 35 -20.93 0.82 -9.32
CA SER B 35 -20.66 0.59 -10.73
C SER B 35 -21.31 -0.71 -11.21
N SER B 36 -22.42 -0.60 -11.93
CA SER B 36 -23.22 -1.78 -12.25
C SER B 36 -24.11 -1.55 -13.44
N GLU B 37 -24.72 -2.62 -13.93
CA GLU B 37 -25.62 -2.50 -15.08
C GLU B 37 -26.85 -1.69 -14.73
N ILE B 38 -27.34 -1.79 -13.51
CA ILE B 38 -28.51 -1.03 -13.06
C ILE B 38 -28.17 0.45 -12.93
N ALA B 39 -27.02 0.77 -12.33
CA ALA B 39 -26.56 2.15 -12.24
C ALA B 39 -26.41 2.80 -13.62
N GLU B 40 -25.87 2.04 -14.58
CA GLU B 40 -25.77 2.50 -15.96
C GLU B 40 -27.14 2.74 -16.60
N ALA B 41 -28.07 1.82 -16.40
CA ALA B 41 -29.44 1.98 -16.92
C ALA B 41 -30.13 3.16 -16.27
N ARG B 42 -29.90 3.36 -14.97
CA ARG B 42 -30.45 4.52 -14.26
C ARG B 42 -29.86 5.86 -14.73
N LEU B 43 -28.58 5.85 -15.10
CA LEU B 43 -27.93 7.02 -15.68
C LEU B 43 -28.49 7.34 -17.07
N ALA B 44 -28.69 6.30 -17.87
CA ALA B 44 -29.31 6.45 -19.17
C ALA B 44 -30.72 7.04 -19.06
N LEU B 45 -31.51 6.61 -18.07
CA LEU B 45 -32.85 7.17 -17.82
C LEU B 45 -32.77 8.65 -17.52
N PHE B 46 -31.89 9.01 -16.56
CA PHE B 46 -31.64 10.40 -16.20
C PHE B 46 -31.22 11.24 -17.44
N GLN B 47 -30.31 10.72 -18.25
CA GLN B 47 -29.85 11.41 -19.46
C GLN B 47 -30.92 11.61 -20.52
N LYS B 48 -31.91 10.72 -20.56
CA LYS B 48 -33.08 10.94 -21.42
C LYS B 48 -33.96 12.07 -20.90
N GLN B 49 -34.13 12.14 -19.57
CA GLN B 49 -34.86 13.26 -18.99
C GLN B 49 -34.14 14.60 -19.24
N VAL B 50 -32.80 14.57 -19.26
CA VAL B 50 -31.99 15.75 -19.58
C VAL B 50 -32.32 16.23 -21.00
N GLU B 51 -32.31 15.32 -21.97
CA GLU B 51 -32.71 15.64 -23.34
C GLU B 51 -34.11 16.25 -23.43
N ILE B 52 -35.06 15.64 -22.73
CA ILE B 52 -36.44 16.13 -22.74
C ILE B 52 -36.54 17.54 -22.14
N THR B 53 -35.93 17.77 -20.98
CA THR B 53 -36.02 19.05 -20.31
C THR B 53 -35.27 20.13 -21.13
N LYS B 54 -34.17 19.76 -21.77
CA LYS B 54 -33.44 20.66 -22.66
C LYS B 54 -34.29 21.11 -23.86
N LYS B 55 -34.92 20.16 -24.52
CA LYS B 55 -35.83 20.44 -25.63
C LYS B 55 -37.03 21.29 -25.21
N HIS B 56 -37.54 21.05 -24.01
CA HIS B 56 -38.70 21.77 -23.49
C HIS B 56 -38.38 23.24 -23.09
N ARG B 57 -37.25 23.44 -22.39
CA ARG B 57 -36.90 24.74 -21.83
C ARG B 57 -35.79 25.49 -22.56
N GLY B 58 -35.01 24.81 -23.39
CA GLY B 58 -33.78 25.36 -23.95
C GLY B 58 -32.53 24.94 -23.20
N ASP B 59 -32.65 24.74 -21.89
CA ASP B 59 -31.52 24.38 -21.01
C ASP B 59 -32.03 23.41 -19.93
N ALA B 60 -31.37 22.26 -19.79
CA ALA B 60 -31.71 21.30 -18.73
C ALA B 60 -31.31 21.83 -17.34
N ASN B 61 -30.22 22.61 -17.29
CA ASN B 61 -29.74 23.22 -16.07
C ASN B 61 -29.48 22.11 -15.03
N VAL B 62 -28.56 21.24 -15.39
CA VAL B 62 -28.13 20.14 -14.57
C VAL B 62 -27.09 20.66 -13.58
N ARG B 63 -27.29 20.36 -12.30
CA ARG B 63 -26.39 20.81 -11.23
C ARG B 63 -26.01 19.66 -10.33
N TYR B 64 -24.87 19.78 -9.64
CA TYR B 64 -24.54 18.86 -8.58
C TYR B 64 -25.21 19.37 -7.31
N ALA B 65 -25.65 18.44 -6.47
CA ALA B 65 -26.27 18.78 -5.21
C ALA B 65 -26.07 17.66 -4.20
N TRP B 66 -26.10 18.02 -2.92
CA TRP B 66 -25.86 17.07 -1.85
C TRP B 66 -27.16 16.67 -1.22
N LEU B 67 -27.36 15.36 -1.02
CA LEU B 67 -28.56 14.80 -0.44
C LEU B 67 -28.20 14.09 0.86
N PRO B 68 -28.71 14.58 2.01
CA PRO B 68 -28.48 13.86 3.26
C PRO B 68 -29.13 12.47 3.20
N ALA B 69 -28.39 11.48 3.67
CA ALA B 69 -28.82 10.11 3.69
C ALA B 69 -28.53 9.50 5.06
N LYS B 70 -28.75 8.21 5.15
CA LYS B 70 -28.46 7.41 6.34
C LYS B 70 -28.12 6.01 5.87
N ARG B 71 -27.39 5.27 6.70
CA ARG B 71 -26.92 3.91 6.31
C ARG B 71 -28.00 3.03 5.73
N GLU B 72 -29.16 3.01 6.35
CA GLU B 72 -30.28 2.10 5.95
C GLU B 72 -30.82 2.27 4.50
N VAL B 73 -30.79 3.48 3.95
CA VAL B 73 -31.32 3.74 2.59
C VAL B 73 -30.29 3.59 1.45
N LEU B 74 -29.01 3.55 1.77
CA LEU B 74 -27.93 3.48 0.75
C LEU B 74 -28.05 2.28 -0.16
N SER B 75 -28.25 1.10 0.42
CA SER B 75 -28.45 -0.14 -0.34
C SER B 75 -29.55 -0.01 -1.41
N ALA B 76 -30.69 0.55 -1.02
CA ALA B 76 -31.84 0.70 -1.92
C ALA B 76 -31.65 1.72 -3.05
N VAL B 77 -30.96 2.82 -2.77
CA VAL B 77 -30.70 3.88 -3.73
C VAL B 77 -29.55 3.43 -4.73
N MET B 78 -28.37 3.14 -4.18
CA MET B 78 -27.18 2.94 -5.01
C MET B 78 -27.11 1.51 -5.61
N MET B 79 -27.41 0.48 -4.82
CA MET B 79 -27.14 -0.89 -5.25
C MET B 79 -28.25 -1.47 -6.13
N GLN B 80 -29.49 -1.25 -5.74
CA GLN B 80 -30.65 -1.86 -6.42
C GLN B 80 -31.35 -0.88 -7.39
N GLY B 81 -30.95 0.40 -7.40
CA GLY B 81 -31.50 1.38 -8.32
C GLY B 81 -33.01 1.42 -8.27
N LEU B 82 -33.57 1.65 -7.08
CA LEU B 82 -34.97 2.02 -6.91
C LEU B 82 -35.24 3.50 -7.25
N GLY B 83 -34.18 4.30 -7.37
CA GLY B 83 -34.30 5.73 -7.53
C GLY B 83 -34.37 6.39 -6.18
N VAL B 84 -34.13 7.70 -6.17
CA VAL B 84 -34.27 8.47 -4.94
C VAL B 84 -35.73 8.38 -4.45
N GLY B 85 -36.66 8.43 -5.40
CA GLY B 85 -38.08 8.49 -5.11
C GLY B 85 -38.54 7.29 -4.34
N GLY B 86 -38.35 6.11 -4.93
CA GLY B 86 -38.70 4.85 -4.29
C GLY B 86 -38.01 4.62 -2.96
N ALA B 87 -36.79 5.14 -2.81
CA ALA B 87 -36.01 4.93 -1.63
C ALA B 87 -36.12 6.01 -0.54
N PHE B 88 -36.71 7.16 -0.83
CA PHE B 88 -36.87 8.25 0.16
C PHE B 88 -38.31 8.58 0.52
N ILE B 89 -39.27 7.96 -0.16
CA ILE B 89 -40.67 7.92 0.37
C ILE B 89 -40.75 6.95 1.55
N ARG B 90 -39.84 5.98 1.58
CA ARG B 90 -39.63 5.10 2.71
C ARG B 90 -38.13 4.98 2.90
N VAL B 96 -43.77 16.39 0.44
CA VAL B 96 -44.02 17.18 -0.78
C VAL B 96 -42.78 17.34 -1.70
N GLY B 97 -41.58 17.10 -1.17
CA GLY B 97 -40.38 17.40 -1.91
C GLY B 97 -39.13 16.90 -1.24
N ILE B 98 -38.10 16.60 -2.03
CA ILE B 98 -36.81 16.20 -1.48
C ILE B 98 -35.92 17.46 -1.47
N HIS B 99 -35.30 17.73 -0.32
CA HIS B 99 -34.42 18.85 -0.11
C HIS B 99 -32.95 18.47 -0.33
N LEU B 100 -32.28 19.18 -1.23
CA LEU B 100 -30.87 19.01 -1.48
C LEU B 100 -30.14 20.32 -1.29
N THR B 101 -28.87 20.22 -1.00
CA THR B 101 -28.01 21.38 -0.80
C THR B 101 -27.20 21.63 -2.07
N ALA B 102 -26.99 22.88 -2.42
CA ALA B 102 -26.11 23.21 -3.56
C ALA B 102 -24.69 22.70 -3.39
N ALA B 103 -24.02 22.53 -4.50
CA ALA B 103 -22.67 21.91 -4.58
C ALA B 103 -21.62 22.50 -3.64
N ASP B 104 -21.65 23.80 -3.44
CA ASP B 104 -20.63 24.46 -2.61
C ASP B 104 -21.09 24.69 -1.16
N CYS B 105 -22.25 24.15 -0.79
CA CYS B 105 -22.89 24.38 0.51
C CYS B 105 -23.15 23.17 1.39
N PRO B 106 -22.38 22.07 1.25
CA PRO B 106 -22.73 20.93 2.11
C PRO B 106 -22.70 21.19 3.64
N TYR B 107 -21.97 22.22 4.10
CA TYR B 107 -22.03 22.65 5.52
C TYR B 107 -23.46 22.85 6.04
N PHE B 108 -24.34 23.26 5.14
CA PHE B 108 -25.73 23.57 5.45
C PHE B 108 -26.54 22.39 5.94
N SER B 109 -26.28 21.19 5.40
CA SER B 109 -27.06 20.00 5.77
C SER B 109 -26.25 18.83 6.36
N ALA B 110 -24.94 19.02 6.55
CA ALA B 110 -24.08 17.95 7.07
C ALA B 110 -24.55 17.41 8.44
N ARG B 111 -24.96 18.29 9.33
CA ARG B 111 -25.48 17.91 10.65
C ARG B 111 -26.83 17.18 10.62
N TYR B 112 -27.53 17.29 9.50
CA TYR B 112 -28.81 16.62 9.31
C TYR B 112 -28.65 15.22 8.69
N CYS B 113 -27.42 14.79 8.46
CA CYS B 113 -27.10 13.40 8.13
C CYS B 113 -27.03 12.58 9.42
N ASP B 114 -27.96 11.63 9.57
CA ASP B 114 -28.03 10.77 10.75
C ASP B 114 -26.76 9.94 10.98
N VAL B 115 -26.30 9.98 12.22
CA VAL B 115 -25.23 9.10 12.69
C VAL B 115 -25.72 7.66 12.78
N ASP B 116 -24.89 6.73 12.30
CA ASP B 116 -25.15 5.29 12.46
C ASP B 116 -24.49 4.77 13.73
N GLU B 117 -24.49 3.46 13.94
CA GLU B 117 -23.97 2.88 15.18
C GLU B 117 -22.49 3.22 15.48
N ASN B 118 -21.71 3.55 14.46
CA ASN B 118 -20.27 3.87 14.61
C ASN B 118 -19.92 5.37 14.62
N GLY B 119 -20.93 6.25 14.61
CA GLY B 119 -20.67 7.70 14.52
C GLY B 119 -20.47 8.22 13.10
N VAL B 120 -20.75 7.38 12.09
CA VAL B 120 -20.48 7.73 10.70
C VAL B 120 -21.74 8.30 10.08
N ARG B 121 -21.55 9.31 9.24
CA ARG B 121 -22.63 9.99 8.55
C ARG B 121 -22.45 9.82 7.05
N TYR B 122 -23.55 10.02 6.31
CA TYR B 122 -23.61 9.71 4.88
C TYR B 122 -24.30 10.81 4.12
N MET B 123 -23.61 11.33 3.11
CA MET B 123 -24.14 12.35 2.21
C MET B 123 -23.96 11.86 0.77
N VAL B 124 -25.00 11.97 -0.04
CA VAL B 124 -24.97 11.51 -1.43
C VAL B 124 -24.79 12.70 -2.36
N LEU B 125 -23.81 12.62 -3.27
CA LEU B 125 -23.67 13.63 -4.33
C LEU B 125 -24.51 13.21 -5.52
N CYS B 126 -25.43 14.09 -5.93
CA CYS B 126 -26.37 13.84 -7.01
C CYS B 126 -26.18 14.80 -8.18
N ARG B 127 -26.54 14.32 -9.37
CA ARG B 127 -26.86 15.19 -10.50
C ARG B 127 -28.33 15.51 -10.38
N VAL B 128 -28.69 16.77 -10.49
CA VAL B 128 -30.08 17.20 -10.42
C VAL B 128 -30.42 18.04 -11.65
N ILE B 129 -31.52 17.71 -12.29
CA ILE B 129 -32.09 18.50 -13.38
C ILE B 129 -32.99 19.55 -12.75
N MET B 130 -32.47 20.76 -12.65
CA MET B 130 -33.22 21.85 -12.04
C MET B 130 -34.13 22.55 -13.02
N GLY B 131 -33.79 22.50 -14.31
CA GLY B 131 -34.58 23.15 -15.36
C GLY B 131 -34.79 24.63 -15.11
N ASN B 132 -35.99 25.11 -15.39
CA ASN B 132 -36.41 26.47 -15.04
C ASN B 132 -36.74 26.55 -13.59
N MET B 133 -35.84 27.15 -12.82
CA MET B 133 -35.94 27.17 -11.36
C MET B 133 -37.00 28.15 -10.86
N GLU B 134 -37.88 27.67 -9.98
CA GLU B 134 -38.83 28.51 -9.26
C GLU B 134 -38.20 29.08 -8.00
N LEU B 135 -38.19 30.39 -7.85
CA LEU B 135 -37.82 31.03 -6.59
C LEU B 135 -38.96 30.78 -5.60
N LEU B 136 -38.67 30.08 -4.51
CA LEU B 136 -39.69 29.75 -3.51
C LEU B 136 -39.88 30.86 -2.51
N PHE B 144 -45.80 20.68 -5.46
CA PHE B 144 -45.51 20.64 -6.91
C PHE B 144 -45.21 22.06 -7.43
N SER B 145 -44.71 22.09 -8.65
CA SER B 145 -44.39 23.32 -9.36
C SER B 145 -45.48 24.37 -9.24
N GLY B 146 -45.10 25.57 -8.82
CA GLY B 146 -46.00 26.72 -8.83
C GLY B 146 -46.60 27.11 -10.18
N GLY B 147 -45.99 26.65 -11.28
CA GLY B 147 -46.59 26.73 -12.61
C GLY B 147 -45.89 25.85 -13.64
N GLU B 148 -46.56 25.70 -14.78
CA GLU B 148 -46.06 24.94 -15.93
C GLU B 148 -44.74 25.45 -16.50
N GLU B 149 -44.46 26.74 -16.31
CA GLU B 149 -43.18 27.31 -16.75
C GLU B 149 -41.95 26.89 -15.90
N TYR B 150 -42.21 26.42 -14.66
CA TYR B 150 -41.15 26.02 -13.72
C TYR B 150 -41.03 24.50 -13.55
N ASP B 151 -39.82 24.03 -13.27
CA ASP B 151 -39.53 22.63 -13.02
C ASP B 151 -39.37 22.37 -11.50
N ASN B 152 -38.18 22.59 -10.94
CA ASN B 152 -37.92 22.37 -9.51
C ASN B 152 -37.65 23.70 -8.80
N GLY B 153 -37.62 23.70 -7.47
CA GLY B 153 -37.61 24.94 -6.67
C GLY B 153 -36.27 25.28 -6.05
N VAL B 154 -36.05 26.57 -5.76
CA VAL B 154 -34.81 27.05 -5.17
C VAL B 154 -35.05 28.21 -4.20
N ASP B 155 -34.18 28.37 -3.21
CA ASP B 155 -34.31 29.46 -2.22
C ASP B 155 -33.77 30.83 -2.68
N ASP B 156 -32.75 30.83 -3.55
CA ASP B 156 -32.17 32.03 -4.12
C ASP B 156 -31.76 31.73 -5.55
N ILE B 157 -32.16 32.55 -6.51
CA ILE B 157 -31.89 32.29 -7.93
C ILE B 157 -30.40 32.49 -8.31
N GLU B 158 -29.78 33.49 -7.69
CA GLU B 158 -28.44 33.93 -8.05
C GLU B 158 -27.35 33.13 -7.36
N SER B 159 -27.46 33.00 -6.04
CA SER B 159 -26.59 32.12 -5.21
C SER B 159 -27.42 31.05 -4.50
N PRO B 160 -27.81 29.99 -5.22
CA PRO B 160 -28.59 28.92 -4.58
C PRO B 160 -27.87 28.23 -3.42
N LYS B 161 -28.62 28.00 -2.35
CA LYS B 161 -28.16 27.20 -1.23
C LYS B 161 -28.96 25.90 -1.07
N ASN B 162 -30.26 25.91 -1.37
CA ASN B 162 -31.13 24.75 -1.16
C ASN B 162 -32.02 24.56 -2.39
N TYR B 163 -32.14 23.32 -2.84
CA TYR B 163 -33.03 22.95 -3.91
C TYR B 163 -34.15 22.09 -3.34
N ILE B 164 -35.34 22.22 -3.89
CA ILE B 164 -36.46 21.34 -3.63
C ILE B 164 -36.77 20.67 -4.94
N VAL B 165 -36.68 19.34 -4.99
CA VAL B 165 -37.16 18.57 -6.13
C VAL B 165 -38.51 17.98 -5.73
N TRP B 166 -39.55 18.27 -6.51
CA TRP B 166 -40.91 17.81 -6.18
C TRP B 166 -41.03 16.30 -6.28
N ASN B 167 -41.95 15.72 -5.50
CA ASN B 167 -42.08 14.27 -5.42
C ASN B 167 -42.21 13.58 -6.76
N ILE B 168 -43.03 14.16 -7.63
CA ILE B 168 -43.23 13.66 -8.99
C ILE B 168 -41.94 13.56 -9.80
N ASN B 169 -40.96 14.40 -9.50
CA ASN B 169 -39.70 14.45 -10.25
C ASN B 169 -38.56 13.65 -9.62
N MET B 170 -38.77 13.03 -8.47
CA MET B 170 -37.63 12.49 -7.70
C MET B 170 -36.91 11.36 -8.46
N ASN B 171 -37.62 10.56 -9.24
CA ASN B 171 -37.01 9.47 -9.98
C ASN B 171 -36.50 9.82 -11.37
N THR B 172 -37.00 10.91 -11.95
CA THR B 172 -36.57 11.39 -13.26
C THR B 172 -35.45 12.42 -13.19
N HIS B 173 -35.44 13.24 -12.16
CA HIS B 173 -34.63 14.47 -12.14
C HIS B 173 -33.44 14.42 -11.18
N ILE B 174 -33.20 13.27 -10.54
CA ILE B 174 -32.07 13.09 -9.60
C ILE B 174 -31.34 11.79 -9.93
N PHE B 175 -30.03 11.89 -10.16
CA PHE B 175 -29.18 10.71 -10.28
C PHE B 175 -28.18 10.69 -9.11
N PRO B 176 -28.37 9.77 -8.13
CA PRO B 176 -27.40 9.61 -7.05
C PRO B 176 -26.13 8.97 -7.61
N GLU B 177 -25.01 9.64 -7.43
CA GLU B 177 -23.80 9.17 -8.08
C GLU B 177 -22.72 8.73 -7.10
N PHE B 178 -22.49 9.51 -6.03
CA PHE B 178 -21.45 9.19 -5.06
C PHE B 178 -22.00 9.22 -3.64
N VAL B 179 -21.45 8.37 -2.78
CA VAL B 179 -21.69 8.42 -1.32
C VAL B 179 -20.41 8.84 -0.62
N VAL B 180 -20.51 9.86 0.22
CA VAL B 180 -19.40 10.34 1.03
C VAL B 180 -19.70 9.95 2.47
N ARG B 181 -18.80 9.15 3.05
CA ARG B 181 -18.86 8.78 4.46
C ARG B 181 -17.97 9.71 5.26
N PHE B 182 -18.51 10.27 6.34
CA PHE B 182 -17.79 11.26 7.14
C PHE B 182 -18.16 11.28 8.63
N LYS B 183 -17.41 12.07 9.40
CA LYS B 183 -17.76 12.36 10.81
C LYS B 183 -17.71 13.85 11.12
N LEU B 184 -18.40 14.23 12.21
CA LEU B 184 -18.32 15.59 12.79
C LEU B 184 -17.97 15.57 14.27
N SER B 185 -17.41 16.69 14.75
CA SER B 185 -16.80 16.74 16.13
C SER B 185 -17.78 17.22 17.19
N LEU C 7 24.93 -4.78 5.58
CA LEU C 7 24.22 -5.03 4.31
C LEU C 7 22.74 -5.01 4.61
N ASP C 8 21.93 -4.78 3.58
CA ASP C 8 20.49 -4.93 3.74
C ASP C 8 20.09 -6.38 3.40
N LYS C 9 18.83 -6.70 3.69
CA LYS C 9 18.34 -8.06 3.55
C LYS C 9 18.35 -8.55 2.09
N ASP C 10 18.03 -7.65 1.15
CA ASP C 10 18.08 -7.97 -0.29
C ASP C 10 19.47 -8.38 -0.78
N ALA C 11 20.51 -7.70 -0.31
CA ALA C 11 21.88 -8.06 -0.69
C ALA C 11 22.27 -9.43 -0.17
N VAL C 12 21.81 -9.78 1.03
CA VAL C 12 22.10 -11.08 1.65
C VAL C 12 21.42 -12.15 0.82
N LYS C 13 20.14 -11.92 0.50
CA LYS C 13 19.36 -12.80 -0.37
C LYS C 13 20.07 -13.05 -1.70
N LYS C 14 20.55 -11.98 -2.33
CA LYS C 14 21.27 -12.06 -3.58
C LYS C 14 22.59 -12.83 -3.45
N MET C 15 23.37 -12.54 -2.41
CA MET C 15 24.57 -13.34 -2.08
C MET C 15 24.28 -14.83 -2.01
N PHE C 16 23.20 -15.19 -1.31
CA PHE C 16 22.81 -16.59 -1.14
C PHE C 16 22.33 -17.22 -2.45
N ALA C 17 21.58 -16.46 -3.25
CA ALA C 17 21.05 -16.96 -4.53
C ALA C 17 22.16 -17.24 -5.56
N VAL C 18 23.07 -16.28 -5.73
CA VAL C 18 24.19 -16.44 -6.67
C VAL C 18 25.11 -17.57 -6.16
N GLY C 19 25.36 -17.59 -4.86
CA GLY C 19 26.22 -18.57 -4.23
C GLY C 19 25.73 -20.00 -4.15
N THR C 20 24.43 -20.23 -4.36
CA THR C 20 23.85 -21.59 -4.38
C THR C 20 23.32 -21.99 -5.76
N ALA C 21 23.63 -21.20 -6.79
CA ALA C 21 23.10 -21.45 -8.15
C ALA C 21 23.41 -22.85 -8.71
N SER C 22 24.60 -23.37 -8.42
CA SER C 22 25.01 -24.72 -8.83
C SER C 22 24.10 -25.86 -8.33
N LEU C 23 23.33 -25.63 -7.27
CA LEU C 23 22.41 -26.64 -6.72
C LEU C 23 21.03 -26.65 -7.39
N GLY C 24 20.78 -25.70 -8.28
CA GLY C 24 19.52 -25.65 -9.03
C GLY C 24 18.55 -24.67 -8.43
N HIS C 25 17.28 -25.09 -8.29
CA HIS C 25 16.23 -24.23 -7.73
C HIS C 25 16.36 -24.22 -6.21
N VAL C 26 16.76 -23.07 -5.66
CA VAL C 26 16.93 -22.90 -4.23
C VAL C 26 16.07 -21.74 -3.75
N PRO C 27 14.79 -22.00 -3.44
CA PRO C 27 13.94 -20.87 -3.03
C PRO C 27 14.33 -20.34 -1.65
N VAL C 28 14.46 -19.02 -1.55
CA VAL C 28 14.71 -18.33 -0.30
C VAL C 28 13.37 -17.89 0.26
N LEU C 29 12.97 -18.50 1.37
CA LEU C 29 11.72 -18.16 2.03
C LEU C 29 11.79 -16.86 2.82
N ASP C 30 12.93 -16.57 3.44
CA ASP C 30 13.05 -15.43 4.36
C ASP C 30 14.51 -15.07 4.63
N VAL C 31 14.74 -13.77 4.87
CA VAL C 31 16.01 -13.30 5.37
C VAL C 31 15.68 -12.45 6.58
N GLY C 32 16.25 -12.83 7.73
CA GLY C 32 16.02 -12.15 8.98
C GLY C 32 17.29 -11.61 9.55
N ARG C 33 17.18 -10.67 10.48
CA ARG C 33 18.32 -10.04 11.14
C ARG C 33 18.09 -10.00 12.63
N PHE C 34 19.07 -10.43 13.42
CA PHE C 34 18.94 -10.42 14.88
C PHE C 34 18.93 -9.01 15.41
N SER C 35 17.90 -8.66 16.16
CA SER C 35 17.67 -7.29 16.59
C SER C 35 17.18 -7.41 18.02
N SER C 36 18.07 -7.16 18.96
CA SER C 36 17.79 -7.22 20.39
C SER C 36 18.88 -6.49 21.16
N GLU C 37 18.66 -6.30 22.46
CA GLU C 37 19.67 -5.62 23.28
C GLU C 37 20.95 -6.43 23.40
N ILE C 38 20.81 -7.77 23.44
CA ILE C 38 21.96 -8.65 23.53
C ILE C 38 22.74 -8.66 22.22
N ALA C 39 22.04 -8.74 21.09
CA ALA C 39 22.69 -8.65 19.78
C ALA C 39 23.46 -7.34 19.61
N GLU C 40 22.89 -6.23 20.06
CA GLU C 40 23.59 -4.93 20.05
C GLU C 40 24.84 -4.94 20.93
N ALA C 41 24.73 -5.49 22.14
CA ALA C 41 25.88 -5.59 23.03
C ALA C 41 26.96 -6.50 22.44
N ARG C 42 26.52 -7.59 21.81
CA ARG C 42 27.44 -8.52 21.14
C ARG C 42 28.12 -7.91 19.91
N LEU C 43 27.42 -7.03 19.19
CA LEU C 43 27.99 -6.31 18.07
C LEU C 43 29.03 -5.30 18.55
N ALA C 44 28.72 -4.59 19.64
CA ALA C 44 29.67 -3.67 20.23
C ALA C 44 30.97 -4.40 20.66
N LEU C 45 30.83 -5.59 21.25
CA LEU C 45 31.98 -6.40 21.62
C LEU C 45 32.84 -6.77 20.41
N PHE C 46 32.19 -7.30 19.39
CA PHE C 46 32.81 -7.63 18.10
C PHE C 46 33.54 -6.43 17.50
N GLN C 47 32.90 -5.26 17.48
CA GLN C 47 33.51 -4.05 16.90
C GLN C 47 34.72 -3.55 17.70
N LYS C 48 34.78 -3.85 19.01
CA LYS C 48 35.99 -3.58 19.76
C LYS C 48 37.11 -4.53 19.40
N GLN C 49 36.79 -5.79 19.18
CA GLN C 49 37.79 -6.76 18.71
C GLN C 49 38.32 -6.38 17.33
N VAL C 50 37.47 -5.79 16.48
CA VAL C 50 37.87 -5.30 15.16
C VAL C 50 38.95 -4.22 15.32
N GLU C 51 38.69 -3.25 16.18
CA GLU C 51 39.68 -2.22 16.51
C GLU C 51 41.00 -2.79 17.03
N ILE C 52 40.93 -3.76 17.93
CA ILE C 52 42.12 -4.41 18.49
C ILE C 52 42.92 -5.13 17.41
N THR C 53 42.25 -5.94 16.60
CA THR C 53 42.93 -6.73 15.56
C THR C 53 43.51 -5.80 14.48
N LYS C 54 42.82 -4.71 14.17
CA LYS C 54 43.31 -3.71 13.23
C LYS C 54 44.62 -3.05 13.73
N LYS C 55 44.61 -2.61 14.99
CA LYS C 55 45.79 -2.03 15.63
C LYS C 55 46.96 -3.02 15.72
N HIS C 56 46.65 -4.29 15.95
CA HIS C 56 47.67 -5.33 16.08
C HIS C 56 48.32 -5.72 14.74
N ARG C 57 47.49 -5.89 13.70
CA ARG C 57 47.95 -6.41 12.40
C ARG C 57 48.04 -5.37 11.30
N GLY C 58 47.40 -4.21 11.45
CA GLY C 58 47.23 -3.26 10.36
C GLY C 58 45.87 -3.35 9.70
N ASP C 59 45.31 -4.56 9.64
CA ASP C 59 44.04 -4.83 8.94
C ASP C 59 43.28 -5.90 9.75
N ALA C 60 42.03 -5.61 10.11
CA ALA C 60 41.18 -6.60 10.79
C ALA C 60 40.77 -7.74 9.85
N ASN C 61 40.60 -7.41 8.57
CA ASN C 61 40.26 -8.39 7.53
C ASN C 61 38.96 -9.07 7.94
N VAL C 62 37.92 -8.26 8.02
CA VAL C 62 36.59 -8.70 8.34
C VAL C 62 35.95 -9.23 7.06
N ARG C 63 35.40 -10.44 7.15
CA ARG C 63 34.75 -11.09 6.01
C ARG C 63 33.38 -11.61 6.39
N TYR C 64 32.53 -11.74 5.38
CA TYR C 64 31.25 -12.43 5.58
C TYR C 64 31.49 -13.91 5.36
N ALA C 65 30.82 -14.74 6.14
CA ALA C 65 30.92 -16.19 5.99
C ALA C 65 29.62 -16.85 6.44
N TRP C 66 29.35 -18.04 5.91
CA TRP C 66 28.10 -18.74 6.17
C TRP C 66 28.34 -19.83 7.19
N LEU C 67 27.42 -19.89 8.17
CA LEU C 67 27.44 -20.89 9.22
C LEU C 67 26.18 -21.75 9.12
N PRO C 68 26.31 -23.05 8.84
CA PRO C 68 25.11 -23.92 8.85
C PRO C 68 24.50 -23.98 10.22
N ALA C 69 23.17 -23.87 10.29
CA ALA C 69 22.48 -23.88 11.56
C ALA C 69 21.29 -24.84 11.50
N LYS C 70 20.45 -24.77 12.52
CA LYS C 70 19.15 -25.41 12.51
C LYS C 70 18.22 -24.57 13.35
N ARG C 71 16.92 -24.76 13.16
CA ARG C 71 15.89 -24.02 13.89
C ARG C 71 16.13 -24.03 15.43
N GLU C 72 16.48 -25.20 15.98
CA GLU C 72 16.59 -25.37 17.42
C GLU C 72 17.67 -24.52 18.14
N VAL C 73 18.78 -24.19 17.46
CA VAL C 73 19.88 -23.42 18.07
C VAL C 73 19.77 -21.89 17.93
N LEU C 74 18.87 -21.40 17.05
CA LEU C 74 18.73 -19.97 16.76
C LEU C 74 18.44 -19.13 18.01
N SER C 75 17.46 -19.57 18.79
CA SER C 75 17.09 -18.92 20.05
C SER C 75 18.29 -18.69 20.99
N ALA C 76 19.12 -19.72 21.16
CA ALA C 76 20.27 -19.66 22.07
C ALA C 76 21.41 -18.74 21.59
N VAL C 77 21.65 -18.68 20.28
CA VAL C 77 22.95 -18.20 19.76
C VAL C 77 23.49 -16.85 20.23
N MET C 78 22.63 -15.87 20.51
CA MET C 78 23.10 -14.54 20.93
C MET C 78 23.58 -14.43 22.38
N MET C 79 22.81 -15.00 23.30
CA MET C 79 23.04 -14.77 24.73
C MET C 79 24.17 -15.59 25.33
N GLN C 80 24.21 -16.89 24.98
CA GLN C 80 25.23 -17.80 25.52
C GLN C 80 26.42 -18.03 24.59
N GLY C 81 26.36 -17.51 23.37
CA GLY C 81 27.47 -17.59 22.41
C GLY C 81 27.41 -18.69 21.36
N LEU C 82 28.51 -18.84 20.63
CA LEU C 82 28.62 -19.91 19.63
C LEU C 82 28.94 -21.28 20.22
N GLY C 83 29.34 -21.29 21.49
CA GLY C 83 29.61 -22.57 22.17
C GLY C 83 28.35 -23.28 22.69
N ALA C 87 28.30 -27.09 20.26
CA ALA C 87 27.16 -27.34 19.37
C ALA C 87 27.33 -26.79 17.93
N PHE C 88 28.29 -25.88 17.73
CA PHE C 88 28.81 -25.44 16.44
C PHE C 88 30.27 -25.82 16.27
N ILE C 89 30.91 -26.42 17.28
CA ILE C 89 32.29 -26.86 17.21
C ILE C 89 32.31 -28.15 16.42
N ARG C 90 33.22 -28.22 15.45
CA ARG C 90 33.35 -29.38 14.58
C ARG C 90 34.82 -29.80 14.44
N LYS C 91 35.00 -31.10 14.26
CA LYS C 91 36.32 -31.67 13.98
C LYS C 91 36.39 -31.97 12.48
N SER C 92 37.33 -31.36 11.76
CA SER C 92 37.52 -31.65 10.31
C SER C 92 38.94 -32.14 10.06
N ILE C 93 39.34 -32.18 8.79
CA ILE C 93 40.71 -32.49 8.39
C ILE C 93 41.65 -31.34 8.72
N TYR C 94 41.12 -30.13 8.79
CA TYR C 94 41.91 -28.92 9.09
C TYR C 94 42.10 -28.61 10.57
N GLY C 95 41.41 -29.34 11.46
CA GLY C 95 41.48 -29.13 12.90
C GLY C 95 40.12 -28.86 13.55
N VAL C 96 40.16 -28.40 14.80
CA VAL C 96 38.95 -28.21 15.60
C VAL C 96 38.72 -26.73 15.88
N GLY C 97 37.53 -26.27 15.56
CA GLY C 97 37.11 -24.88 15.82
C GLY C 97 35.66 -24.71 15.34
N ILE C 98 35.30 -23.49 14.94
CA ILE C 98 34.05 -23.29 14.19
C ILE C 98 34.41 -23.22 12.72
N HIS C 99 33.75 -24.04 11.90
CA HIS C 99 33.97 -24.10 10.45
C HIS C 99 32.89 -23.27 9.77
N LEU C 100 33.31 -22.28 8.97
CA LEU C 100 32.39 -21.48 8.19
C LEU C 100 32.77 -21.54 6.73
N THR C 101 31.77 -21.27 5.88
CA THR C 101 31.96 -21.29 4.46
C THR C 101 32.11 -19.87 3.94
N ALA C 102 33.02 -19.67 2.97
CA ALA C 102 33.28 -18.34 2.44
C ALA C 102 32.02 -17.75 1.78
N ALA C 103 31.97 -16.42 1.71
CA ALA C 103 30.81 -15.66 1.23
C ALA C 103 30.23 -16.10 -0.11
N ASP C 104 31.10 -16.49 -1.05
CA ASP C 104 30.62 -16.86 -2.40
C ASP C 104 30.42 -18.37 -2.58
N CYS C 105 30.54 -19.14 -1.49
CA CYS C 105 30.50 -20.61 -1.53
C CYS C 105 29.41 -21.29 -0.71
N PRO C 106 28.27 -20.64 -0.46
CA PRO C 106 27.29 -21.37 0.37
C PRO C 106 26.79 -22.72 -0.23
N TYR C 107 26.92 -22.94 -1.56
CA TYR C 107 26.64 -24.26 -2.15
C TYR C 107 27.35 -25.42 -1.45
N PHE C 108 28.52 -25.12 -0.91
CA PHE C 108 29.41 -26.09 -0.27
C PHE C 108 28.79 -26.72 0.99
N SER C 109 28.06 -25.92 1.77
CA SER C 109 27.52 -26.40 3.05
C SER C 109 25.98 -26.33 3.19
N ALA C 110 25.29 -25.94 2.11
CA ALA C 110 23.83 -25.86 2.11
C ALA C 110 23.14 -27.16 2.50
N ARG C 111 23.64 -28.29 1.98
CA ARG C 111 23.09 -29.61 2.31
C ARG C 111 23.34 -30.06 3.74
N TYR C 112 24.29 -29.42 4.41
CA TYR C 112 24.62 -29.73 5.80
C TYR C 112 23.77 -28.88 6.80
N CYS C 113 22.87 -28.04 6.27
CA CYS C 113 21.83 -27.42 7.07
C CYS C 113 20.65 -28.35 7.26
N ASP C 114 20.41 -28.77 8.50
CA ASP C 114 19.31 -29.70 8.84
C ASP C 114 17.92 -29.20 8.44
N VAL C 115 17.18 -30.06 7.76
CA VAL C 115 15.76 -29.84 7.50
C VAL C 115 14.95 -29.93 8.80
N ASP C 116 14.02 -28.99 8.98
CA ASP C 116 13.06 -29.04 10.10
C ASP C 116 11.79 -29.77 9.65
N GLU C 117 10.76 -29.78 10.49
CA GLU C 117 9.54 -30.54 10.19
C GLU C 117 8.85 -30.17 8.88
N ASN C 118 9.05 -28.94 8.39
CA ASN C 118 8.42 -28.45 7.15
C ASN C 118 9.30 -28.47 5.88
N GLY C 119 10.50 -29.05 5.97
CA GLY C 119 11.44 -29.04 4.83
C GLY C 119 12.28 -27.79 4.72
N VAL C 120 12.27 -26.93 5.74
CA VAL C 120 12.98 -25.66 5.69
C VAL C 120 14.35 -25.83 6.33
N ARG C 121 15.34 -25.16 5.74
CA ARG C 121 16.72 -25.16 6.18
C ARG C 121 17.15 -23.76 6.57
N TYR C 122 18.21 -23.67 7.36
CA TYR C 122 18.63 -22.42 7.97
C TYR C 122 20.13 -22.25 7.91
N MET C 123 20.58 -21.13 7.35
CA MET C 123 21.99 -20.79 7.26
C MET C 123 22.18 -19.38 7.83
N VAL C 124 23.21 -19.19 8.66
CA VAL C 124 23.46 -17.89 9.29
C VAL C 124 24.60 -17.17 8.55
N LEU C 125 24.40 -15.91 8.19
CA LEU C 125 25.48 -15.08 7.66
C LEU C 125 26.17 -14.37 8.83
N CYS C 126 27.48 -14.57 8.95
CA CYS C 126 28.29 -13.97 10.01
C CYS C 126 29.33 -13.00 9.49
N ARG C 127 29.67 -12.03 10.32
CA ARG C 127 30.89 -11.25 10.16
C ARG C 127 31.97 -12.02 10.91
N VAL C 128 33.11 -12.23 10.27
CA VAL C 128 34.23 -12.93 10.87
C VAL C 128 35.47 -12.07 10.76
N ILE C 129 36.16 -11.91 11.88
CA ILE C 129 37.47 -11.25 11.91
C ILE C 129 38.51 -12.31 11.62
N MET C 130 38.98 -12.33 10.37
CA MET C 130 39.96 -13.32 9.94
C MET C 130 41.39 -12.89 10.25
N GLY C 131 41.63 -11.58 10.33
CA GLY C 131 42.96 -11.04 10.61
C GLY C 131 43.99 -11.53 9.62
N ASN C 132 45.19 -11.85 10.13
CA ASN C 132 46.24 -12.49 9.36
C ASN C 132 45.91 -13.97 9.19
N MET C 133 45.49 -14.34 8.00
CA MET C 133 44.99 -15.68 7.75
C MET C 133 46.12 -16.71 7.64
N GLU C 134 46.00 -17.81 8.38
CA GLU C 134 46.91 -18.95 8.24
C GLU C 134 46.39 -19.90 7.17
N LEU C 135 47.23 -20.19 6.17
CA LEU C 135 46.96 -21.25 5.20
C LEU C 135 47.14 -22.57 5.94
N LEU C 136 46.08 -23.36 6.04
CA LEU C 136 46.14 -24.61 6.80
C LEU C 136 46.72 -25.79 6.05
N ARG C 137 47.68 -26.42 6.70
CA ARG C 137 48.46 -27.54 6.15
C ARG C 137 47.83 -28.91 6.38
N GLY C 138 46.63 -28.99 6.94
CA GLY C 138 45.93 -30.28 7.08
C GLY C 138 46.16 -31.09 8.34
N ASP C 139 46.63 -30.41 9.39
CA ASP C 139 46.86 -31.00 10.72
C ASP C 139 45.50 -31.28 11.42
N LYS C 140 45.14 -32.55 11.53
CA LYS C 140 43.91 -33.01 12.22
C LYS C 140 43.82 -32.58 13.70
N ALA C 141 44.98 -32.45 14.36
CA ALA C 141 45.07 -32.10 15.77
C ALA C 141 45.19 -30.60 16.09
N GLN C 142 45.11 -29.71 15.09
CA GLN C 142 45.26 -28.27 15.37
C GLN C 142 43.97 -27.73 15.99
N PHE C 143 44.11 -27.04 17.13
CA PHE C 143 43.00 -26.36 17.78
C PHE C 143 43.29 -24.88 18.10
N PHE C 144 44.44 -24.40 17.66
CA PHE C 144 44.79 -22.99 17.80
C PHE C 144 45.76 -22.54 16.71
N SER C 145 45.95 -21.23 16.64
CA SER C 145 46.85 -20.60 15.68
C SER C 145 48.23 -21.31 15.61
N GLU C 148 52.03 -16.90 16.57
CA GLU C 148 51.67 -15.54 17.04
C GLU C 148 51.29 -14.61 15.89
N GLU C 149 51.89 -14.81 14.71
CA GLU C 149 51.66 -13.90 13.57
C GLU C 149 50.28 -14.11 12.90
N TYR C 150 49.65 -15.27 13.12
CA TYR C 150 48.37 -15.63 12.52
C TYR C 150 47.18 -15.56 13.50
N ASP C 151 45.99 -15.25 12.97
CA ASP C 151 44.76 -15.19 13.75
C ASP C 151 43.91 -16.45 13.51
N ASN C 152 43.11 -16.48 12.44
CA ASN C 152 42.24 -17.64 12.15
C ASN C 152 42.70 -18.30 10.84
N GLY C 153 42.17 -19.50 10.55
CA GLY C 153 42.70 -20.35 9.48
C GLY C 153 41.85 -20.39 8.22
N VAL C 154 42.49 -20.72 7.09
CA VAL C 154 41.81 -20.83 5.79
C VAL C 154 42.39 -21.96 4.94
N ASP C 155 41.56 -22.57 4.09
CA ASP C 155 42.03 -23.68 3.23
C ASP C 155 42.77 -23.27 1.95
N ASP C 156 42.43 -22.11 1.40
CA ASP C 156 43.06 -21.57 0.19
C ASP C 156 43.09 -20.06 0.33
N ILE C 157 44.26 -19.44 0.15
CA ILE C 157 44.42 -17.99 0.34
C ILE C 157 43.74 -17.15 -0.73
N GLU C 158 43.77 -17.63 -1.96
CA GLU C 158 43.35 -16.88 -3.14
C GLU C 158 41.85 -16.99 -3.36
N SER C 159 41.35 -18.24 -3.39
CA SER C 159 39.90 -18.54 -3.46
C SER C 159 39.48 -19.33 -2.22
N PRO C 160 39.28 -18.65 -1.08
CA PRO C 160 38.83 -19.36 0.12
C PRO C 160 37.50 -20.07 -0.08
N LYS C 161 37.42 -21.30 0.45
CA LYS C 161 36.17 -22.01 0.59
C LYS C 161 35.75 -22.23 2.03
N ASN C 162 36.71 -22.44 2.94
CA ASN C 162 36.42 -22.74 4.34
C ASN C 162 37.31 -21.88 5.23
N TYR C 163 36.68 -21.32 6.26
CA TYR C 163 37.40 -20.65 7.33
C TYR C 163 37.27 -21.49 8.59
N ILE C 164 38.34 -21.53 9.39
CA ILE C 164 38.33 -22.17 10.69
C ILE C 164 38.62 -21.06 11.68
N VAL C 165 37.69 -20.81 12.59
CA VAL C 165 37.89 -19.89 13.70
C VAL C 165 38.16 -20.74 14.94
N TRP C 166 39.30 -20.51 15.59
CA TRP C 166 39.71 -21.34 16.75
C TRP C 166 38.77 -21.12 17.94
N ASN C 167 38.64 -22.13 18.79
CA ASN C 167 37.71 -22.07 19.92
C ASN C 167 37.88 -20.83 20.79
N ILE C 168 39.12 -20.47 21.07
CA ILE C 168 39.45 -19.28 21.85
C ILE C 168 38.88 -17.99 21.24
N ASN C 169 38.70 -17.95 19.93
CA ASN C 169 38.23 -16.77 19.22
C ASN C 169 36.74 -16.76 18.91
N MET C 170 36.00 -17.80 19.28
CA MET C 170 34.65 -17.97 18.75
C MET C 170 33.71 -16.85 19.18
N ASN C 171 33.88 -16.33 20.39
CA ASN C 171 33.01 -15.28 20.92
C ASN C 171 33.48 -13.86 20.61
N THR C 172 34.76 -13.69 20.30
CA THR C 172 35.32 -12.39 19.95
C THR C 172 35.32 -12.10 18.45
N HIS C 173 35.48 -13.13 17.63
CA HIS C 173 35.81 -12.98 16.22
C HIS C 173 34.65 -13.37 15.28
N ILE C 174 33.47 -13.70 15.81
CA ILE C 174 32.30 -14.04 14.96
C ILE C 174 31.07 -13.29 15.44
N PHE C 175 30.44 -12.53 14.56
CA PHE C 175 29.13 -11.95 14.86
C PHE C 175 28.06 -12.52 13.91
N PRO C 176 27.16 -13.38 14.43
CA PRO C 176 26.01 -13.85 13.64
C PRO C 176 25.04 -12.73 13.39
N GLU C 177 24.76 -12.43 12.13
CA GLU C 177 23.98 -11.25 11.81
C GLU C 177 22.66 -11.53 11.12
N PHE C 178 22.64 -12.46 10.18
CA PHE C 178 21.44 -12.74 9.39
C PHE C 178 21.12 -14.23 9.37
N VAL C 179 19.84 -14.57 9.31
CA VAL C 179 19.36 -15.93 9.11
C VAL C 179 18.66 -16.00 7.76
N VAL C 180 19.07 -16.95 6.91
CA VAL C 180 18.45 -17.20 5.63
C VAL C 180 17.71 -18.53 5.72
N ARG C 181 16.39 -18.47 5.50
CA ARG C 181 15.55 -19.67 5.45
C ARG C 181 15.37 -20.08 4.00
N PHE C 182 15.60 -21.37 3.71
CA PHE C 182 15.55 -21.86 2.34
C PHE C 182 15.14 -23.34 2.22
N LYS C 183 14.96 -23.79 0.97
CA LYS C 183 14.71 -25.19 0.64
C LYS C 183 15.59 -25.64 -0.52
N LEU C 184 15.59 -26.92 -0.87
CA LEU C 184 16.63 -27.66 -1.59
C LEU C 184 16.10 -28.37 -2.84
N SER C 185 17.00 -28.84 -3.70
CA SER C 185 16.70 -29.64 -4.90
C SER C 185 16.82 -31.12 -4.52
N LEU D 7 -9.99 14.01 -23.44
CA LEU D 7 -11.08 14.29 -24.45
C LEU D 7 -11.18 13.09 -25.35
N ASP D 8 -12.32 12.91 -25.97
CA ASP D 8 -12.45 11.89 -27.03
C ASP D 8 -12.12 12.51 -28.38
N LYS D 9 -12.04 11.66 -29.39
CA LYS D 9 -11.65 12.08 -30.74
C LYS D 9 -12.65 13.04 -31.37
N ASP D 10 -13.95 12.84 -31.14
CA ASP D 10 -15.00 13.77 -31.62
C ASP D 10 -14.85 15.20 -31.10
N ALA D 11 -14.51 15.34 -29.82
CA ALA D 11 -14.31 16.67 -29.22
C ALA D 11 -13.09 17.38 -29.85
N VAL D 12 -12.06 16.62 -30.16
CA VAL D 12 -10.83 17.16 -30.77
C VAL D 12 -11.17 17.64 -32.17
N LYS D 13 -11.88 16.80 -32.92
CA LYS D 13 -12.40 17.15 -34.25
C LYS D 13 -13.19 18.45 -34.23
N LYS D 14 -14.11 18.55 -33.27
CA LYS D 14 -14.92 19.75 -33.09
C LYS D 14 -14.09 20.99 -32.73
N MET D 15 -13.16 20.85 -31.80
CA MET D 15 -12.18 21.91 -31.48
C MET D 15 -11.45 22.41 -32.73
N PHE D 16 -11.00 21.50 -33.57
CA PHE D 16 -10.28 21.85 -34.79
C PHE D 16 -11.18 22.52 -35.83
N ALA D 17 -12.43 22.03 -35.96
CA ALA D 17 -13.39 22.59 -36.92
C ALA D 17 -13.81 24.01 -36.57
N VAL D 18 -14.18 24.25 -35.31
CA VAL D 18 -14.58 25.57 -34.85
C VAL D 18 -13.38 26.52 -34.93
N GLY D 19 -12.21 26.03 -34.53
CA GLY D 19 -10.98 26.81 -34.49
C GLY D 19 -10.36 27.14 -35.83
N THR D 20 -10.77 26.48 -36.92
CA THR D 20 -10.27 26.78 -38.27
C THR D 20 -11.35 27.33 -39.19
N ALA D 21 -12.52 27.68 -38.64
CA ALA D 21 -13.67 28.15 -39.43
C ALA D 21 -13.37 29.35 -40.32
N SER D 22 -12.56 30.29 -39.82
CA SER D 22 -12.15 31.47 -40.59
C SER D 22 -11.41 31.18 -41.91
N LEU D 23 -10.84 29.98 -42.06
CA LEU D 23 -10.14 29.59 -43.29
C LEU D 23 -11.07 29.01 -44.36
N GLY D 24 -12.35 28.80 -44.04
CA GLY D 24 -13.31 28.29 -45.00
C GLY D 24 -13.54 26.80 -44.83
N HIS D 25 -13.56 26.07 -45.95
CA HIS D 25 -13.75 24.63 -45.95
C HIS D 25 -12.45 23.94 -45.58
N VAL D 26 -12.41 23.33 -44.39
CA VAL D 26 -11.25 22.62 -43.89
C VAL D 26 -11.64 21.18 -43.58
N PRO D 27 -11.59 20.29 -44.59
CA PRO D 27 -12.00 18.92 -44.33
C PRO D 27 -11.03 18.17 -43.42
N VAL D 28 -11.58 17.52 -42.41
CA VAL D 28 -10.83 16.68 -41.49
C VAL D 28 -10.92 15.26 -41.99
N LEU D 29 -9.79 14.71 -42.44
CA LEU D 29 -9.72 13.34 -42.89
C LEU D 29 -9.71 12.31 -41.73
N ASP D 30 -9.05 12.65 -40.63
CA ASP D 30 -8.86 11.71 -39.54
C ASP D 30 -8.43 12.39 -38.24
N VAL D 31 -8.82 11.80 -37.12
CA VAL D 31 -8.34 12.18 -35.81
C VAL D 31 -7.86 10.89 -35.16
N GLY D 32 -6.58 10.87 -34.79
CA GLY D 32 -5.98 9.73 -34.16
C GLY D 32 -5.46 10.05 -32.80
N ARG D 33 -5.21 9.00 -32.02
CA ARG D 33 -4.61 9.11 -30.68
C ARG D 33 -3.47 8.14 -30.56
N PHE D 34 -2.32 8.59 -30.06
CA PHE D 34 -1.16 7.70 -29.89
C PHE D 34 -1.41 6.70 -28.78
N SER D 35 -1.29 5.41 -29.08
CA SER D 35 -1.69 4.36 -28.16
C SER D 35 -0.63 3.31 -28.23
N SER D 36 0.26 3.30 -27.25
CA SER D 36 1.38 2.35 -27.19
C SER D 36 2.00 2.35 -25.81
N GLU D 37 2.89 1.40 -25.56
CA GLU D 37 3.55 1.33 -24.24
C GLU D 37 4.44 2.53 -23.99
N ILE D 38 5.08 3.04 -25.04
CA ILE D 38 5.94 4.23 -24.92
C ILE D 38 5.11 5.47 -24.67
N ALA D 39 4.00 5.64 -25.39
CA ALA D 39 3.08 6.75 -25.14
C ALA D 39 2.55 6.75 -23.72
N GLU D 40 2.20 5.58 -23.20
CA GLU D 40 1.79 5.44 -21.80
C GLU D 40 2.89 5.83 -20.82
N ALA D 41 4.12 5.36 -21.06
CA ALA D 41 5.26 5.73 -20.22
C ALA D 41 5.55 7.22 -20.29
N ARG D 42 5.41 7.80 -21.49
CA ARG D 42 5.59 9.24 -21.69
C ARG D 42 4.49 10.07 -21.01
N LEU D 43 3.27 9.54 -20.96
CA LEU D 43 2.17 10.19 -20.24
C LEU D 43 2.40 10.14 -18.75
N ALA D 44 2.86 9.01 -18.24
CA ALA D 44 3.23 8.88 -16.83
C ALA D 44 4.31 9.88 -16.44
N LEU D 45 5.32 10.06 -17.30
CA LEU D 45 6.38 11.06 -17.07
C LEU D 45 5.80 12.47 -16.98
N PHE D 46 5.00 12.83 -17.97
CA PHE D 46 4.29 14.12 -18.01
C PHE D 46 3.44 14.34 -16.75
N GLN D 47 2.69 13.33 -16.33
CA GLN D 47 1.83 13.43 -15.14
C GLN D 47 2.62 13.59 -13.84
N LYS D 48 3.86 13.09 -13.80
CA LYS D 48 4.74 13.38 -12.66
C LYS D 48 5.22 14.80 -12.67
N GLN D 49 5.52 15.34 -13.85
CA GLN D 49 5.88 16.75 -13.96
C GLN D 49 4.71 17.66 -13.56
N VAL D 50 3.47 17.23 -13.85
CA VAL D 50 2.27 17.95 -13.44
C VAL D 50 2.23 18.04 -11.90
N GLU D 51 2.42 16.92 -11.23
CA GLU D 51 2.51 16.90 -9.76
C GLU D 51 3.59 17.82 -9.22
N ILE D 52 4.77 17.78 -9.82
CA ILE D 52 5.89 18.63 -9.40
C ILE D 52 5.57 20.11 -9.58
N THR D 53 5.07 20.49 -10.74
CA THR D 53 4.77 21.90 -11.03
C THR D 53 3.62 22.40 -10.15
N LYS D 54 2.64 21.54 -9.88
CA LYS D 54 1.55 21.86 -8.97
C LYS D 54 2.05 22.15 -7.54
N LYS D 55 2.89 21.26 -7.03
CA LYS D 55 3.50 21.42 -5.71
C LYS D 55 4.39 22.67 -5.62
N HIS D 56 5.08 22.98 -6.71
CA HIS D 56 5.98 24.13 -6.76
C HIS D 56 5.24 25.48 -6.84
N ARG D 57 4.21 25.56 -7.68
CA ARG D 57 3.50 26.82 -7.97
C ARG D 57 2.13 26.95 -7.34
N GLY D 58 1.53 25.84 -6.90
CA GLY D 58 0.12 25.81 -6.52
C GLY D 58 -0.80 25.29 -7.62
N ASP D 59 -0.44 25.54 -8.87
CA ASP D 59 -1.27 25.18 -10.04
C ASP D 59 -0.33 24.77 -11.19
N ALA D 60 -0.56 23.58 -11.75
CA ALA D 60 0.21 23.13 -12.93
C ALA D 60 -0.17 23.92 -14.20
N ASN D 61 -1.44 24.33 -14.28
CA ASN D 61 -1.95 25.11 -15.39
C ASN D 61 -1.68 24.38 -16.69
N VAL D 62 -2.31 23.19 -16.79
CA VAL D 62 -2.22 22.35 -17.96
C VAL D 62 -3.21 22.86 -19.00
N ARG D 63 -2.75 23.07 -20.22
CA ARG D 63 -3.59 23.54 -21.33
C ARG D 63 -3.43 22.67 -22.56
N TYR D 64 -4.46 22.68 -23.40
CA TYR D 64 -4.34 22.06 -24.70
C TYR D 64 -3.76 23.08 -25.65
N ALA D 65 -2.91 22.64 -26.57
CA ALA D 65 -2.34 23.52 -27.58
C ALA D 65 -2.01 22.73 -28.85
N TRP D 66 -1.96 23.42 -29.98
CA TRP D 66 -1.75 22.79 -31.27
C TRP D 66 -0.31 22.96 -31.72
N LEU D 67 0.28 21.86 -32.18
CA LEU D 67 1.64 21.83 -32.69
C LEU D 67 1.64 21.45 -34.16
N PRO D 68 2.07 22.34 -35.05
CA PRO D 68 2.21 21.96 -36.46
C PRO D 68 3.23 20.86 -36.64
N ALA D 69 2.88 19.85 -37.45
CA ALA D 69 3.74 18.71 -37.67
C ALA D 69 3.82 18.38 -39.16
N LYS D 70 4.39 17.23 -39.49
CA LYS D 70 4.39 16.70 -40.84
C LYS D 70 4.43 15.18 -40.72
N ARG D 71 4.02 14.48 -41.78
CA ARG D 71 3.94 13.03 -41.79
C ARG D 71 5.23 12.36 -41.27
N GLU D 72 6.40 12.85 -41.74
CA GLU D 72 7.67 12.18 -41.47
C GLU D 72 8.09 12.13 -39.99
N VAL D 73 7.70 13.12 -39.18
CA VAL D 73 8.09 13.16 -37.75
C VAL D 73 7.14 12.44 -36.77
N LEU D 74 5.93 12.09 -37.22
CA LEU D 74 4.93 11.45 -36.35
C LEU D 74 5.40 10.13 -35.73
N SER D 75 5.95 9.26 -36.58
CA SER D 75 6.51 7.98 -36.16
C SER D 75 7.55 8.14 -35.02
N ALA D 76 8.46 9.10 -35.17
CA ALA D 76 9.53 9.32 -34.19
C ALA D 76 9.05 9.89 -32.85
N VAL D 77 8.05 10.77 -32.85
CA VAL D 77 7.79 11.70 -31.72
C VAL D 77 7.70 11.15 -30.32
N MET D 78 7.19 9.94 -30.12
CA MET D 78 7.03 9.36 -28.78
C MET D 78 8.31 8.83 -28.15
N MET D 79 9.11 8.09 -28.92
CA MET D 79 10.27 7.38 -28.35
C MET D 79 11.49 8.27 -28.12
N GLN D 80 11.81 9.14 -29.09
CA GLN D 80 13.00 9.98 -29.02
C GLN D 80 12.75 11.41 -28.52
N GLY D 81 11.47 11.79 -28.35
CA GLY D 81 11.08 13.12 -27.93
C GLY D 81 10.72 14.15 -29.03
N LEU D 82 10.49 15.37 -28.56
CA LEU D 82 10.17 16.50 -29.44
C LEU D 82 11.41 17.11 -30.08
N GLY D 83 12.59 16.75 -29.59
CA GLY D 83 13.82 17.28 -30.17
C GLY D 83 14.30 16.52 -31.37
N VAL D 84 13.42 16.24 -32.32
CA VAL D 84 13.81 15.54 -33.53
C VAL D 84 14.73 16.47 -34.31
N ALA D 87 13.90 20.02 -35.12
CA ALA D 87 12.82 19.76 -36.09
C ALA D 87 11.42 20.17 -35.61
N PHE D 88 11.24 20.43 -34.30
CA PHE D 88 10.10 21.23 -33.81
C PHE D 88 10.53 22.56 -33.20
N ILE D 89 11.83 22.83 -33.15
CA ILE D 89 12.37 24.02 -32.53
C ILE D 89 12.28 25.13 -33.57
N ARG D 90 11.78 26.28 -33.15
CA ARG D 90 11.70 27.46 -34.00
C ARG D 90 12.26 28.70 -33.34
N LYS D 91 12.80 29.60 -34.16
CA LYS D 91 13.16 30.95 -33.76
C LYS D 91 12.04 31.90 -34.21
N SER D 92 11.41 32.60 -33.28
CA SER D 92 10.38 33.63 -33.61
C SER D 92 10.78 34.99 -33.05
N ILE D 93 9.83 35.92 -33.02
CA ILE D 93 10.01 37.23 -32.40
C ILE D 93 10.05 37.11 -30.88
N TYR D 94 9.42 36.07 -30.33
CA TYR D 94 9.33 35.84 -28.89
C TYR D 94 10.49 35.05 -28.29
N GLY D 95 11.36 34.50 -29.13
CA GLY D 95 12.49 33.69 -28.67
C GLY D 95 12.53 32.29 -29.29
N VAL D 96 13.38 31.44 -28.73
CA VAL D 96 13.63 30.10 -29.25
C VAL D 96 13.10 29.04 -28.29
N GLY D 97 12.28 28.15 -28.81
CA GLY D 97 11.70 27.05 -28.04
C GLY D 97 10.84 26.20 -28.95
N ILE D 98 9.84 25.52 -28.39
CA ILE D 98 8.75 24.95 -29.19
C ILE D 98 7.59 25.94 -29.16
N HIS D 99 7.10 26.32 -30.35
CA HIS D 99 5.98 27.26 -30.48
C HIS D 99 4.71 26.47 -30.73
N LEU D 100 3.71 26.69 -29.87
CA LEU D 100 2.41 26.05 -30.03
C LEU D 100 1.34 27.11 -30.09
N THR D 101 0.22 26.74 -30.71
CA THR D 101 -0.91 27.62 -30.86
C THR D 101 -1.96 27.28 -29.81
N ALA D 102 -2.61 28.30 -29.24
CA ALA D 102 -3.61 28.07 -28.20
C ALA D 102 -4.79 27.26 -28.77
N ALA D 103 -5.50 26.58 -27.85
CA ALA D 103 -6.57 25.65 -28.19
C ALA D 103 -7.64 26.18 -29.16
N ASP D 104 -8.00 27.45 -29.03
CA ASP D 104 -9.08 28.01 -29.86
C ASP D 104 -8.57 28.73 -31.13
N CYS D 105 -7.26 28.64 -31.39
CA CYS D 105 -6.60 29.38 -32.48
C CYS D 105 -5.89 28.56 -33.54
N PRO D 106 -6.30 27.32 -33.80
CA PRO D 106 -5.52 26.58 -34.82
C PRO D 106 -5.49 27.23 -36.23
N TYR D 107 -6.45 28.11 -36.56
CA TYR D 107 -6.37 28.90 -37.83
C TYR D 107 -5.05 29.62 -38.02
N PHE D 108 -4.43 30.00 -36.90
CA PHE D 108 -3.19 30.75 -36.88
C PHE D 108 -2.00 30.00 -37.49
N SER D 109 -1.93 28.69 -37.26
CA SER D 109 -0.78 27.89 -37.72
C SER D 109 -1.12 26.73 -38.67
N ALA D 110 -2.38 26.62 -39.08
CA ALA D 110 -2.81 25.57 -40.02
C ALA D 110 -2.02 25.56 -41.33
N ARG D 111 -1.79 26.75 -41.90
CA ARG D 111 -1.02 26.87 -43.13
C ARG D 111 0.47 26.54 -42.99
N TYR D 112 0.96 26.53 -41.76
CA TYR D 112 2.36 26.22 -41.47
C TYR D 112 2.55 24.69 -41.24
N CYS D 113 1.47 23.90 -41.36
CA CYS D 113 1.58 22.45 -41.45
C CYS D 113 1.90 22.02 -42.88
N ASP D 114 3.09 21.45 -43.08
CA ASP D 114 3.54 20.99 -44.39
C ASP D 114 2.64 19.97 -45.05
N VAL D 115 2.31 20.24 -46.32
CA VAL D 115 1.61 19.29 -47.16
C VAL D 115 2.55 18.11 -47.50
N ASP D 116 2.00 16.90 -47.45
CA ASP D 116 2.71 15.69 -47.92
C ASP D 116 2.39 15.44 -49.39
N GLU D 117 2.83 14.31 -49.93
CA GLU D 117 2.66 14.06 -51.38
C GLU D 117 1.20 14.05 -51.85
N ASN D 118 0.25 13.80 -50.95
CA ASN D 118 -1.19 13.73 -51.29
C ASN D 118 -2.01 14.98 -50.96
N GLY D 119 -1.35 16.07 -50.52
CA GLY D 119 -2.06 17.28 -50.12
C GLY D 119 -2.56 17.29 -48.67
N VAL D 120 -2.14 16.31 -47.87
CA VAL D 120 -2.65 16.16 -46.52
C VAL D 120 -1.69 16.85 -45.55
N ARG D 121 -2.27 17.50 -44.54
CA ARG D 121 -1.55 18.23 -43.52
C ARG D 121 -1.83 17.61 -42.16
N TYR D 122 -0.96 17.89 -41.21
CA TYR D 122 -0.96 17.21 -39.92
C TYR D 122 -0.71 18.19 -38.80
N MET D 123 -1.61 18.23 -37.82
CA MET D 123 -1.51 19.07 -36.65
C MET D 123 -1.68 18.19 -35.40
N VAL D 124 -0.82 18.36 -34.41
CA VAL D 124 -0.86 17.55 -33.21
C VAL D 124 -1.49 18.35 -32.07
N LEU D 125 -2.47 17.78 -31.38
CA LEU D 125 -3.00 18.38 -30.16
C LEU D 125 -2.18 17.86 -28.95
N CYS D 126 -1.61 18.79 -28.20
CA CYS D 126 -0.78 18.48 -27.03
C CYS D 126 -1.38 18.98 -25.72
N ARG D 127 -1.04 18.29 -24.65
CA ARG D 127 -1.19 18.82 -23.30
C ARG D 127 0.12 19.55 -23.01
N VAL D 128 0.03 20.77 -22.50
CA VAL D 128 1.17 21.58 -22.15
C VAL D 128 1.04 22.03 -20.71
N ILE D 129 2.11 21.84 -19.95
CA ILE D 129 2.21 22.37 -18.59
C ILE D 129 2.77 23.78 -18.71
N MET D 130 1.88 24.75 -18.62
CA MET D 130 2.28 26.15 -18.75
C MET D 130 2.76 26.74 -17.44
N GLY D 131 2.28 26.19 -16.32
CA GLY D 131 2.66 26.68 -14.99
C GLY D 131 2.35 28.14 -14.79
N ASN D 132 3.28 28.84 -14.15
CA ASN D 132 3.24 30.30 -14.03
C ASN D 132 3.70 30.93 -15.34
N MET D 133 2.74 31.44 -16.10
CA MET D 133 3.00 31.92 -17.43
C MET D 133 3.72 33.26 -17.44
N GLU D 134 4.81 33.37 -18.20
CA GLU D 134 5.48 34.63 -18.44
C GLU D 134 4.84 35.31 -19.67
N LEU D 135 4.39 36.55 -19.47
CA LEU D 135 3.97 37.41 -20.59
C LEU D 135 5.25 37.84 -21.31
N LEU D 136 5.40 37.46 -22.57
CA LEU D 136 6.63 37.73 -23.29
C LEU D 136 6.74 39.12 -23.88
N ARG D 137 7.88 39.74 -23.58
CA ARG D 137 8.17 41.12 -23.93
C ARG D 137 8.81 41.28 -25.33
N GLY D 138 8.95 40.20 -26.10
CA GLY D 138 9.44 40.32 -27.48
C GLY D 138 10.94 40.25 -27.72
N ASP D 139 11.65 39.66 -26.76
CA ASP D 139 13.09 39.42 -26.81
C ASP D 139 13.40 38.28 -27.79
N LYS D 140 13.99 38.63 -28.94
CA LYS D 140 14.43 37.65 -29.98
C LYS D 140 15.45 36.61 -29.47
N ALA D 141 16.25 37.00 -28.48
CA ALA D 141 17.32 36.15 -27.94
C ALA D 141 16.93 35.33 -26.70
N GLN D 142 15.65 35.32 -26.30
CA GLN D 142 15.26 34.55 -25.11
C GLN D 142 15.16 33.06 -25.49
N PHE D 143 15.82 32.21 -24.71
CA PHE D 143 15.73 30.75 -24.86
C PHE D 143 15.40 30.03 -23.53
N PHE D 144 15.16 30.81 -22.48
CA PHE D 144 14.72 30.26 -21.22
C PHE D 144 13.88 31.28 -20.43
N SER D 145 13.26 30.78 -19.36
CA SER D 145 12.44 31.57 -18.47
C SER D 145 13.10 32.89 -18.09
N GLY D 146 12.37 33.99 -18.28
CA GLY D 146 12.80 35.30 -17.80
C GLY D 146 13.06 35.43 -16.31
N GLY D 147 12.52 34.51 -15.50
CA GLY D 147 12.99 34.34 -14.12
C GLY D 147 12.37 33.11 -13.45
N GLU D 148 12.93 32.81 -12.27
CA GLU D 148 12.64 31.58 -11.51
C GLU D 148 11.16 31.43 -11.12
N GLU D 149 10.44 32.55 -11.02
CA GLU D 149 9.00 32.53 -10.74
C GLU D 149 8.14 32.04 -11.91
N TYR D 150 8.68 32.09 -13.15
CA TYR D 150 7.96 31.71 -14.36
C TYR D 150 8.41 30.36 -14.95
N ASP D 151 7.47 29.67 -15.60
CA ASP D 151 7.74 28.39 -16.25
C ASP D 151 7.86 28.57 -17.77
N ASN D 152 6.76 28.59 -18.51
CA ASN D 152 6.78 28.73 -19.98
C ASN D 152 6.14 30.08 -20.37
N GLY D 153 6.29 30.48 -21.63
CA GLY D 153 5.92 31.81 -22.08
C GLY D 153 4.65 31.91 -22.90
N VAL D 154 4.02 33.11 -22.89
CA VAL D 154 2.79 33.36 -23.64
C VAL D 154 2.77 34.79 -24.20
N ASP D 155 2.09 34.99 -25.33
CA ASP D 155 2.06 36.31 -25.99
C ASP D 155 1.01 37.30 -25.43
N ASP D 156 -0.10 36.76 -24.93
CA ASP D 156 -1.18 37.57 -24.35
C ASP D 156 -1.79 36.75 -23.20
N ILE D 157 -1.90 37.34 -22.01
CA ILE D 157 -2.39 36.62 -20.83
C ILE D 157 -3.89 36.29 -20.89
N GLU D 158 -4.66 37.22 -21.44
CA GLU D 158 -6.12 37.18 -21.42
C GLU D 158 -6.68 36.33 -22.55
N SER D 159 -6.24 36.62 -23.79
CA SER D 159 -6.56 35.83 -24.98
C SER D 159 -5.27 35.27 -25.61
N PRO D 160 -4.72 34.19 -25.04
CA PRO D 160 -3.50 33.61 -25.63
C PRO D 160 -3.69 33.16 -27.07
N LYS D 161 -2.70 33.44 -27.89
CA LYS D 161 -2.60 32.88 -29.24
C LYS D 161 -1.40 31.95 -29.41
N ASN D 162 -0.28 32.23 -28.74
CA ASN D 162 0.95 31.46 -28.91
C ASN D 162 1.53 31.16 -27.54
N TYR D 163 1.95 29.90 -27.36
CA TYR D 163 2.75 29.49 -26.22
C TYR D 163 4.15 29.16 -26.69
N ILE D 164 5.13 29.49 -25.87
CA ILE D 164 6.53 29.12 -26.12
C ILE D 164 6.91 28.23 -24.96
N VAL D 165 7.28 26.99 -25.25
CA VAL D 165 7.85 26.09 -24.25
C VAL D 165 9.36 26.07 -24.49
N TRP D 166 10.13 26.39 -23.45
CA TRP D 166 11.62 26.48 -23.58
C TRP D 166 12.22 25.11 -23.84
N ASN D 167 13.36 25.08 -24.52
CA ASN D 167 14.00 23.81 -24.92
C ASN D 167 14.20 22.86 -23.75
N ILE D 168 14.65 23.37 -22.63
CA ILE D 168 14.84 22.58 -21.40
C ILE D 168 13.56 21.84 -20.96
N ASN D 169 12.40 22.40 -21.27
CA ASN D 169 11.12 21.86 -20.83
C ASN D 169 10.42 20.99 -21.88
N MET D 170 10.99 20.83 -23.06
CA MET D 170 10.22 20.26 -24.17
C MET D 170 9.79 18.82 -23.92
N ASN D 171 10.60 18.04 -23.23
CA ASN D 171 10.29 16.63 -22.95
C ASN D 171 9.53 16.40 -21.65
N THR D 172 9.56 17.36 -20.73
CA THR D 172 8.83 17.26 -19.47
C THR D 172 7.44 17.90 -19.52
N HIS D 173 7.28 18.97 -20.30
CA HIS D 173 6.13 19.86 -20.20
C HIS D 173 5.17 19.76 -21.41
N ILE D 174 5.43 18.83 -22.35
CA ILE D 174 4.54 18.65 -23.53
C ILE D 174 4.22 17.17 -23.72
N PHE D 175 2.95 16.82 -23.75
CA PHE D 175 2.54 15.47 -24.14
C PHE D 175 1.72 15.54 -25.43
N PRO D 176 2.28 15.08 -26.57
CA PRO D 176 1.53 14.95 -27.81
C PRO D 176 0.50 13.87 -27.72
N GLU D 177 -0.77 14.18 -27.92
CA GLU D 177 -1.82 13.23 -27.65
C GLU D 177 -2.63 12.82 -28.86
N PHE D 178 -2.97 13.77 -29.71
CA PHE D 178 -3.84 13.53 -30.87
C PHE D 178 -3.23 14.07 -32.16
N VAL D 179 -3.46 13.38 -33.26
CA VAL D 179 -3.09 13.85 -34.59
C VAL D 179 -4.35 14.11 -35.41
N VAL D 180 -4.46 15.31 -35.97
CA VAL D 180 -5.56 15.68 -36.86
C VAL D 180 -5.01 15.77 -38.27
N ARG D 181 -5.53 14.95 -39.17
CA ARG D 181 -5.20 15.00 -40.59
C ARG D 181 -6.24 15.84 -41.32
N PHE D 182 -5.78 16.79 -42.12
CA PHE D 182 -6.68 17.72 -42.80
C PHE D 182 -6.14 18.26 -44.15
N LYS D 183 -6.99 19.01 -44.85
CA LYS D 183 -6.61 19.76 -46.05
C LYS D 183 -7.10 21.20 -46.01
N LEU D 184 -6.46 22.05 -46.83
CA LEU D 184 -6.90 23.45 -47.06
C LEU D 184 -7.07 23.76 -48.54
N SER D 185 -7.78 24.85 -48.85
CA SER D 185 -8.02 25.31 -50.24
C SER D 185 -6.94 26.28 -50.74
N LEU E 7 7.98 1.92 19.04
CA LEU E 7 8.73 2.12 20.31
C LEU E 7 10.10 1.54 20.13
N ASP E 8 11.07 2.01 20.93
CA ASP E 8 12.38 1.36 20.97
C ASP E 8 12.38 0.27 22.03
N LYS E 9 13.46 -0.50 22.05
CA LYS E 9 13.57 -1.66 22.93
C LYS E 9 13.59 -1.26 24.41
N ASP E 10 14.23 -0.15 24.75
CA ASP E 10 14.23 0.37 26.14
C ASP E 10 12.83 0.70 26.68
N ALA E 11 11.99 1.30 25.85
CA ALA E 11 10.61 1.60 26.25
C ALA E 11 9.80 0.34 26.52
N VAL E 12 10.04 -0.70 25.73
CA VAL E 12 9.34 -1.98 25.86
C VAL E 12 9.77 -2.61 27.17
N LYS E 13 11.08 -2.62 27.41
CA LYS E 13 11.67 -3.09 28.68
C LYS E 13 11.04 -2.40 29.88
N LYS E 14 10.95 -1.08 29.81
CA LYS E 14 10.35 -0.27 30.87
C LYS E 14 8.86 -0.58 31.07
N MET E 15 8.10 -0.67 29.98
CA MET E 15 6.70 -1.13 30.03
C MET E 15 6.56 -2.46 30.77
N PHE E 16 7.42 -3.42 30.46
CA PHE E 16 7.37 -4.75 31.07
C PHE E 16 7.77 -4.71 32.56
N ALA E 17 8.79 -3.90 32.88
CA ALA E 17 9.27 -3.79 34.27
C ALA E 17 8.24 -3.15 35.20
N VAL E 18 7.66 -2.02 34.78
CA VAL E 18 6.63 -1.34 35.58
C VAL E 18 5.39 -2.23 35.66
N GLY E 19 5.02 -2.86 34.55
CA GLY E 19 3.83 -3.71 34.48
C GLY E 19 3.91 -5.04 35.20
N THR E 20 5.10 -5.50 35.60
CA THR E 20 5.26 -6.75 36.37
C THR E 20 5.78 -6.50 37.78
N ALA E 21 5.82 -5.25 38.22
CA ALA E 21 6.38 -4.87 39.54
C ALA E 21 5.73 -5.61 40.72
N SER E 22 4.41 -5.81 40.66
CA SER E 22 3.66 -6.55 41.68
C SER E 22 4.14 -7.99 41.93
N LEU E 23 4.84 -8.60 40.97
CA LEU E 23 5.36 -9.97 41.13
C LEU E 23 6.71 -10.03 41.83
N GLY E 24 7.33 -8.89 42.10
CA GLY E 24 8.61 -8.84 42.79
C GLY E 24 9.77 -8.69 41.82
N HIS E 25 10.83 -9.47 42.02
CA HIS E 25 12.02 -9.42 41.18
C HIS E 25 11.76 -10.16 39.87
N VAL E 26 11.68 -9.40 38.79
CA VAL E 26 11.43 -9.97 37.46
C VAL E 26 12.54 -9.54 36.51
N PRO E 27 13.66 -10.29 36.50
CA PRO E 27 14.77 -9.87 35.63
C PRO E 27 14.44 -10.04 34.15
N VAL E 28 14.70 -8.99 33.37
CA VAL E 28 14.53 -9.00 31.93
C VAL E 28 15.89 -9.33 31.32
N LEU E 29 15.99 -10.51 30.71
CA LEU E 29 17.22 -10.94 30.07
C LEU E 29 17.46 -10.28 28.72
N ASP E 30 16.39 -10.03 27.96
CA ASP E 30 16.53 -9.53 26.60
C ASP E 30 15.22 -8.96 26.05
N VAL E 31 15.33 -7.97 25.17
CA VAL E 31 14.22 -7.47 24.40
C VAL E 31 14.67 -7.50 22.95
N GLY E 32 13.91 -8.23 22.12
CA GLY E 32 14.21 -8.38 20.73
C GLY E 32 13.09 -7.87 19.87
N ARG E 33 13.37 -7.66 18.59
CA ARG E 33 12.39 -7.19 17.60
C ARG E 33 12.50 -8.02 16.36
N PHE E 34 11.38 -8.51 15.83
CA PHE E 34 11.40 -9.33 14.62
C PHE E 34 11.77 -8.50 13.41
N SER E 35 12.81 -8.91 12.69
CA SER E 35 13.36 -8.12 11.61
C SER E 35 13.66 -9.09 10.51
N SER E 36 12.80 -9.12 9.50
CA SER E 36 12.93 -9.99 8.33
C SER E 36 12.02 -9.50 7.22
N GLU E 37 12.19 -10.08 6.03
CA GLU E 37 11.34 -9.68 4.90
C GLU E 37 9.88 -10.05 5.12
N ILE E 38 9.65 -11.19 5.78
CA ILE E 38 8.30 -11.63 6.10
C ILE E 38 7.65 -10.74 7.15
N ALA E 39 8.39 -10.39 8.19
CA ALA E 39 7.89 -9.46 9.21
C ALA E 39 7.53 -8.11 8.60
N GLU E 40 8.34 -7.61 7.69
CA GLU E 40 8.03 -6.38 6.95
C GLU E 40 6.76 -6.50 6.11
N ALA E 41 6.62 -7.62 5.39
CA ALA E 41 5.41 -7.85 4.60
C ALA E 41 4.18 -8.00 5.50
N ARG E 42 4.35 -8.64 6.64
CA ARG E 42 3.27 -8.79 7.63
C ARG E 42 2.89 -7.47 8.29
N LEU E 43 3.85 -6.56 8.47
CA LEU E 43 3.58 -5.23 8.98
C LEU E 43 2.81 -4.41 7.95
N ALA E 44 3.21 -4.50 6.69
CA ALA E 44 2.50 -3.83 5.62
C ALA E 44 1.03 -4.31 5.53
N LEU E 45 0.81 -5.62 5.69
CA LEU E 45 -0.56 -6.17 5.72
C LEU E 45 -1.38 -5.58 6.87
N PHE E 46 -0.82 -5.63 8.06
CA PHE E 46 -1.41 -5.03 9.27
C PHE E 46 -1.75 -3.56 9.06
N GLN E 47 -0.82 -2.78 8.49
CA GLN E 47 -1.05 -1.33 8.26
C GLN E 47 -2.15 -1.05 7.23
N LYS E 48 -2.37 -1.98 6.30
CA LYS E 48 -3.52 -1.88 5.41
C LYS E 48 -4.83 -2.15 6.13
N GLN E 49 -4.84 -3.12 7.04
CA GLN E 49 -6.02 -3.37 7.87
C GLN E 49 -6.32 -2.18 8.77
N VAL E 50 -5.28 -1.47 9.23
CA VAL E 50 -5.44 -0.26 10.03
C VAL E 50 -6.21 0.80 9.21
N GLU E 51 -5.76 1.03 7.99
CA GLU E 51 -6.47 1.94 7.06
C GLU E 51 -7.93 1.55 6.84
N ILE E 52 -8.17 0.26 6.62
CA ILE E 52 -9.54 -0.24 6.40
C ILE E 52 -10.42 -0.03 7.62
N THR E 53 -9.92 -0.40 8.81
CA THR E 53 -10.71 -0.29 10.03
C THR E 53 -10.94 1.19 10.37
N LYS E 54 -9.96 2.05 10.12
CA LYS E 54 -10.13 3.48 10.30
C LYS E 54 -11.23 4.07 9.41
N LYS E 55 -11.20 3.74 8.13
CA LYS E 55 -12.23 4.15 7.18
C LYS E 55 -13.63 3.62 7.54
N HIS E 56 -13.68 2.40 8.05
CA HIS E 56 -14.94 1.76 8.42
C HIS E 56 -15.56 2.34 9.70
N ARG E 57 -14.75 2.57 10.74
CA ARG E 57 -15.23 2.99 12.06
C ARG E 57 -14.96 4.44 12.41
N GLY E 58 -14.05 5.10 11.70
CA GLY E 58 -13.55 6.42 12.13
C GLY E 58 -12.21 6.34 12.85
N ASP E 59 -11.99 5.27 13.60
CA ASP E 59 -10.79 5.09 14.44
C ASP E 59 -10.39 3.61 14.40
N ALA E 60 -9.12 3.32 14.05
CA ALA E 60 -8.62 1.94 14.09
C ALA E 60 -8.44 1.44 15.54
N ASN E 61 -8.11 2.36 16.45
CA ASN E 61 -7.95 2.07 17.85
C ASN E 61 -6.90 0.94 18.02
N VAL E 62 -5.68 1.26 17.59
CA VAL E 62 -4.55 0.39 17.68
C VAL E 62 -3.98 0.49 19.10
N ARG E 63 -3.78 -0.67 19.73
CA ARG E 63 -3.23 -0.75 21.09
C ARG E 63 -2.08 -1.72 21.17
N TYR E 64 -1.22 -1.52 22.15
CA TYR E 64 -0.21 -2.52 22.46
C TYR E 64 -0.82 -3.52 23.42
N ALA E 65 -0.45 -4.79 23.28
CA ALA E 65 -0.93 -5.83 24.18
C ALA E 65 0.09 -6.96 24.27
N TRP E 66 0.08 -7.70 25.36
CA TRP E 66 1.05 -8.75 25.62
C TRP E 66 0.43 -10.11 25.32
N LEU E 67 1.20 -10.94 24.59
CA LEU E 67 0.80 -12.29 24.24
C LEU E 67 1.78 -13.28 24.87
N PRO E 68 1.31 -14.14 25.79
CA PRO E 68 2.19 -15.19 26.30
C PRO E 68 2.63 -16.14 25.21
N ALA E 69 3.91 -16.47 25.21
CA ALA E 69 4.48 -17.35 24.19
C ALA E 69 5.36 -18.41 24.82
N LYS E 70 6.08 -19.14 23.99
CA LYS E 70 7.08 -20.10 24.45
C LYS E 70 8.15 -20.17 23.38
N ARG E 71 9.34 -20.62 23.75
CA ARG E 71 10.49 -20.69 22.82
C ARG E 71 10.12 -21.40 21.50
N GLU E 72 9.40 -22.52 21.60
CA GLU E 72 9.12 -23.38 20.45
C GLU E 72 8.28 -22.74 19.31
N VAL E 73 7.39 -21.79 19.63
CA VAL E 73 6.52 -21.16 18.62
C VAL E 73 7.09 -19.89 17.96
N LEU E 74 8.16 -19.32 18.53
CA LEU E 74 8.73 -18.06 18.04
C LEU E 74 9.16 -18.11 16.57
N SER E 75 9.91 -19.16 16.23
CA SER E 75 10.36 -19.40 14.86
C SER E 75 9.21 -19.37 13.83
N ALA E 76 8.11 -20.05 14.16
CA ALA E 76 6.97 -20.16 13.25
C ALA E 76 6.17 -18.86 13.06
N VAL E 77 6.05 -18.05 14.12
CA VAL E 77 4.99 -17.01 14.19
C VAL E 77 4.81 -16.05 13.04
N MET E 78 5.87 -15.64 12.35
CA MET E 78 5.76 -14.66 11.25
C MET E 78 5.24 -15.23 9.94
N MET E 79 5.76 -16.38 9.52
CA MET E 79 5.49 -16.91 8.18
C MET E 79 4.13 -17.58 8.03
N GLN E 80 3.77 -18.43 8.99
CA GLN E 80 2.51 -19.17 8.94
C GLN E 80 1.36 -18.53 9.73
N GLY E 81 1.64 -17.48 10.50
CA GLY E 81 0.63 -16.80 11.31
C GLY E 81 0.51 -17.18 12.79
N LEU E 82 -0.51 -16.62 13.42
CA LEU E 82 -0.79 -16.88 14.84
C LEU E 82 -1.53 -18.20 15.05
N GLY E 83 -2.06 -18.79 13.98
CA GLY E 83 -2.77 -20.06 14.09
C GLY E 83 -1.85 -21.24 14.05
N VAL E 84 -0.77 -21.23 14.83
CA VAL E 84 0.14 -22.37 14.87
C VAL E 84 -0.62 -23.55 15.48
N ALA E 87 -2.55 -23.17 18.66
CA ALA E 87 -1.43 -23.07 19.58
C ALA E 87 -1.27 -21.69 20.26
N PHE E 88 -1.96 -20.66 19.76
CA PHE E 88 -2.24 -19.43 20.54
C PHE E 88 -3.74 -19.24 20.82
N ILE E 89 -4.59 -20.12 20.26
CA ILE E 89 -6.02 -20.04 20.45
C ILE E 89 -6.36 -20.66 21.79
N ARG E 90 -7.14 -19.93 22.57
CA ARG E 90 -7.51 -20.34 23.92
C ARG E 90 -9.01 -20.22 24.16
N LYS E 91 -9.53 -21.09 25.00
CA LYS E 91 -10.91 -21.02 25.46
C LYS E 91 -10.93 -20.44 26.87
N SER E 92 -11.59 -19.31 27.08
CA SER E 92 -11.71 -18.69 28.43
C SER E 92 -13.18 -18.55 28.81
N ILE E 93 -13.44 -17.76 29.86
CA ILE E 93 -14.80 -17.43 30.28
C ILE E 93 -15.45 -16.45 29.28
N TYR E 94 -14.63 -15.68 28.58
CA TYR E 94 -15.09 -14.68 27.62
C TYR E 94 -15.33 -15.19 26.21
N GLY E 95 -14.93 -16.43 25.92
CA GLY E 95 -15.04 -16.97 24.56
C GLY E 95 -13.73 -17.51 24.00
N VAL E 96 -13.75 -17.83 22.71
CA VAL E 96 -12.62 -18.44 22.02
C VAL E 96 -12.04 -17.49 20.99
N GLY E 97 -10.75 -17.27 21.09
CA GLY E 97 -9.98 -16.43 20.15
C GLY E 97 -8.53 -16.41 20.57
N ILE E 98 -7.81 -15.33 20.27
CA ILE E 98 -6.49 -15.09 20.87
C ILE E 98 -6.70 -14.13 22.05
N HIS E 99 -6.21 -14.53 23.22
CA HIS E 99 -6.33 -13.72 24.45
C HIS E 99 -5.03 -12.98 24.67
N LEU E 100 -5.11 -11.66 24.78
CA LEU E 100 -3.95 -10.84 25.07
C LEU E 100 -4.21 -9.99 26.29
N THR E 101 -3.12 -9.59 26.94
CA THR E 101 -3.19 -8.80 28.13
C THR E 101 -2.91 -7.34 27.78
N ALA E 102 -3.64 -6.41 28.42
CA ALA E 102 -3.48 -5.00 28.14
C ALA E 102 -2.04 -4.53 28.50
N ALA E 103 -1.62 -3.44 27.83
CA ALA E 103 -0.25 -2.94 27.92
C ALA E 103 0.32 -2.73 29.34
N ASP E 104 -0.53 -2.29 30.27
CA ASP E 104 -0.07 -2.00 31.63
C ASP E 104 -0.27 -3.16 32.61
N CYS E 105 -0.70 -4.33 32.11
CA CYS E 105 -1.08 -5.48 32.94
C CYS E 105 -0.31 -6.78 32.70
N PRO E 106 0.94 -6.72 32.22
CA PRO E 106 1.60 -8.02 31.98
C PRO E 106 1.74 -8.95 33.22
N TYR E 107 1.69 -8.40 34.44
CA TYR E 107 1.64 -9.24 35.67
C TYR E 107 0.56 -10.32 35.63
N PHE E 108 -0.53 -10.01 34.93
CA PHE E 108 -1.70 -10.88 34.82
C PHE E 108 -1.41 -12.22 34.14
N SER E 109 -0.55 -12.21 33.12
CA SER E 109 -0.28 -13.41 32.33
C SER E 109 1.20 -13.85 32.28
N ALA E 110 2.06 -13.18 33.03
CA ALA E 110 3.49 -13.54 33.11
C ALA E 110 3.73 -14.99 33.51
N ARG E 111 3.00 -15.46 34.51
CA ARG E 111 3.11 -16.86 35.00
C ARG E 111 2.60 -17.89 34.01
N TYR E 112 1.81 -17.46 33.03
CA TYR E 112 1.27 -18.34 32.00
C TYR E 112 2.23 -18.45 30.77
N CYS E 113 3.37 -17.76 30.83
CA CYS E 113 4.47 -17.98 29.89
C CYS E 113 5.30 -19.19 30.31
N ASP E 114 5.28 -20.23 29.48
CA ASP E 114 6.02 -21.48 29.74
C ASP E 114 7.52 -21.29 29.90
N VAL E 115 8.05 -21.86 30.97
CA VAL E 115 9.48 -21.96 31.20
C VAL E 115 10.11 -22.94 30.19
N ASP E 116 11.25 -22.56 29.63
CA ASP E 116 12.08 -23.46 28.80
C ASP E 116 13.10 -24.21 29.67
N GLU E 117 14.01 -24.94 29.06
CA GLU E 117 14.96 -25.77 29.82
C GLU E 117 15.82 -24.99 30.84
N ASN E 118 16.02 -23.68 30.61
CA ASN E 118 16.85 -22.84 31.50
C ASN E 118 16.07 -21.97 32.51
N GLY E 119 14.76 -22.12 32.59
CA GLY E 119 13.92 -21.28 33.45
C GLY E 119 13.50 -19.94 32.83
N VAL E 120 13.73 -19.78 31.53
CA VAL E 120 13.49 -18.52 30.86
C VAL E 120 12.12 -18.55 30.20
N ARG E 121 11.43 -17.41 30.29
CA ARG E 121 10.06 -17.24 29.82
C ARG E 121 10.02 -16.18 28.73
N TYR E 122 8.96 -16.21 27.92
CA TYR E 122 8.87 -15.40 26.71
C TYR E 122 7.48 -14.79 26.58
N MET E 123 7.44 -13.47 26.44
CA MET E 123 6.21 -12.72 26.26
C MET E 123 6.37 -11.83 25.01
N VAL E 124 5.37 -11.82 24.13
CA VAL E 124 5.44 -11.04 22.90
C VAL E 124 4.62 -9.76 23.06
N LEU E 125 5.20 -8.61 22.72
CA LEU E 125 4.44 -7.36 22.64
C LEU E 125 3.88 -7.23 21.21
N CYS E 126 2.56 -7.07 21.11
CA CYS E 126 1.87 -6.95 19.83
C CYS E 126 1.17 -5.61 19.65
N ARG E 127 1.04 -5.19 18.41
CA ARG E 127 0.08 -4.15 18.02
C ARG E 127 -1.21 -4.88 17.71
N VAL E 128 -2.31 -4.39 18.28
CA VAL E 128 -3.63 -4.98 18.07
C VAL E 128 -4.58 -3.89 17.58
N ILE E 129 -5.29 -4.20 16.49
CA ILE E 129 -6.37 -3.35 16.01
C ILE E 129 -7.63 -3.76 16.75
N MET E 130 -7.99 -2.95 17.74
CA MET E 130 -9.16 -3.26 18.56
C MET E 130 -10.44 -2.71 17.95
N GLY E 131 -10.32 -1.65 17.14
CA GLY E 131 -11.48 -1.03 16.50
C GLY E 131 -12.54 -0.59 17.50
N ASN E 132 -13.80 -0.80 17.14
CA ASN E 132 -14.94 -0.61 18.05
C ASN E 132 -15.00 -1.79 19.02
N MET E 133 -14.60 -1.53 20.25
CA MET E 133 -14.47 -2.59 21.23
C MET E 133 -15.81 -3.05 21.78
N GLU E 134 -16.04 -4.37 21.80
CA GLU E 134 -17.19 -4.95 22.46
C GLU E 134 -16.85 -5.24 23.92
N LEU E 135 -17.67 -4.70 24.83
CA LEU E 135 -17.59 -5.06 26.24
C LEU E 135 -18.18 -6.47 26.35
N LEU E 136 -17.38 -7.44 26.77
CA LEU E 136 -17.83 -8.82 26.82
C LEU E 136 -18.62 -9.17 28.08
N ARG E 137 -19.77 -9.77 27.84
CA ARG E 137 -20.56 -10.50 28.83
C ARG E 137 -19.90 -11.91 28.87
N GLY E 138 -20.33 -12.81 29.73
CA GLY E 138 -19.51 -14.00 30.05
C GLY E 138 -19.84 -15.25 29.25
N ASP E 139 -20.16 -15.06 27.97
CA ASP E 139 -20.53 -16.15 27.08
C ASP E 139 -19.31 -17.01 26.69
N LYS E 140 -19.22 -18.21 27.27
CA LYS E 140 -18.15 -19.19 27.01
C LYS E 140 -18.11 -19.65 25.54
N ALA E 141 -19.26 -19.64 24.87
CA ALA E 141 -19.39 -20.08 23.48
C ALA E 141 -19.24 -18.99 22.41
N GLN E 142 -18.86 -17.75 22.78
CA GLN E 142 -18.66 -16.70 21.77
C GLN E 142 -17.33 -16.95 21.04
N PHE E 143 -17.36 -16.97 19.71
CA PHE E 143 -16.16 -17.09 18.88
C PHE E 143 -16.08 -16.01 17.79
N PHE E 144 -17.04 -15.09 17.79
CA PHE E 144 -17.02 -13.95 16.88
C PHE E 144 -17.73 -12.74 17.48
N SER E 145 -17.56 -11.61 16.80
CA SER E 145 -18.18 -10.35 17.19
C SER E 145 -19.65 -10.50 17.53
N GLY E 146 -20.04 -10.01 18.70
CA GLY E 146 -21.45 -9.93 19.09
C GLY E 146 -22.36 -9.12 18.17
N GLY E 147 -21.78 -8.25 17.35
CA GLY E 147 -22.49 -7.57 16.27
C GLY E 147 -21.58 -6.92 15.24
N GLU E 148 -22.17 -6.57 14.11
CA GLU E 148 -21.50 -5.87 13.00
C GLU E 148 -20.88 -4.53 13.38
N GLU E 149 -21.42 -3.88 14.41
CA GLU E 149 -20.88 -2.62 14.91
C GLU E 149 -19.55 -2.77 15.68
N TYR E 150 -19.26 -3.98 16.17
CA TYR E 150 -18.06 -4.27 16.97
C TYR E 150 -16.98 -5.07 16.21
N ASP E 151 -15.73 -4.84 16.57
CA ASP E 151 -14.59 -5.54 15.99
C ASP E 151 -14.08 -6.64 16.95
N ASN E 152 -13.24 -6.30 17.91
CA ASN E 152 -12.68 -7.28 18.87
C ASN E 152 -13.20 -6.98 20.28
N GLY E 153 -12.98 -7.92 21.22
CA GLY E 153 -13.63 -7.86 22.53
C GLY E 153 -12.72 -7.45 23.67
N VAL E 154 -13.32 -6.90 24.74
CA VAL E 154 -12.59 -6.47 25.94
C VAL E 154 -13.38 -6.73 27.21
N ASP E 155 -12.69 -6.97 28.33
CA ASP E 155 -13.37 -7.27 29.61
C ASP E 155 -13.87 -6.05 30.40
N ASP E 156 -13.19 -4.92 30.27
CA ASP E 156 -13.54 -3.67 30.94
C ASP E 156 -13.18 -2.53 29.99
N ILE E 157 -14.11 -1.63 29.71
CA ILE E 157 -13.89 -0.54 28.74
C ILE E 157 -12.92 0.54 29.25
N GLU E 158 -12.99 0.83 30.55
CA GLU E 158 -12.29 1.93 31.16
C GLU E 158 -10.86 1.57 31.55
N SER E 159 -10.72 0.45 32.28
CA SER E 159 -9.42 -0.14 32.63
C SER E 159 -9.32 -1.57 32.07
N PRO E 160 -9.02 -1.69 30.77
CA PRO E 160 -8.89 -3.02 30.17
C PRO E 160 -7.79 -3.86 30.82
N LYS E 161 -8.09 -5.14 31.05
CA LYS E 161 -7.10 -6.12 31.42
C LYS E 161 -6.88 -7.19 30.36
N ASN E 162 -7.93 -7.59 29.63
CA ASN E 162 -7.84 -8.66 28.66
C ASN E 162 -8.53 -8.23 27.36
N TYR E 163 -7.86 -8.51 26.24
CA TYR E 163 -8.45 -8.37 24.93
C TYR E 163 -8.65 -9.75 24.33
N ILE E 164 -9.74 -9.92 23.59
CA ILE E 164 -10.02 -11.15 22.85
C ILE E 164 -10.08 -10.72 21.40
N VAL E 165 -9.18 -11.27 20.57
CA VAL E 165 -9.22 -11.08 19.13
C VAL E 165 -9.80 -12.36 18.55
N TRP E 166 -10.89 -12.22 17.78
CA TRP E 166 -11.61 -13.41 17.24
C TRP E 166 -10.75 -14.13 16.19
N ASN E 167 -10.95 -15.43 16.04
CA ASN E 167 -10.13 -16.24 15.13
C ASN E 167 -10.03 -15.67 13.72
N ILE E 168 -11.16 -15.21 13.19
CA ILE E 168 -11.20 -14.58 11.86
C ILE E 168 -10.25 -13.39 11.72
N ASN E 169 -9.99 -12.69 12.82
CA ASN E 169 -9.17 -11.48 12.80
C ASN E 169 -7.70 -11.72 13.18
N MET E 170 -7.30 -12.95 13.49
CA MET E 170 -6.00 -13.15 14.14
C MET E 170 -4.82 -12.74 13.25
N ASN E 171 -4.95 -12.94 11.95
CA ASN E 171 -3.87 -12.61 11.01
C ASN E 171 -3.92 -11.20 10.46
N THR E 172 -5.08 -10.54 10.52
CA THR E 172 -5.25 -9.16 10.06
C THR E 172 -5.05 -8.13 11.16
N HIS E 173 -5.42 -8.47 12.40
CA HIS E 173 -5.59 -7.48 13.47
C HIS E 173 -4.50 -7.58 14.56
N ILE E 174 -3.49 -8.46 14.39
CA ILE E 174 -2.40 -8.58 15.37
C ILE E 174 -1.05 -8.57 14.66
N PHE E 175 -0.16 -7.66 15.05
CA PHE E 175 1.21 -7.71 14.59
C PHE E 175 2.15 -7.94 15.78
N PRO E 176 2.75 -9.15 15.89
CA PRO E 176 3.78 -9.42 16.90
C PRO E 176 5.03 -8.67 16.60
N GLU E 177 5.49 -7.82 17.51
CA GLU E 177 6.59 -6.94 17.22
C GLU E 177 7.84 -7.15 18.04
N PHE E 178 7.68 -7.40 19.34
CA PHE E 178 8.81 -7.55 20.26
C PHE E 178 8.71 -8.82 21.09
N VAL E 179 9.85 -9.44 21.39
CA VAL E 179 9.92 -10.55 22.34
C VAL E 179 10.71 -10.11 23.57
N VAL E 180 10.11 -10.32 24.74
CA VAL E 180 10.76 -10.04 26.02
C VAL E 180 11.08 -11.37 26.67
N ARG E 181 12.37 -11.61 26.93
CA ARG E 181 12.84 -12.79 27.66
C ARG E 181 13.03 -12.43 29.11
N PHE E 182 12.46 -13.24 30.01
CA PHE E 182 12.49 -12.95 31.45
C PHE E 182 12.46 -14.19 32.35
N LYS E 183 12.62 -13.97 33.65
CA LYS E 183 12.43 -15.00 34.69
C LYS E 183 11.54 -14.54 35.83
N LEU E 184 10.99 -15.50 36.58
CA LEU E 184 10.24 -15.27 37.84
C LEU E 184 10.75 -16.16 38.96
N SER E 185 10.40 -15.84 40.21
CA SER E 185 10.77 -16.63 41.40
C SER E 185 9.73 -17.70 41.75
N LEU F 7 43.51 0.48 40.20
CA LEU F 7 44.41 0.54 41.41
C LEU F 7 45.68 1.24 40.99
N ASP F 8 46.40 1.82 41.93
CA ASP F 8 47.74 2.32 41.61
C ASP F 8 48.78 1.22 41.86
N LYS F 9 50.00 1.46 41.43
CA LYS F 9 51.06 0.48 41.50
C LYS F 9 51.42 0.09 42.93
N ASP F 10 51.42 1.06 43.85
CA ASP F 10 51.68 0.80 45.28
C ASP F 10 50.68 -0.16 45.92
N ALA F 11 49.40 -0.03 45.59
CA ALA F 11 48.36 -0.93 46.12
C ALA F 11 48.57 -2.36 45.63
N VAL F 12 49.00 -2.51 44.38
CA VAL F 12 49.23 -3.82 43.78
C VAL F 12 50.40 -4.46 44.49
N LYS F 13 51.48 -3.68 44.66
CA LYS F 13 52.67 -4.11 45.42
C LYS F 13 52.30 -4.59 46.82
N LYS F 14 51.48 -3.81 47.50
CA LYS F 14 51.01 -4.16 48.85
C LYS F 14 50.16 -5.43 48.87
N MET F 15 49.22 -5.55 47.94
CA MET F 15 48.45 -6.80 47.74
C MET F 15 49.36 -8.02 47.60
N PHE F 16 50.41 -7.89 46.78
CA PHE F 16 51.34 -8.99 46.55
C PHE F 16 52.20 -9.31 47.78
N ALA F 17 52.63 -8.26 48.49
CA ALA F 17 53.47 -8.42 49.69
C ALA F 17 52.71 -9.10 50.84
N VAL F 18 51.50 -8.63 51.14
CA VAL F 18 50.68 -9.23 52.20
C VAL F 18 50.31 -10.66 51.80
N GLY F 19 49.95 -10.86 50.52
CA GLY F 19 49.52 -12.14 50.03
C GLY F 19 50.61 -13.21 49.87
N THR F 20 51.89 -12.83 49.91
CA THR F 20 53.00 -13.80 49.83
C THR F 20 53.83 -13.87 51.14
N ALA F 21 53.33 -13.24 52.21
CA ALA F 21 54.06 -13.18 53.49
C ALA F 21 54.47 -14.54 54.05
N SER F 22 53.59 -15.54 53.92
CA SER F 22 53.87 -16.91 54.38
C SER F 22 55.12 -17.56 53.76
N LEU F 23 55.57 -17.08 52.61
CA LEU F 23 56.76 -17.63 51.94
C LEU F 23 58.08 -17.02 52.43
N GLY F 24 58.00 -16.00 53.27
CA GLY F 24 59.21 -15.38 53.83
C GLY F 24 59.58 -14.11 53.12
N HIS F 25 60.87 -13.95 52.81
CA HIS F 25 61.35 -12.74 52.12
C HIS F 25 61.05 -12.85 50.63
N VAL F 26 60.11 -12.02 50.16
CA VAL F 26 59.70 -12.01 48.77
C VAL F 26 59.88 -10.61 48.21
N PRO F 27 61.10 -10.28 47.74
CA PRO F 27 61.29 -8.91 47.24
C PRO F 27 60.54 -8.67 45.94
N VAL F 28 59.82 -7.54 45.88
CA VAL F 28 59.14 -7.08 44.68
C VAL F 28 60.08 -6.10 43.98
N LEU F 29 60.58 -6.50 42.82
CA LEU F 29 61.48 -5.69 42.02
C LEU F 29 60.75 -4.59 41.25
N ASP F 30 59.53 -4.85 40.77
CA ASP F 30 58.85 -3.92 39.87
C ASP F 30 57.35 -4.25 39.77
N VAL F 31 56.55 -3.22 39.55
CA VAL F 31 55.14 -3.35 39.26
C VAL F 31 54.91 -2.52 38.00
N GLY F 32 54.41 -3.16 36.95
CA GLY F 32 54.27 -2.54 35.66
C GLY F 32 52.83 -2.62 35.19
N ARG F 33 52.45 -1.71 34.31
CA ARG F 33 51.14 -1.65 33.68
C ARG F 33 51.42 -1.17 32.26
N PHE F 34 50.81 -1.78 31.24
CA PHE F 34 50.80 -1.16 29.93
C PHE F 34 49.81 -0.01 29.93
N SER F 35 50.24 1.10 29.33
CA SER F 35 49.34 2.22 29.04
C SER F 35 49.41 2.55 27.55
N SER F 36 48.38 2.15 26.81
CA SER F 36 48.42 2.25 25.36
C SER F 36 47.04 2.21 24.77
N GLU F 37 46.94 2.51 23.49
CA GLU F 37 45.64 2.47 22.80
C GLU F 37 45.09 1.06 22.72
N ILE F 38 45.96 0.07 22.57
CA ILE F 38 45.54 -1.33 22.52
C ILE F 38 45.06 -1.80 23.89
N ALA F 39 45.79 -1.46 24.95
CA ALA F 39 45.37 -1.80 26.31
C ALA F 39 43.99 -1.20 26.64
N GLU F 40 43.78 0.06 26.22
CA GLU F 40 42.48 0.69 26.37
C GLU F 40 41.37 0.00 25.60
N ALA F 41 41.63 -0.37 24.35
CA ALA F 41 40.65 -1.09 23.53
C ALA F 41 40.37 -2.47 24.14
N ARG F 42 41.40 -3.13 24.66
CA ARG F 42 41.22 -4.42 25.31
C ARG F 42 40.41 -4.32 26.62
N LEU F 43 40.56 -3.21 27.34
CA LEU F 43 39.77 -2.95 28.54
C LEU F 43 38.31 -2.67 28.18
N ALA F 44 38.09 -1.91 27.13
CA ALA F 44 36.74 -1.68 26.62
C ALA F 44 36.05 -2.98 26.21
N LEU F 45 36.78 -3.90 25.58
CA LEU F 45 36.24 -5.23 25.21
C LEU F 45 35.80 -5.99 26.46
N PHE F 46 36.70 -6.07 27.44
CA PHE F 46 36.43 -6.70 28.72
C PHE F 46 35.17 -6.08 29.40
N GLN F 47 35.09 -4.75 29.41
CA GLN F 47 33.95 -4.04 30.01
C GLN F 47 32.62 -4.28 29.29
N LYS F 48 32.66 -4.58 28.00
CA LYS F 48 31.46 -5.01 27.29
C LYS F 48 31.03 -6.41 27.70
N GLN F 49 31.99 -7.31 27.90
CA GLN F 49 31.66 -8.63 28.40
C GLN F 49 31.07 -8.56 29.83
N VAL F 50 31.54 -7.59 30.63
CA VAL F 50 31.01 -7.35 31.97
C VAL F 50 29.52 -6.99 31.87
N GLU F 51 29.18 -6.04 31.00
CA GLU F 51 27.79 -5.69 30.74
C GLU F 51 26.93 -6.88 30.33
N ILE F 52 27.45 -7.70 29.40
CA ILE F 52 26.72 -8.87 28.92
C ILE F 52 26.48 -9.88 30.05
N THR F 53 27.52 -10.20 30.82
CA THR F 53 27.41 -11.20 31.89
C THR F 53 26.49 -10.67 33.01
N LYS F 54 26.55 -9.37 33.29
CA LYS F 54 25.67 -8.74 34.26
C LYS F 54 24.18 -8.85 33.86
N LYS F 55 23.88 -8.51 32.60
CA LYS F 55 22.54 -8.65 32.06
C LYS F 55 22.04 -10.10 32.06
N HIS F 56 22.94 -11.03 31.78
CA HIS F 56 22.60 -12.44 31.72
C HIS F 56 22.33 -13.07 33.13
N ARG F 57 23.19 -12.76 34.10
CA ARG F 57 23.15 -13.39 35.42
C ARG F 57 22.60 -12.51 36.54
N GLY F 58 22.54 -11.19 36.33
CA GLY F 58 22.26 -10.25 37.42
C GLY F 58 23.53 -9.60 37.98
N ASP F 59 24.63 -10.36 38.00
CA ASP F 59 25.90 -9.92 38.59
C ASP F 59 27.05 -10.47 37.74
N ALA F 60 27.94 -9.57 37.28
CA ALA F 60 29.15 -10.01 36.54
C ALA F 60 30.15 -10.73 37.46
N ASN F 61 30.20 -10.31 38.73
CA ASN F 61 31.07 -10.91 39.73
C ASN F 61 32.52 -10.84 39.25
N VAL F 62 32.97 -9.60 39.07
CA VAL F 62 34.31 -9.30 38.63
C VAL F 62 35.24 -9.33 39.84
N ARG F 63 36.33 -10.07 39.73
CA ARG F 63 37.30 -10.23 40.81
C ARG F 63 38.72 -10.00 40.33
N TYR F 64 39.62 -9.66 41.25
CA TYR F 64 41.02 -9.65 40.96
C TYR F 64 41.57 -11.05 41.18
N ALA F 65 42.52 -11.45 40.34
CA ALA F 65 43.15 -12.76 40.47
C ALA F 65 44.56 -12.71 39.91
N TRP F 66 45.42 -13.61 40.40
CA TRP F 66 46.81 -13.66 40.00
C TRP F 66 47.02 -14.77 39.03
N LEU F 67 47.72 -14.47 37.93
CA LEU F 67 48.00 -15.41 36.86
C LEU F 67 49.54 -15.61 36.78
N PRO F 68 50.03 -16.83 37.06
CA PRO F 68 51.45 -17.08 36.86
C PRO F 68 51.84 -16.91 35.39
N ALA F 69 52.95 -16.25 35.17
CA ALA F 69 53.46 -15.98 33.85
C ALA F 69 54.96 -16.31 33.79
N LYS F 70 55.56 -15.96 32.67
CA LYS F 70 56.99 -16.09 32.46
C LYS F 70 57.41 -14.97 31.52
N ARG F 71 58.68 -14.61 31.55
CA ARG F 71 59.20 -13.51 30.71
C ARG F 71 58.77 -13.59 29.26
N GLU F 72 58.83 -14.77 28.66
CA GLU F 72 58.55 -14.96 27.21
C GLU F 72 57.13 -14.57 26.74
N VAL F 73 56.11 -14.72 27.58
CA VAL F 73 54.71 -14.42 27.19
C VAL F 73 54.27 -12.95 27.46
N LEU F 74 55.02 -12.21 28.27
CA LEU F 74 54.64 -10.85 28.69
C LEU F 74 54.44 -9.90 27.52
N SER F 75 55.39 -9.88 26.60
CA SER F 75 55.30 -9.04 25.39
C SER F 75 53.99 -9.25 24.62
N ALA F 76 53.61 -10.52 24.42
CA ALA F 76 52.41 -10.86 23.65
C ALA F 76 51.08 -10.50 24.36
N VAL F 77 51.04 -10.67 25.67
CA VAL F 77 49.86 -10.38 26.49
C VAL F 77 49.69 -8.84 26.69
N MET F 78 50.70 -8.19 27.29
CA MET F 78 50.57 -6.80 27.71
C MET F 78 50.80 -5.80 26.55
N MET F 79 51.81 -6.02 25.72
CA MET F 79 52.22 -5.02 24.74
C MET F 79 51.36 -5.02 23.48
N GLN F 80 51.11 -6.20 22.94
CA GLN F 80 50.40 -6.35 21.66
C GLN F 80 48.93 -6.70 21.80
N GLY F 81 48.47 -6.97 23.05
CA GLY F 81 47.06 -7.22 23.32
C GLY F 81 46.52 -8.34 22.44
N LEU F 82 47.17 -9.51 22.48
CA LEU F 82 46.60 -10.74 21.94
C LEU F 82 45.55 -11.37 22.86
N GLY F 83 45.48 -10.89 24.11
CA GLY F 83 44.64 -11.51 25.12
C GLY F 83 45.40 -12.63 25.80
N VAL F 84 44.88 -13.07 26.94
CA VAL F 84 45.45 -14.20 27.66
C VAL F 84 45.36 -15.44 26.77
N GLY F 85 44.23 -15.56 26.06
CA GLY F 85 43.91 -16.77 25.30
C GLY F 85 44.94 -16.98 24.21
N GLY F 86 45.07 -16.00 23.32
CA GLY F 86 46.03 -16.05 22.24
C GLY F 86 47.48 -16.21 22.70
N ALA F 87 47.79 -15.67 23.87
CA ALA F 87 49.15 -15.70 24.39
C ALA F 87 49.47 -16.85 25.34
N PHE F 88 48.50 -17.65 25.79
CA PHE F 88 48.76 -18.81 26.66
C PHE F 88 48.44 -20.18 25.99
N ILE F 89 49.36 -20.55 25.10
CA ILE F 89 49.46 -21.89 24.51
C ILE F 89 49.96 -22.87 25.56
N GLY F 97 41.75 -25.10 30.49
CA GLY F 97 41.39 -24.00 31.35
C GLY F 97 42.62 -23.27 31.85
N ILE F 98 42.49 -21.97 32.12
CA ILE F 98 43.58 -21.20 32.71
C ILE F 98 43.30 -21.10 34.22
N HIS F 99 44.32 -21.44 35.01
CA HIS F 99 44.26 -21.42 36.47
C HIS F 99 44.79 -20.12 37.04
N LEU F 100 43.97 -19.44 37.83
CA LEU F 100 44.37 -18.22 38.53
C LEU F 100 44.17 -18.37 40.02
N THR F 101 44.91 -17.59 40.77
CA THR F 101 44.82 -17.59 42.23
C THR F 101 43.98 -16.39 42.67
N ALA F 102 43.18 -16.56 43.70
CA ALA F 102 42.42 -15.46 44.28
C ALA F 102 43.34 -14.34 44.79
N ALA F 103 42.78 -13.14 44.86
CA ALA F 103 43.49 -11.90 45.18
C ALA F 103 44.34 -11.95 46.46
N ASP F 104 43.87 -12.63 47.49
CA ASP F 104 44.59 -12.67 48.77
C ASP F 104 45.48 -13.90 48.92
N CYS F 105 45.61 -14.70 47.86
CA CYS F 105 46.32 -16.00 47.91
C CYS F 105 47.51 -16.17 46.96
N PRO F 106 48.20 -15.09 46.57
CA PRO F 106 49.29 -15.35 45.62
C PRO F 106 50.40 -16.32 46.12
N TYR F 107 50.56 -16.50 47.43
CA TYR F 107 51.47 -17.54 47.99
C TYR F 107 51.26 -18.93 47.38
N PHE F 108 50.02 -19.20 46.99
CA PHE F 108 49.59 -20.48 46.45
C PHE F 108 50.26 -20.85 45.13
N SER F 109 50.49 -19.87 44.26
CA SER F 109 51.06 -20.13 42.93
C SER F 109 52.37 -19.40 42.62
N ALA F 110 52.93 -18.67 43.59
CA ALA F 110 54.19 -17.94 43.41
C ALA F 110 55.34 -18.82 42.94
N ARG F 111 55.48 -20.00 43.52
CA ARG F 111 56.54 -20.95 43.14
C ARG F 111 56.36 -21.56 41.75
N TYR F 112 55.17 -21.45 41.20
CA TYR F 112 54.86 -21.95 39.85
C TYR F 112 55.09 -20.89 38.76
N CYS F 113 55.56 -19.70 39.16
CA CYS F 113 56.09 -18.69 38.22
C CYS F 113 57.53 -19.03 37.86
N ASP F 114 57.77 -19.36 36.60
CA ASP F 114 59.09 -19.72 36.09
C ASP F 114 60.15 -18.64 36.28
N VAL F 115 61.28 -19.03 36.83
CA VAL F 115 62.47 -18.19 36.90
C VAL F 115 63.05 -17.96 35.51
N ASP F 116 63.44 -16.72 35.21
CA ASP F 116 64.16 -16.37 33.97
C ASP F 116 65.67 -16.43 34.23
N GLU F 117 66.48 -16.00 33.26
CA GLU F 117 67.93 -16.12 33.36
C GLU F 117 68.54 -15.40 34.60
N ASN F 118 67.86 -14.39 35.15
CA ASN F 118 68.35 -13.62 36.30
C ASN F 118 67.74 -14.00 37.66
N GLY F 119 66.94 -15.06 37.73
CA GLY F 119 66.26 -15.45 38.97
C GLY F 119 64.94 -14.71 39.23
N VAL F 120 64.45 -13.98 38.23
CA VAL F 120 63.27 -13.14 38.40
C VAL F 120 62.05 -13.91 37.93
N ARG F 121 60.96 -13.72 38.67
CA ARG F 121 59.68 -14.37 38.42
C ARG F 121 58.63 -13.31 38.12
N TYR F 122 57.55 -13.75 37.47
CA TYR F 122 56.54 -12.84 36.94
C TYR F 122 55.15 -13.35 37.22
N MET F 123 54.34 -12.50 37.85
CA MET F 123 52.95 -12.79 38.14
C MET F 123 52.09 -11.63 37.62
N VAL F 124 51.00 -11.96 36.93
CA VAL F 124 50.12 -10.94 36.35
C VAL F 124 48.88 -10.78 37.21
N LEU F 125 48.53 -9.54 37.58
CA LEU F 125 47.25 -9.26 38.26
C LEU F 125 46.20 -8.99 37.20
N CYS F 126 45.11 -9.77 37.24
CA CYS F 126 44.04 -9.71 36.27
C CYS F 126 42.71 -9.32 36.90
N ARG F 127 41.85 -8.70 36.10
CA ARG F 127 40.43 -8.65 36.36
C ARG F 127 39.83 -9.88 35.72
N VAL F 128 39.00 -10.62 36.45
CA VAL F 128 38.35 -11.82 35.95
C VAL F 128 36.85 -11.70 36.15
N ILE F 129 36.09 -11.98 35.11
CA ILE F 129 34.64 -12.09 35.17
C ILE F 129 34.32 -13.53 35.55
N MET F 130 34.00 -13.73 36.82
CA MET F 130 33.71 -15.06 37.32
C MET F 130 32.26 -15.46 37.13
N GLY F 131 31.37 -14.46 37.06
CA GLY F 131 29.94 -14.71 36.86
C GLY F 131 29.34 -15.61 37.93
N ASN F 132 28.46 -16.52 37.50
CA ASN F 132 27.94 -17.59 38.34
C ASN F 132 28.95 -18.67 38.50
N MET F 133 29.59 -18.72 39.66
CA MET F 133 30.71 -19.63 39.88
C MET F 133 30.27 -21.07 40.06
N GLU F 134 30.91 -21.99 39.33
CA GLU F 134 30.73 -23.43 39.53
C GLU F 134 31.71 -23.92 40.59
N LEU F 135 31.20 -24.56 41.63
CA LEU F 135 32.02 -25.28 42.60
C LEU F 135 32.52 -26.52 41.91
N LEU F 136 33.84 -26.66 41.75
CA LEU F 136 34.44 -27.80 41.06
C LEU F 136 34.70 -28.88 42.10
N GLY F 146 30.55 -27.07 32.72
CA GLY F 146 29.74 -27.84 33.69
C GLY F 146 28.22 -27.75 33.50
N GLY F 147 27.77 -26.57 33.09
CA GLY F 147 26.32 -26.27 32.91
C GLY F 147 26.11 -24.85 32.39
N GLU F 148 25.04 -24.65 31.62
CA GLU F 148 24.65 -23.34 31.11
C GLU F 148 24.37 -22.28 32.17
N GLU F 149 24.00 -22.72 33.37
CA GLU F 149 23.78 -21.80 34.50
C GLU F 149 25.09 -21.23 35.09
N TYR F 150 26.22 -21.89 34.84
CA TYR F 150 27.54 -21.50 35.35
C TYR F 150 28.46 -20.86 34.30
N ASP F 151 29.33 -19.97 34.75
CA ASP F 151 30.30 -19.30 33.87
C ASP F 151 31.70 -19.93 34.05
N ASN F 152 32.46 -19.51 35.07
CA ASN F 152 33.81 -20.04 35.31
C ASN F 152 33.83 -20.82 36.64
N GLY F 153 34.90 -21.56 36.90
CA GLY F 153 34.97 -22.52 38.02
C GLY F 153 35.77 -22.06 39.22
N VAL F 154 35.47 -22.61 40.40
CA VAL F 154 36.16 -22.27 41.64
C VAL F 154 36.27 -23.48 42.57
N ASP F 155 37.32 -23.51 43.41
CA ASP F 155 37.50 -24.60 44.39
C ASP F 155 36.66 -24.49 45.68
N ASP F 156 36.35 -23.27 46.10
CA ASP F 156 35.51 -23.00 47.26
C ASP F 156 34.70 -21.74 46.95
N ILE F 157 33.38 -21.79 47.10
CA ILE F 157 32.50 -20.66 46.73
C ILE F 157 32.64 -19.46 47.69
N GLU F 158 32.81 -19.76 48.97
CA GLU F 158 32.79 -18.77 50.04
C GLU F 158 34.12 -18.08 50.23
N SER F 159 35.18 -18.88 50.38
CA SER F 159 36.57 -18.39 50.43
C SER F 159 37.40 -19.00 49.29
N PRO F 160 37.24 -18.43 48.06
CA PRO F 160 38.00 -18.94 46.92
C PRO F 160 39.51 -18.83 47.10
N LYS F 161 40.19 -19.90 46.69
CA LYS F 161 41.65 -19.89 46.53
C LYS F 161 42.10 -20.00 45.08
N ASN F 162 41.39 -20.75 44.25
CA ASN F 162 41.78 -21.00 42.86
C ASN F 162 40.58 -20.85 41.94
N TYR F 163 40.77 -20.17 40.83
CA TYR F 163 39.76 -20.02 39.80
C TYR F 163 40.23 -20.77 38.56
N ILE F 164 39.29 -21.35 37.83
CA ILE F 164 39.53 -21.92 36.50
C ILE F 164 38.68 -21.10 35.54
N VAL F 165 39.32 -20.45 34.58
CA VAL F 165 38.60 -19.83 33.47
C VAL F 165 38.72 -20.75 32.26
N TRP F 166 37.59 -21.17 31.70
CA TRP F 166 37.57 -22.13 30.59
C TRP F 166 38.17 -21.52 29.33
N ASN F 167 38.74 -22.36 28.47
CA ASN F 167 39.46 -21.89 27.29
C ASN F 167 38.65 -20.92 26.43
N ILE F 168 37.38 -21.26 26.22
CA ILE F 168 36.45 -20.42 25.45
C ILE F 168 36.34 -18.98 26.01
N ASN F 169 36.53 -18.82 27.31
CA ASN F 169 36.35 -17.53 27.97
C ASN F 169 37.66 -16.75 28.17
N MET F 170 38.80 -17.28 27.77
CA MET F 170 40.08 -16.69 28.17
C MET F 170 40.26 -15.27 27.63
N ASN F 171 39.77 -14.98 26.44
CA ASN F 171 39.92 -13.65 25.87
C ASN F 171 38.82 -12.65 26.19
N THR F 172 37.66 -13.15 26.61
CA THR F 172 36.52 -12.31 26.99
C THR F 172 36.48 -11.99 28.48
N HIS F 173 36.92 -12.93 29.31
CA HIS F 173 36.64 -12.90 30.75
C HIS F 173 37.87 -12.58 31.61
N ILE F 174 39.02 -12.28 30.99
CA ILE F 174 40.26 -11.94 31.71
C ILE F 174 40.89 -10.68 31.11
N PHE F 175 41.11 -9.67 31.95
CA PHE F 175 41.90 -8.52 31.53
C PHE F 175 43.20 -8.46 32.35
N PRO F 176 44.36 -8.76 31.71
CA PRO F 176 45.65 -8.63 32.39
C PRO F 176 45.97 -7.17 32.56
N GLU F 177 46.20 -6.74 33.79
CA GLU F 177 46.35 -5.33 34.04
C GLU F 177 47.74 -4.95 34.56
N PHE F 178 48.31 -5.72 35.48
CA PHE F 178 49.60 -5.42 36.07
C PHE F 178 50.53 -6.62 36.02
N VAL F 179 51.82 -6.36 35.86
CA VAL F 179 52.87 -7.37 35.99
C VAL F 179 53.72 -7.06 37.22
N VAL F 180 53.87 -8.06 38.09
CA VAL F 180 54.68 -7.95 39.30
C VAL F 180 55.92 -8.81 39.07
N ARG F 181 57.10 -8.17 39.12
CA ARG F 181 58.39 -8.86 39.05
C ARG F 181 58.89 -9.10 40.47
N PHE F 182 59.29 -10.33 40.77
CA PHE F 182 59.73 -10.71 42.10
C PHE F 182 60.76 -11.85 42.16
N LYS F 183 61.27 -12.12 43.36
CA LYS F 183 62.13 -13.29 43.61
C LYS F 183 61.68 -14.08 44.85
N LEU F 184 62.10 -15.34 44.91
CA LEU F 184 61.97 -16.20 46.11
C LEU F 184 63.29 -16.88 46.44
N SER F 185 63.41 -17.40 47.68
CA SER F 185 64.65 -18.04 48.16
C SER F 185 64.65 -19.56 47.93
N VAL G 6 18.64 4.58 -2.65
CA VAL G 6 19.35 5.73 -1.99
C VAL G 6 20.56 5.18 -1.19
N LEU G 7 21.80 5.37 -1.68
CA LEU G 7 22.99 5.13 -0.87
C LEU G 7 22.80 5.84 0.45
N ASP G 8 23.57 5.45 1.49
CA ASP G 8 23.58 6.25 2.70
C ASP G 8 24.67 7.33 2.60
N LYS G 9 24.64 8.24 3.57
CA LYS G 9 25.51 9.38 3.56
C LYS G 9 27.00 9.01 3.68
N ASP G 10 27.30 7.99 4.50
CA ASP G 10 28.66 7.48 4.65
C ASP G 10 29.28 6.96 3.37
N ALA G 11 28.50 6.24 2.55
CA ALA G 11 28.99 5.73 1.28
C ALA G 11 29.34 6.86 0.30
N VAL G 12 28.53 7.93 0.33
CA VAL G 12 28.73 9.07 -0.55
C VAL G 12 30.02 9.76 -0.14
N LYS G 13 30.16 9.97 1.18
CA LYS G 13 31.39 10.54 1.77
C LYS G 13 32.63 9.76 1.35
N LYS G 14 32.54 8.44 1.46
CA LYS G 14 33.63 7.54 1.06
C LYS G 14 33.95 7.63 -0.44
N MET G 15 32.92 7.61 -1.29
CA MET G 15 33.09 7.86 -2.73
C MET G 15 33.87 9.15 -3.02
N PHE G 16 33.50 10.23 -2.31
CA PHE G 16 34.14 11.51 -2.50
C PHE G 16 35.59 11.54 -1.99
N ALA G 17 35.83 10.89 -0.85
CA ALA G 17 37.16 10.82 -0.23
C ALA G 17 38.15 10.02 -1.08
N VAL G 18 37.77 8.84 -1.54
CA VAL G 18 38.62 8.01 -2.39
C VAL G 18 38.85 8.73 -3.72
N GLY G 19 37.79 9.32 -4.27
CA GLY G 19 37.85 9.98 -5.56
C GLY G 19 38.62 11.31 -5.60
N THR G 20 38.90 11.92 -4.45
CA THR G 20 39.67 13.17 -4.38
C THR G 20 41.03 12.99 -3.69
N ALA G 21 41.44 11.75 -3.45
CA ALA G 21 42.69 11.44 -2.73
C ALA G 21 43.94 12.08 -3.36
N SER G 22 44.00 12.09 -4.71
CA SER G 22 45.10 12.74 -5.44
C SER G 22 45.35 14.21 -5.12
N LEU G 23 44.35 14.92 -4.58
CA LEU G 23 44.49 16.34 -4.24
C LEU G 23 45.07 16.58 -2.84
N GLY G 24 45.23 15.51 -2.06
CA GLY G 24 45.73 15.63 -0.69
C GLY G 24 44.62 15.64 0.34
N HIS G 25 44.73 16.55 1.31
CA HIS G 25 43.75 16.65 2.39
C HIS G 25 42.51 17.40 1.89
N VAL G 26 41.42 16.66 1.77
CA VAL G 26 40.15 17.25 1.27
C VAL G 26 39.06 16.98 2.31
N PRO G 27 38.96 17.85 3.32
CA PRO G 27 37.96 17.59 4.37
C PRO G 27 36.53 17.72 3.87
N VAL G 28 35.71 16.72 4.19
CA VAL G 28 34.29 16.74 3.91
C VAL G 28 33.56 17.27 5.13
N LEU G 29 32.97 18.45 5.00
CA LEU G 29 32.22 19.07 6.07
C LEU G 29 30.83 18.49 6.27
N ASP G 30 30.17 18.08 5.19
CA ASP G 30 28.76 17.66 5.27
C ASP G 30 28.35 16.89 4.00
N VAL G 31 27.40 15.98 4.18
CA VAL G 31 26.76 15.27 3.10
C VAL G 31 25.27 15.39 3.35
N GLY G 32 24.56 15.95 2.39
CA GLY G 32 23.16 16.34 2.57
C GLY G 32 22.32 15.72 1.49
N ARG G 33 21.04 15.53 1.77
CA ARG G 33 20.05 15.06 0.80
C ARG G 33 18.76 15.81 1.25
N PHE G 34 18.03 16.35 0.29
CA PHE G 34 16.67 16.84 0.62
C PHE G 34 15.77 15.60 0.60
N SER G 35 14.88 15.55 1.57
CA SER G 35 13.87 14.50 1.65
C SER G 35 12.46 15.08 1.69
N SER G 36 11.75 14.98 0.56
CA SER G 36 10.47 15.70 0.43
C SER G 36 9.59 15.10 -0.60
N GLU G 37 8.35 15.56 -0.64
CA GLU G 37 7.38 15.06 -1.64
C GLU G 37 7.81 15.43 -3.05
N ILE G 38 8.41 16.61 -3.23
CA ILE G 38 8.89 17.05 -4.53
C ILE G 38 10.10 16.22 -4.98
N ALA G 39 11.04 15.97 -4.08
CA ALA G 39 12.19 15.14 -4.39
C ALA G 39 11.75 13.72 -4.81
N GLU G 40 10.77 13.17 -4.10
CA GLU G 40 10.20 11.89 -4.47
C GLU G 40 9.53 11.89 -5.85
N ALA G 41 8.75 12.93 -6.13
CA ALA G 41 8.11 13.07 -7.45
C ALA G 41 9.15 13.26 -8.54
N ARG G 42 10.22 13.99 -8.25
CA ARG G 42 11.31 14.18 -9.20
C ARG G 42 12.11 12.88 -9.46
N LEU G 43 12.23 12.04 -8.43
CA LEU G 43 12.85 10.72 -8.59
C LEU G 43 11.97 9.80 -9.44
N ALA G 44 10.67 9.83 -9.20
CA ALA G 44 9.72 9.08 -10.01
C ALA G 44 9.78 9.50 -11.49
N LEU G 45 9.90 10.80 -11.77
CA LEU G 45 10.05 11.32 -13.13
C LEU G 45 11.30 10.75 -13.79
N PHE G 46 12.44 10.86 -13.09
CA PHE G 46 13.71 10.31 -13.54
C PHE G 46 13.58 8.78 -13.84
N GLN G 47 12.96 8.04 -12.93
CA GLN G 47 12.78 6.59 -13.10
C GLN G 47 11.87 6.21 -14.28
N LYS G 48 10.96 7.09 -14.67
CA LYS G 48 10.20 6.89 -15.89
C LYS G 48 11.04 7.10 -17.13
N GLN G 49 11.93 8.10 -17.10
CA GLN G 49 12.86 8.30 -18.20
C GLN G 49 13.82 7.10 -18.34
N VAL G 50 14.19 6.49 -17.20
CA VAL G 50 15.01 5.28 -17.18
C VAL G 50 14.30 4.15 -17.95
N GLU G 51 13.03 3.91 -17.63
CA GLU G 51 12.23 2.93 -18.35
C GLU G 51 12.15 3.20 -19.85
N ILE G 52 11.93 4.45 -20.23
CA ILE G 52 11.86 4.84 -21.63
C ILE G 52 13.19 4.59 -22.36
N THR G 53 14.30 5.03 -21.77
CA THR G 53 15.61 4.90 -22.41
C THR G 53 16.01 3.41 -22.48
N LYS G 54 15.65 2.63 -21.47
CA LYS G 54 15.89 1.19 -21.47
C LYS G 54 15.15 0.48 -22.61
N LYS G 55 13.86 0.78 -22.75
CA LYS G 55 13.06 0.24 -23.85
C LYS G 55 13.57 0.67 -25.23
N HIS G 56 14.06 1.89 -25.33
CA HIS G 56 14.56 2.43 -26.59
C HIS G 56 15.93 1.82 -27.02
N ARG G 57 16.86 1.71 -26.07
CA ARG G 57 18.23 1.29 -26.34
C ARG G 57 18.59 -0.13 -25.93
N GLY G 58 17.78 -0.74 -25.05
CA GLY G 58 18.16 -2.00 -24.41
C GLY G 58 18.73 -1.82 -23.01
N ASP G 59 19.43 -0.70 -22.80
CA ASP G 59 20.10 -0.40 -21.53
C ASP G 59 20.01 1.11 -21.28
N ALA G 60 19.50 1.49 -20.10
CA ALA G 60 19.46 2.91 -19.70
C ALA G 60 20.86 3.47 -19.41
N ASN G 61 21.73 2.60 -18.89
CA ASN G 61 23.11 2.96 -18.61
C ASN G 61 23.13 4.14 -17.64
N VAL G 62 22.56 3.90 -16.48
CA VAL G 62 22.45 4.87 -15.41
C VAL G 62 23.77 4.84 -14.63
N ARG G 63 24.36 6.01 -14.44
CA ARG G 63 25.64 6.14 -13.73
C ARG G 63 25.55 7.21 -12.66
N TYR G 64 26.43 7.12 -11.66
CA TYR G 64 26.62 8.23 -10.75
C TYR G 64 27.63 9.20 -11.39
N ALA G 65 27.43 10.48 -11.14
CA ALA G 65 28.33 11.50 -11.65
C ALA G 65 28.30 12.71 -10.72
N TRP G 66 29.40 13.46 -10.74
CA TRP G 66 29.56 14.63 -9.87
C TRP G 66 29.35 15.88 -10.65
N LEU G 67 28.55 16.79 -10.11
CA LEU G 67 28.19 18.04 -10.76
C LEU G 67 28.71 19.19 -9.87
N PRO G 68 29.67 19.99 -10.38
CA PRO G 68 30.09 21.16 -9.62
C PRO G 68 28.92 22.14 -9.46
N ALA G 69 28.80 22.67 -8.24
CA ALA G 69 27.74 23.58 -7.87
C ALA G 69 28.36 24.74 -7.09
N LYS G 70 27.48 25.59 -6.58
CA LYS G 70 27.84 26.71 -5.75
C LYS G 70 26.68 26.95 -4.80
N ARG G 71 26.95 27.61 -3.67
CA ARG G 71 25.92 27.87 -2.66
C ARG G 71 24.62 28.43 -3.23
N GLU G 72 24.71 29.40 -4.14
CA GLU G 72 23.53 30.11 -4.68
C GLU G 72 22.48 29.23 -5.42
N VAL G 73 22.90 28.14 -6.07
CA VAL G 73 21.96 27.28 -6.82
C VAL G 73 21.32 26.12 -6.01
N LEU G 74 21.89 25.80 -4.85
CA LEU G 74 21.48 24.64 -4.05
C LEU G 74 20.01 24.61 -3.68
N SER G 75 19.52 25.74 -3.17
CA SER G 75 18.10 25.90 -2.81
C SER G 75 17.16 25.54 -3.98
N ALA G 76 17.47 26.04 -5.17
CA ALA G 76 16.62 25.81 -6.35
C ALA G 76 16.64 24.37 -6.89
N VAL G 77 17.79 23.72 -6.83
CA VAL G 77 17.98 22.34 -7.27
C VAL G 77 17.32 21.34 -6.25
N MET G 78 17.83 21.36 -5.02
CA MET G 78 17.49 20.34 -4.02
C MET G 78 16.14 20.61 -3.33
N MET G 79 15.87 21.84 -2.95
CA MET G 79 14.71 22.15 -2.08
C MET G 79 13.39 22.25 -2.85
N GLN G 80 13.44 22.98 -3.95
CA GLN G 80 12.23 23.28 -4.75
C GLN G 80 12.05 22.39 -5.97
N GLY G 81 13.03 21.55 -6.28
CA GLY G 81 12.93 20.61 -7.42
C GLY G 81 12.55 21.30 -8.70
N LEU G 82 13.35 22.30 -9.10
CA LEU G 82 13.27 22.87 -10.45
C LEU G 82 13.96 22.00 -11.50
N GLY G 83 14.73 21.00 -11.06
CA GLY G 83 15.56 20.20 -11.93
C GLY G 83 16.91 20.89 -12.10
N VAL G 84 17.88 20.14 -12.59
CA VAL G 84 19.18 20.70 -12.91
C VAL G 84 19.01 21.78 -13.99
N GLY G 85 18.13 21.49 -14.96
CA GLY G 85 17.94 22.33 -16.13
C GLY G 85 17.49 23.71 -15.75
N GLY G 86 16.35 23.78 -15.09
CA GLY G 86 15.79 25.05 -14.62
C GLY G 86 16.70 25.82 -13.69
N ALA G 87 17.51 25.10 -12.91
CA ALA G 87 18.37 25.72 -11.93
C ALA G 87 19.82 26.01 -12.40
N PHE G 88 20.26 25.52 -13.57
CA PHE G 88 21.60 25.82 -14.07
C PHE G 88 21.65 26.64 -15.36
N ILE G 89 20.51 26.83 -16.01
CA ILE G 89 20.42 27.81 -17.12
C ILE G 89 20.59 29.28 -16.68
N GLY G 97 25.35 22.38 -22.90
CA GLY G 97 25.45 21.13 -22.19
C GLY G 97 25.92 21.29 -20.77
N ILE G 98 25.52 20.39 -19.88
CA ILE G 98 26.01 20.40 -18.50
C ILE G 98 27.13 19.34 -18.42
N HIS G 99 28.26 19.76 -17.86
CA HIS G 99 29.44 18.92 -17.67
C HIS G 99 29.47 18.28 -16.29
N LEU G 100 29.55 16.96 -16.25
CA LEU G 100 29.69 16.21 -15.00
C LEU G 100 30.92 15.35 -15.05
N THR G 101 31.42 15.00 -13.88
CA THR G 101 32.58 14.13 -13.74
C THR G 101 32.10 12.72 -13.41
N ALA G 102 32.78 11.71 -13.93
CA ALA G 102 32.50 10.32 -13.56
C ALA G 102 32.66 10.06 -12.08
N ALA G 103 32.00 9.03 -11.60
CA ALA G 103 31.91 8.67 -10.16
C ALA G 103 33.24 8.55 -9.45
N ASP G 104 34.25 8.01 -10.13
CA ASP G 104 35.55 7.80 -9.48
C ASP G 104 36.55 8.93 -9.74
N CYS G 105 36.10 10.02 -10.38
CA CYS G 105 36.96 11.13 -10.81
C CYS G 105 36.66 12.50 -10.25
N PRO G 106 36.04 12.62 -9.05
CA PRO G 106 35.77 13.99 -8.61
C PRO G 106 37.00 14.92 -8.47
N TYR G 107 38.21 14.37 -8.31
CA TYR G 107 39.45 15.17 -8.35
C TYR G 107 39.55 16.11 -9.58
N PHE G 108 38.96 15.66 -10.67
CA PHE G 108 39.00 16.34 -11.96
C PHE G 108 38.31 17.70 -11.95
N SER G 109 37.20 17.83 -11.22
CA SER G 109 36.43 19.07 -11.21
C SER G 109 36.25 19.74 -9.84
N ALA G 110 36.89 19.19 -8.80
CA ALA G 110 36.81 19.75 -7.45
C ALA G 110 37.19 21.23 -7.36
N ARG G 111 38.29 21.60 -8.03
CA ARG G 111 38.77 23.00 -8.05
C ARG G 111 37.84 23.95 -8.81
N TYR G 112 36.96 23.41 -9.64
CA TYR G 112 36.00 24.21 -10.40
C TYR G 112 34.68 24.42 -9.65
N CYS G 113 34.59 23.91 -8.42
CA CYS G 113 33.51 24.25 -7.49
C CYS G 113 33.86 25.59 -6.81
N ASP G 114 33.04 26.60 -7.06
CA ASP G 114 33.24 27.94 -6.51
C ASP G 114 33.23 27.97 -4.97
N VAL G 115 34.23 28.62 -4.40
CA VAL G 115 34.26 28.92 -2.98
C VAL G 115 33.21 29.96 -2.62
N ASP G 116 32.47 29.74 -1.52
CA ASP G 116 31.53 30.72 -0.98
C ASP G 116 32.24 31.62 0.05
N GLU G 117 31.50 32.44 0.77
CA GLU G 117 32.08 33.40 1.70
C GLU G 117 32.96 32.77 2.80
N ASN G 118 32.75 31.49 3.14
CA ASN G 118 33.50 30.79 4.18
C ASN G 118 34.62 29.86 3.68
N GLY G 119 34.90 29.85 2.38
CA GLY G 119 35.87 28.91 1.80
C GLY G 119 35.34 27.51 1.51
N VAL G 120 34.01 27.35 1.56
CA VAL G 120 33.39 26.04 1.42
C VAL G 120 32.97 25.89 -0.05
N ARG G 121 33.12 24.66 -0.53
CA ARG G 121 32.80 24.28 -1.90
C ARG G 121 31.72 23.23 -1.90
N TYR G 122 31.04 23.10 -3.04
CA TYR G 122 29.84 22.27 -3.14
C TYR G 122 29.86 21.45 -4.41
N MET G 123 29.70 20.15 -4.25
CA MET G 123 29.62 19.21 -5.35
C MET G 123 28.36 18.35 -5.17
N VAL G 124 27.58 18.19 -6.24
CA VAL G 124 26.34 17.42 -6.20
C VAL G 124 26.58 16.04 -6.79
N LEU G 125 26.18 14.97 -6.07
CA LEU G 125 26.19 13.62 -6.64
C LEU G 125 24.86 13.37 -7.31
N CYS G 126 24.91 13.04 -8.61
CA CYS G 126 23.74 12.83 -9.43
C CYS G 126 23.66 11.41 -9.96
N ARG G 127 22.43 10.96 -10.22
CA ARG G 127 22.17 9.83 -11.10
C ARG G 127 22.04 10.42 -12.49
N VAL G 128 22.73 9.86 -13.47
CA VAL G 128 22.67 10.31 -14.85
C VAL G 128 22.33 9.14 -15.76
N ILE G 129 21.34 9.35 -16.62
CA ILE G 129 20.99 8.41 -17.68
C ILE G 129 21.87 8.73 -18.88
N MET G 130 22.92 7.94 -19.05
CA MET G 130 23.85 8.17 -20.16
C MET G 130 23.41 7.51 -21.45
N GLY G 131 22.62 6.45 -21.34
CA GLY G 131 22.13 5.71 -22.51
C GLY G 131 23.26 5.24 -23.42
N ASN G 132 23.04 5.34 -24.72
CA ASN G 132 24.07 5.10 -25.73
C ASN G 132 25.01 6.27 -25.80
N MET G 133 26.20 6.10 -25.24
CA MET G 133 27.15 7.20 -25.09
C MET G 133 27.84 7.56 -26.41
N GLU G 134 27.84 8.85 -26.75
CA GLU G 134 28.59 9.37 -27.87
C GLU G 134 30.01 9.72 -27.43
N LEU G 135 31.01 9.17 -28.11
CA LEU G 135 32.40 9.57 -27.94
C LEU G 135 32.55 10.94 -28.59
N LEU G 136 32.91 11.95 -27.79
CA LEU G 136 33.04 13.32 -28.30
C LEU G 136 34.49 13.46 -28.69
N GLU G 148 20.82 10.39 -33.71
CA GLU G 148 19.63 9.69 -33.19
C GLU G 148 19.98 8.40 -32.44
N GLU G 149 21.07 7.75 -32.82
CA GLU G 149 21.55 6.54 -32.14
C GLU G 149 22.17 6.82 -30.76
N TYR G 150 22.60 8.07 -30.51
CA TYR G 150 23.27 8.46 -29.26
C TYR G 150 22.37 9.31 -28.33
N ASP G 151 22.60 9.20 -27.02
CA ASP G 151 21.89 9.96 -26.02
C ASP G 151 22.74 11.13 -25.49
N ASN G 152 23.62 10.87 -24.52
CA ASN G 152 24.50 11.91 -23.96
C ASN G 152 25.97 11.62 -24.31
N GLY G 153 26.86 12.57 -24.07
CA GLY G 153 28.25 12.52 -24.57
C GLY G 153 29.30 12.17 -23.52
N VAL G 154 30.43 11.63 -23.96
CA VAL G 154 31.53 11.23 -23.08
C VAL G 154 32.89 11.43 -23.74
N ASP G 155 33.93 11.69 -22.94
CA ASP G 155 35.30 11.85 -23.45
C ASP G 155 36.04 10.53 -23.79
N ASP G 156 35.73 9.46 -23.07
CA ASP G 156 36.27 8.13 -23.30
C ASP G 156 35.18 7.12 -22.99
N ILE G 157 34.91 6.20 -23.93
CA ILE G 157 33.80 5.23 -23.76
C ILE G 157 34.10 4.16 -22.70
N GLU G 158 35.35 3.74 -22.63
CA GLU G 158 35.79 2.61 -21.81
C GLU G 158 36.06 3.01 -20.36
N SER G 159 36.87 4.05 -20.18
CA SER G 159 37.14 4.67 -18.86
C SER G 159 36.72 6.15 -18.87
N PRO G 160 35.39 6.41 -18.74
CA PRO G 160 34.92 7.79 -18.73
C PRO G 160 35.50 8.63 -17.60
N LYS G 161 35.86 9.86 -17.94
CA LYS G 161 36.19 10.89 -16.95
C LYS G 161 35.20 12.04 -16.91
N ASN G 162 34.64 12.42 -18.05
CA ASN G 162 33.73 13.58 -18.16
C ASN G 162 32.52 13.22 -19.00
N TYR G 163 31.34 13.59 -18.54
CA TYR G 163 30.10 13.41 -19.26
C TYR G 163 29.58 14.79 -19.65
N ILE G 164 28.94 14.88 -20.82
CA ILE G 164 28.17 16.03 -21.24
C ILE G 164 26.73 15.57 -21.36
N VAL G 165 25.84 16.17 -20.59
CA VAL G 165 24.40 15.96 -20.77
C VAL G 165 23.87 17.18 -21.53
N TRP G 166 23.23 16.95 -22.69
CA TRP G 166 22.74 18.05 -23.53
C TRP G 166 21.62 18.82 -22.85
N ASN G 167 21.49 20.10 -23.19
CA ASN G 167 20.50 20.96 -22.55
C ASN G 167 19.09 20.39 -22.52
N ILE G 168 18.67 19.85 -23.66
CA ILE G 168 17.36 19.22 -23.80
C ILE G 168 17.12 18.08 -22.79
N ASN G 169 18.19 17.42 -22.35
CA ASN G 169 18.09 16.26 -21.45
C ASN G 169 18.30 16.61 -19.98
N MET G 170 18.57 17.85 -19.64
CA MET G 170 19.04 18.17 -18.28
C MET G 170 18.00 17.85 -17.22
N ASN G 171 16.72 18.02 -17.52
CA ASN G 171 15.66 17.76 -16.55
C ASN G 171 15.13 16.33 -16.54
N THR G 172 15.33 15.60 -17.63
CA THR G 172 14.91 14.20 -17.73
C THR G 172 15.99 13.19 -17.32
N HIS G 173 17.24 13.53 -17.57
CA HIS G 173 18.34 12.55 -17.54
C HIS G 173 19.30 12.74 -16.35
N ILE G 174 19.00 13.69 -15.44
CA ILE G 174 19.83 13.94 -14.25
C ILE G 174 18.94 14.02 -13.01
N PHE G 175 19.23 13.21 -12.00
CA PHE G 175 18.60 13.35 -10.70
C PHE G 175 19.66 13.75 -9.66
N PRO G 176 19.62 15.02 -9.18
CA PRO G 176 20.54 15.45 -8.12
C PRO G 176 20.10 14.81 -6.82
N GLU G 177 21.00 14.09 -6.19
CA GLU G 177 20.60 13.30 -5.02
C GLU G 177 21.27 13.76 -3.74
N PHE G 178 22.59 14.03 -3.78
CA PHE G 178 23.32 14.44 -2.59
C PHE G 178 24.15 15.69 -2.85
N VAL G 179 24.32 16.51 -1.81
CA VAL G 179 25.27 17.64 -1.83
C VAL G 179 26.40 17.33 -0.84
N VAL G 180 27.64 17.45 -1.33
CA VAL G 180 28.83 17.25 -0.53
C VAL G 180 29.48 18.61 -0.35
N ARG G 181 29.60 19.04 0.91
CA ARG G 181 30.30 20.28 1.27
C ARG G 181 31.73 19.95 1.65
N PHE G 182 32.69 20.68 1.07
CA PHE G 182 34.10 20.40 1.30
C PHE G 182 35.02 21.62 1.19
N LYS G 183 36.30 21.42 1.53
CA LYS G 183 37.35 22.42 1.32
C LYS G 183 38.58 21.84 0.63
N LEU G 184 39.38 22.73 0.04
CA LEU G 184 40.72 22.42 -0.49
C LEU G 184 41.76 23.41 0.01
N SER G 185 43.04 23.06 -0.10
CA SER G 185 44.17 23.97 0.27
C SER G 185 44.63 24.91 -0.86
N VAL H 6 -8.79 -5.88 -12.85
CA VAL H 6 -10.30 -5.89 -12.78
C VAL H 6 -10.85 -6.33 -14.16
N LEU H 7 -11.36 -7.56 -14.30
CA LEU H 7 -12.18 -7.93 -15.46
C LEU H 7 -13.21 -6.88 -15.68
N ASP H 8 -13.80 -6.80 -16.87
CA ASP H 8 -14.96 -5.92 -17.03
C ASP H 8 -16.24 -6.72 -16.75
N LYS H 9 -17.35 -5.99 -16.66
CA LYS H 9 -18.61 -6.60 -16.28
C LYS H 9 -19.12 -7.63 -17.31
N ASP H 10 -18.92 -7.34 -18.60
CA ASP H 10 -19.28 -8.26 -19.69
C ASP H 10 -18.58 -9.61 -19.59
N ALA H 11 -17.29 -9.61 -19.26
CA ALA H 11 -16.54 -10.86 -19.12
C ALA H 11 -17.06 -11.71 -17.97
N VAL H 12 -17.47 -11.05 -16.88
CA VAL H 12 -17.99 -11.74 -15.71
C VAL H 12 -19.31 -12.39 -16.07
N LYS H 13 -20.17 -11.59 -16.73
CA LYS H 13 -21.45 -12.07 -17.27
C LYS H 13 -21.28 -13.31 -18.14
N LYS H 14 -20.32 -13.24 -19.06
CA LYS H 14 -20.00 -14.36 -19.97
C LYS H 14 -19.50 -15.58 -19.22
N MET H 15 -18.57 -15.39 -18.26
CA MET H 15 -18.14 -16.48 -17.37
C MET H 15 -19.31 -17.18 -16.68
N PHE H 16 -20.26 -16.40 -16.17
CA PHE H 16 -21.42 -16.95 -15.48
C PHE H 16 -22.38 -17.66 -16.43
N ALA H 17 -22.57 -17.10 -17.62
CA ALA H 17 -23.47 -17.68 -18.63
C ALA H 17 -22.97 -19.03 -19.16
N VAL H 18 -21.68 -19.09 -19.55
CA VAL H 18 -21.10 -20.34 -20.04
C VAL H 18 -21.07 -21.36 -18.90
N GLY H 19 -20.71 -20.91 -17.69
CA GLY H 19 -20.61 -21.78 -16.53
C GLY H 19 -21.91 -22.33 -15.95
N THR H 20 -23.05 -21.74 -16.30
CA THR H 20 -24.37 -22.22 -15.84
C THR H 20 -25.23 -22.79 -16.98
N ALA H 21 -24.64 -22.99 -18.16
CA ALA H 21 -25.38 -23.45 -19.35
C ALA H 21 -26.12 -24.77 -19.14
N SER H 22 -25.51 -25.71 -18.42
CA SER H 22 -26.14 -27.00 -18.10
C SER H 22 -27.47 -26.92 -17.36
N LEU H 23 -27.75 -25.80 -16.69
CA LEU H 23 -29.03 -25.62 -15.97
C LEU H 23 -30.17 -25.10 -16.84
N GLY H 24 -29.88 -24.73 -18.09
CA GLY H 24 -30.89 -24.22 -19.01
C GLY H 24 -30.89 -22.70 -19.08
N HIS H 25 -32.08 -22.11 -19.03
CA HIS H 25 -32.23 -20.66 -19.12
C HIS H 25 -31.91 -20.03 -17.77
N VAL H 26 -30.79 -19.31 -17.70
CA VAL H 26 -30.35 -18.67 -16.47
C VAL H 26 -30.15 -17.18 -16.76
N PRO H 27 -31.23 -16.38 -16.66
CA PRO H 27 -31.07 -14.96 -16.98
C PRO H 27 -30.22 -14.23 -15.94
N VAL H 28 -29.25 -13.45 -16.42
CA VAL H 28 -28.43 -12.59 -15.60
C VAL H 28 -29.06 -11.20 -15.60
N LEU H 29 -29.58 -10.79 -14.45
CA LEU H 29 -30.19 -9.49 -14.29
C LEU H 29 -29.19 -8.35 -14.16
N ASP H 30 -28.05 -8.59 -13.51
CA ASP H 30 -27.10 -7.50 -13.18
C ASP H 30 -25.74 -8.07 -12.81
N VAL H 31 -24.71 -7.29 -13.09
CA VAL H 31 -23.36 -7.57 -12.66
C VAL H 31 -22.86 -6.28 -12.03
N GLY H 32 -22.48 -6.35 -10.77
CA GLY H 32 -22.15 -5.15 -9.99
C GLY H 32 -20.77 -5.29 -9.41
N ARG H 33 -20.13 -4.14 -9.14
CA ARG H 33 -18.85 -4.07 -8.46
C ARG H 33 -18.98 -2.83 -7.56
N PHE H 34 -18.56 -2.91 -6.32
CA PHE H 34 -18.42 -1.66 -5.52
C PHE H 34 -17.09 -1.04 -5.95
N SER H 35 -17.11 0.27 -6.10
CA SER H 35 -15.92 1.04 -6.41
C SER H 35 -15.70 2.16 -5.40
N SER H 36 -14.75 1.95 -4.50
CA SER H 36 -14.62 2.85 -3.33
C SER H 36 -13.27 2.80 -2.73
N GLU H 37 -13.00 3.72 -1.82
CA GLU H 37 -11.69 3.76 -1.15
C GLU H 37 -11.48 2.54 -0.27
N ILE H 38 -12.55 2.04 0.35
CA ILE H 38 -12.47 0.84 1.17
C ILE H 38 -12.22 -0.41 0.32
N ALA H 39 -12.92 -0.53 -0.81
CA ALA H 39 -12.68 -1.64 -1.73
C ALA H 39 -11.23 -1.66 -2.23
N GLU H 40 -10.70 -0.47 -2.55
CA GLU H 40 -9.31 -0.36 -2.93
C GLU H 40 -8.34 -0.78 -1.83
N ALA H 41 -8.60 -0.32 -0.60
CA ALA H 41 -7.77 -0.71 0.55
C ALA H 41 -7.87 -2.21 0.82
N ARG H 42 -9.06 -2.78 0.65
CA ARG H 42 -9.26 -4.22 0.81
C ARG H 42 -8.54 -5.05 -0.29
N LEU H 43 -8.48 -4.50 -1.50
CA LEU H 43 -7.73 -5.13 -2.57
C LEU H 43 -6.21 -5.08 -2.31
N ALA H 44 -5.75 -3.94 -1.82
CA ALA H 44 -4.35 -3.82 -1.41
C ALA H 44 -3.98 -4.82 -0.31
N LEU H 45 -4.86 -5.03 0.66
CA LEU H 45 -4.66 -6.04 1.73
C LEU H 45 -4.52 -7.44 1.13
N PHE H 46 -5.47 -7.80 0.28
CA PHE H 46 -5.45 -9.07 -0.44
C PHE H 46 -4.13 -9.25 -1.23
N GLN H 47 -3.72 -8.22 -1.96
CA GLN H 47 -2.48 -8.26 -2.75
C GLN H 47 -1.20 -8.40 -1.91
N LYS H 48 -1.23 -7.92 -0.66
CA LYS H 48 -0.14 -8.19 0.27
C LYS H 48 -0.10 -9.63 0.72
N GLN H 49 -1.28 -10.22 0.95
CA GLN H 49 -1.34 -11.65 1.27
C GLN H 49 -0.84 -12.51 0.09
N VAL H 50 -1.09 -12.05 -1.14
CA VAL H 50 -0.61 -12.71 -2.35
C VAL H 50 0.93 -12.74 -2.34
N GLU H 51 1.55 -11.60 -2.09
CA GLU H 51 3.00 -11.52 -1.94
C GLU H 51 3.55 -12.46 -0.87
N ILE H 52 2.91 -12.48 0.29
CA ILE H 52 3.33 -13.35 1.39
C ILE H 52 3.23 -14.84 1.01
N THR H 53 2.09 -15.25 0.45
CA THR H 53 1.88 -16.65 0.10
C THR H 53 2.83 -17.07 -1.04
N LYS H 54 3.09 -16.15 -1.98
CA LYS H 54 4.06 -16.40 -3.05
C LYS H 54 5.47 -16.64 -2.52
N LYS H 55 5.93 -15.76 -1.63
CA LYS H 55 7.23 -15.92 -0.97
C LYS H 55 7.33 -17.20 -0.15
N HIS H 56 6.24 -17.59 0.51
CA HIS H 56 6.20 -18.77 1.35
C HIS H 56 6.20 -20.09 0.54
N ARG H 57 5.41 -20.15 -0.53
CA ARG H 57 5.21 -21.38 -1.31
C ARG H 57 5.91 -21.42 -2.66
N GLY H 58 6.31 -20.27 -3.18
CA GLY H 58 6.77 -20.16 -4.58
C GLY H 58 5.68 -19.64 -5.51
N ASP H 59 4.42 -19.99 -5.23
CA ASP H 59 3.27 -19.65 -6.08
C ASP H 59 2.07 -19.33 -5.16
N ALA H 60 1.47 -18.16 -5.35
CA ALA H 60 0.24 -17.79 -4.60
C ALA H 60 -0.97 -18.62 -5.06
N ASN H 61 -0.99 -18.96 -6.36
CA ASN H 61 -2.04 -19.76 -6.94
C ASN H 61 -3.40 -19.09 -6.71
N VAL H 62 -3.50 -17.89 -7.26
CA VAL H 62 -4.68 -17.06 -7.16
C VAL H 62 -5.65 -17.51 -8.24
N ARG H 63 -6.90 -17.77 -7.84
CA ARG H 63 -7.94 -18.24 -8.76
C ARG H 63 -9.20 -17.41 -8.62
N TYR H 64 -10.04 -17.40 -9.64
CA TYR H 64 -11.39 -16.89 -9.51
C TYR H 64 -12.26 -18.02 -8.98
N ALA H 65 -13.23 -17.66 -8.15
CA ALA H 65 -14.17 -18.63 -7.60
C ALA H 65 -15.50 -17.96 -7.28
N TRP H 66 -16.56 -18.75 -7.29
CA TRP H 66 -17.91 -18.24 -7.07
C TRP H 66 -18.34 -18.56 -5.67
N LEU H 67 -18.88 -17.56 -4.98
CA LEU H 67 -19.33 -17.69 -3.59
C LEU H 67 -20.85 -17.43 -3.55
N PRO H 68 -21.64 -18.46 -3.18
CA PRO H 68 -23.06 -18.21 -3.00
C PRO H 68 -23.32 -17.20 -1.87
N ALA H 69 -24.23 -16.29 -2.14
CA ALA H 69 -24.57 -15.22 -1.23
C ALA H 69 -26.09 -15.08 -1.16
N LYS H 70 -26.51 -14.07 -0.43
CA LYS H 70 -27.92 -13.74 -0.29
C LYS H 70 -28.02 -12.23 -0.13
N ARG H 71 -29.19 -11.69 -0.46
CA ARG H 71 -29.40 -10.22 -0.41
C ARG H 71 -28.91 -9.57 0.89
N GLU H 72 -29.22 -10.19 2.03
CA GLU H 72 -28.92 -9.59 3.35
C GLU H 72 -27.44 -9.34 3.67
N VAL H 73 -26.52 -10.15 3.13
CA VAL H 73 -25.08 -10.00 3.42
C VAL H 73 -24.30 -9.06 2.45
N LEU H 74 -24.90 -8.73 1.31
CA LEU H 74 -24.22 -7.96 0.26
C LEU H 74 -23.68 -6.61 0.72
N SER H 75 -24.52 -5.85 1.40
CA SER H 75 -24.14 -4.55 1.98
C SER H 75 -22.87 -4.64 2.84
N ALA H 76 -22.80 -5.63 3.72
CA ALA H 76 -21.68 -5.79 4.64
C ALA H 76 -20.36 -6.23 3.95
N VAL H 77 -20.46 -7.08 2.94
CA VAL H 77 -19.32 -7.58 2.18
C VAL H 77 -18.75 -6.44 1.22
N MET H 78 -19.60 -6.02 0.29
CA MET H 78 -19.18 -5.14 -0.80
C MET H 78 -19.07 -3.66 -0.39
N MET H 79 -20.04 -3.14 0.35
CA MET H 79 -20.12 -1.69 0.59
C MET H 79 -19.21 -1.24 1.73
N GLN H 80 -19.22 -1.96 2.84
CA GLN H 80 -18.50 -1.56 4.05
C GLN H 80 -17.15 -2.28 4.24
N GLY H 81 -16.85 -3.26 3.39
CA GLY H 81 -15.57 -3.97 3.44
C GLY H 81 -15.28 -4.51 4.83
N LEU H 82 -16.20 -5.33 5.35
CA LEU H 82 -15.94 -6.15 6.54
C LEU H 82 -15.12 -7.41 6.19
N GLY H 83 -14.99 -7.72 4.91
CA GLY H 83 -14.40 -8.97 4.48
C GLY H 83 -15.45 -10.06 4.41
N VAL H 84 -15.13 -11.14 3.73
CA VAL H 84 -16.01 -12.30 3.68
C VAL H 84 -16.20 -12.85 5.09
N GLY H 85 -15.10 -12.85 5.86
CA GLY H 85 -15.05 -13.48 7.17
C GLY H 85 -16.04 -12.82 8.12
N GLY H 86 -15.87 -11.51 8.33
CA GLY H 86 -16.74 -10.74 9.19
C GLY H 86 -18.21 -10.77 8.77
N ALA H 87 -18.44 -10.88 7.46
CA ALA H 87 -19.78 -10.85 6.92
C ALA H 87 -20.45 -12.22 6.70
N PHE H 88 -19.73 -13.34 6.82
CA PHE H 88 -20.35 -14.67 6.66
C PHE H 88 -20.34 -15.53 7.93
N ILE H 89 -19.58 -15.13 8.94
CA ILE H 89 -19.82 -15.70 10.29
C ILE H 89 -21.25 -15.42 10.92
N GLY H 97 -15.49 -23.49 7.53
CA GLY H 97 -14.88 -23.16 6.24
C GLY H 97 -15.90 -22.56 5.29
N ILE H 98 -15.45 -21.71 4.38
CA ILE H 98 -16.33 -21.14 3.36
C ILE H 98 -16.14 -21.95 2.08
N HIS H 99 -17.26 -22.38 1.52
CA HIS H 99 -17.27 -23.19 0.28
C HIS H 99 -17.49 -22.32 -0.95
N LEU H 100 -16.57 -22.40 -1.90
CA LEU H 100 -16.67 -21.71 -3.17
C LEU H 100 -16.61 -22.69 -4.33
N THR H 101 -17.14 -22.30 -5.46
CA THR H 101 -17.12 -23.07 -6.67
C THR H 101 -16.02 -22.57 -7.59
N ALA H 102 -15.36 -23.47 -8.29
CA ALA H 102 -14.38 -23.08 -9.32
C ALA H 102 -14.96 -22.20 -10.40
N ALA H 103 -14.13 -21.43 -11.05
CA ALA H 103 -14.51 -20.41 -12.06
C ALA H 103 -15.42 -20.92 -13.18
N ASP H 104 -15.17 -22.15 -13.64
CA ASP H 104 -15.96 -22.70 -14.76
C ASP H 104 -17.13 -23.57 -14.31
N CYS H 105 -17.39 -23.61 -12.99
CA CYS H 105 -18.38 -24.52 -12.38
C CYS H 105 -19.53 -23.87 -11.61
N PRO H 106 -19.91 -22.62 -11.91
CA PRO H 106 -20.98 -22.07 -11.06
C PRO H 106 -22.33 -22.86 -11.10
N TYR H 107 -22.58 -23.68 -12.13
CA TYR H 107 -23.74 -24.60 -12.14
C TYR H 107 -23.85 -25.46 -10.86
N PHE H 108 -22.70 -25.76 -10.28
CA PHE H 108 -22.60 -26.60 -9.10
C PHE H 108 -23.26 -26.03 -7.86
N SER H 109 -23.19 -24.72 -7.68
CA SER H 109 -23.75 -24.08 -6.46
C SER H 109 -24.83 -23.02 -6.72
N ALA H 110 -25.24 -22.83 -7.97
CA ALA H 110 -26.28 -21.85 -8.31
C ALA H 110 -27.59 -22.03 -7.52
N ARG H 111 -28.04 -23.28 -7.40
CA ARG H 111 -29.28 -23.58 -6.65
C ARG H 111 -29.17 -23.36 -5.14
N TYR H 112 -27.94 -23.27 -4.63
CA TYR H 112 -27.69 -23.02 -3.22
C TYR H 112 -27.58 -21.53 -2.89
N CYS H 113 -27.77 -20.67 -3.89
CA CYS H 113 -27.97 -19.22 -3.68
C CYS H 113 -29.44 -18.97 -3.32
N ASP H 114 -29.67 -18.49 -2.10
CA ASP H 114 -31.00 -18.22 -1.59
C ASP H 114 -31.77 -17.19 -2.43
N VAL H 115 -33.01 -17.56 -2.76
CA VAL H 115 -33.95 -16.63 -3.39
C VAL H 115 -34.38 -15.57 -2.38
N ASP H 116 -34.44 -14.31 -2.83
CA ASP H 116 -34.99 -13.21 -2.03
C ASP H 116 -36.48 -13.04 -2.33
N GLU H 117 -37.10 -11.98 -1.82
CA GLU H 117 -38.55 -11.79 -1.97
C GLU H 117 -39.03 -11.75 -3.44
N ASN H 118 -38.16 -11.38 -4.38
CA ASN H 118 -38.50 -11.24 -5.80
C ASN H 118 -38.10 -12.43 -6.70
N GLY H 119 -37.58 -13.51 -6.12
CA GLY H 119 -37.07 -14.64 -6.91
C GLY H 119 -35.65 -14.48 -7.41
N VAL H 120 -34.94 -13.47 -6.92
CA VAL H 120 -33.60 -13.15 -7.43
C VAL H 120 -32.57 -13.81 -6.52
N ARG H 121 -31.51 -14.31 -7.15
CA ARG H 121 -30.42 -14.99 -6.48
C ARG H 121 -29.13 -14.22 -6.70
N TYR H 122 -28.16 -14.47 -5.83
CA TYR H 122 -26.92 -13.68 -5.78
C TYR H 122 -25.71 -14.58 -5.62
N MET H 123 -24.76 -14.40 -6.52
CA MET H 123 -23.49 -15.11 -6.50
C MET H 123 -22.36 -14.08 -6.60
N VAL H 124 -21.35 -14.21 -5.75
CA VAL H 124 -20.20 -13.28 -5.71
C VAL H 124 -19.03 -13.92 -6.43
N LEU H 125 -18.41 -13.20 -7.37
CA LEU H 125 -17.15 -13.63 -7.97
C LEU H 125 -16.00 -13.10 -7.14
N CYS H 126 -15.15 -14.01 -6.67
CA CYS H 126 -14.04 -13.70 -5.78
C CYS H 126 -12.69 -14.04 -6.42
N ARG H 127 -11.66 -13.31 -6.00
CA ARG H 127 -10.28 -13.78 -6.12
C ARG H 127 -9.98 -14.58 -4.89
N VAL H 128 -9.42 -15.77 -5.03
CA VAL H 128 -9.07 -16.62 -3.92
C VAL H 128 -7.60 -17.03 -4.02
N ILE H 129 -6.88 -16.86 -2.93
CA ILE H 129 -5.51 -17.36 -2.79
C ILE H 129 -5.59 -18.80 -2.32
N MET H 130 -5.43 -19.73 -3.25
CA MET H 130 -5.52 -21.14 -2.92
C MET H 130 -4.20 -21.71 -2.42
N GLY H 131 -3.08 -21.09 -2.82
CA GLY H 131 -1.75 -21.54 -2.40
C GLY H 131 -1.49 -23.00 -2.76
N ASN H 132 -0.85 -23.71 -1.84
CA ASN H 132 -0.67 -25.15 -1.93
C ASN H 132 -1.94 -25.86 -1.55
N MET H 133 -2.64 -26.37 -2.55
CA MET H 133 -3.97 -26.94 -2.35
C MET H 133 -3.94 -28.31 -1.68
N GLU H 134 -4.73 -28.49 -0.63
CA GLU H 134 -4.95 -29.78 0.00
C GLU H 134 -6.08 -30.53 -0.69
N LEU H 135 -5.81 -31.74 -1.17
CA LEU H 135 -6.85 -32.64 -1.66
C LEU H 135 -7.61 -33.14 -0.44
N LEU H 136 -8.90 -32.84 -0.35
CA LEU H 136 -9.71 -33.21 0.82
C LEU H 136 -10.26 -34.61 0.72
N GLY H 147 -2.28 -29.75 7.15
CA GLY H 147 -0.88 -29.58 7.52
C GLY H 147 -0.33 -28.21 7.16
N GLU H 148 0.81 -27.88 7.76
CA GLU H 148 1.54 -26.64 7.51
C GLU H 148 2.01 -26.48 6.06
N GLU H 149 2.16 -27.58 5.33
CA GLU H 149 2.50 -27.52 3.90
C GLU H 149 1.35 -27.05 2.99
N TYR H 150 0.11 -27.15 3.49
CA TYR H 150 -1.10 -26.79 2.72
C TYR H 150 -1.74 -25.46 3.19
N ASP H 151 -2.38 -24.77 2.26
CA ASP H 151 -3.10 -23.52 2.55
C ASP H 151 -4.61 -23.77 2.62
N ASN H 152 -5.32 -23.79 1.48
CA ASN H 152 -6.77 -24.02 1.44
C ASN H 152 -7.07 -25.35 0.73
N GLY H 153 -8.30 -25.82 0.81
CA GLY H 153 -8.67 -27.20 0.39
C GLY H 153 -9.41 -27.27 -0.95
N VAL H 154 -9.35 -28.44 -1.58
CA VAL H 154 -10.00 -28.69 -2.87
C VAL H 154 -10.52 -30.14 -2.96
N ASP H 155 -11.56 -30.36 -3.76
CA ASP H 155 -12.07 -31.72 -4.02
C ASP H 155 -11.30 -32.53 -5.08
N ASP H 156 -10.70 -31.85 -6.05
CA ASP H 156 -9.90 -32.48 -7.10
C ASP H 156 -8.77 -31.52 -7.46
N ILE H 157 -7.52 -32.00 -7.44
CA ILE H 157 -6.35 -31.12 -7.68
C ILE H 157 -6.23 -30.65 -9.13
N GLU H 158 -6.58 -31.55 -10.06
CA GLU H 158 -6.34 -31.34 -11.48
C GLU H 158 -7.47 -30.54 -12.13
N SER H 159 -8.72 -30.97 -11.90
CA SER H 159 -9.93 -30.25 -12.34
C SER H 159 -10.80 -29.89 -11.13
N PRO H 160 -10.42 -28.82 -10.40
CA PRO H 160 -11.21 -28.42 -9.24
C PRO H 160 -12.65 -28.05 -9.57
N LYS H 161 -13.56 -28.51 -8.72
CA LYS H 161 -14.95 -28.05 -8.73
C LYS H 161 -15.33 -27.24 -7.50
N ASN H 162 -14.79 -27.57 -6.33
CA ASN H 162 -15.16 -26.94 -5.06
C ASN H 162 -13.91 -26.61 -4.28
N TYR H 163 -13.84 -25.41 -3.72
CA TYR H 163 -12.78 -24.97 -2.85
C TYR H 163 -13.35 -24.78 -1.45
N ILE H 164 -12.54 -25.08 -0.45
CA ILE H 164 -12.83 -24.76 0.94
C ILE H 164 -11.76 -23.80 1.38
N VAL H 165 -12.14 -22.59 1.79
CA VAL H 165 -11.22 -21.66 2.44
C VAL H 165 -11.50 -21.74 3.94
N TRP H 166 -10.48 -22.05 4.74
CA TRP H 166 -10.65 -22.21 6.20
C TRP H 166 -11.00 -20.88 6.86
N ASN H 167 -11.72 -20.95 7.98
CA ASN H 167 -12.20 -19.75 8.66
C ASN H 167 -11.13 -18.71 8.92
N ILE H 168 -9.97 -19.18 9.40
CA ILE H 168 -8.82 -18.32 9.67
C ILE H 168 -8.37 -17.51 8.45
N ASN H 169 -8.59 -18.03 7.25
CA ASN H 169 -8.14 -17.39 6.02
C ASN H 169 -9.20 -16.55 5.31
N MET H 170 -10.41 -16.48 5.84
CA MET H 170 -11.52 -15.90 5.07
C MET H 170 -11.30 -14.43 4.73
N ASN H 171 -10.67 -13.67 5.62
CA ASN H 171 -10.43 -12.25 5.37
C ASN H 171 -9.14 -11.91 4.67
N THR H 172 -8.17 -12.82 4.70
CA THR H 172 -6.88 -12.64 4.03
C THR H 172 -6.85 -13.20 2.60
N HIS H 173 -7.57 -14.29 2.37
CA HIS H 173 -7.39 -15.12 1.17
C HIS H 173 -8.55 -15.02 0.17
N ILE H 174 -9.54 -14.16 0.43
CA ILE H 174 -10.69 -13.97 -0.46
C ILE H 174 -10.92 -12.48 -0.69
N PHE H 175 -10.95 -12.05 -1.94
CA PHE H 175 -11.37 -10.70 -2.29
C PHE H 175 -12.68 -10.78 -3.11
N PRO H 176 -13.82 -10.38 -2.50
CA PRO H 176 -15.09 -10.34 -3.24
C PRO H 176 -15.04 -9.16 -4.21
N GLU H 177 -15.24 -9.44 -5.48
CA GLU H 177 -15.05 -8.40 -6.48
C GLU H 177 -16.33 -8.03 -7.22
N PHE H 178 -17.13 -9.02 -7.62
CA PHE H 178 -18.35 -8.79 -8.36
C PHE H 178 -19.54 -9.50 -7.76
N VAL H 179 -20.72 -8.91 -7.88
CA VAL H 179 -22.00 -9.57 -7.54
C VAL H 179 -22.80 -9.79 -8.83
N VAL H 180 -23.23 -11.02 -9.05
CA VAL H 180 -24.04 -11.41 -10.18
C VAL H 180 -25.43 -11.71 -9.66
N ARG H 181 -26.43 -10.95 -10.15
CA ARG H 181 -27.83 -11.19 -9.85
C ARG H 181 -28.46 -12.01 -10.94
N PHE H 182 -29.16 -13.08 -10.57
CA PHE H 182 -29.75 -14.00 -11.55
C PHE H 182 -31.03 -14.70 -11.07
N LYS H 183 -31.65 -15.45 -12.00
CA LYS H 183 -32.79 -16.34 -11.67
C LYS H 183 -32.60 -17.74 -12.26
N LEU H 184 -33.31 -18.69 -11.66
CA LEU H 184 -33.48 -20.06 -12.20
C LEU H 184 -34.98 -20.44 -12.17
N SER H 185 -35.34 -21.52 -12.86
CA SER H 185 -36.64 -22.20 -12.74
C SER H 185 -37.77 -21.59 -13.64
#